data_9N36
#
_entry.id   9N36
#
_cell.length_a   1.00
_cell.length_b   1.00
_cell.length_c   1.00
_cell.angle_alpha   90.00
_cell.angle_beta   90.00
_cell.angle_gamma   90.00
#
_symmetry.space_group_name_H-M   'P 1'
#
loop_
_entity.id
_entity.type
_entity.pdbx_description
1 polymer 'RNA-directed RNA polymerase L'
2 polymer Phosphoprotein
3 non-polymer "5-(5-bromo-1-methyl-2-oxo-1,2-dihydrospiro[indole-3,4'-piperidin]-1'-yl)-3-chloropyridine-2-carbonitrile"
#
loop_
_entity_poly.entity_id
_entity_poly.type
_entity_poly.pdbx_seq_one_letter_code
_entity_poly.pdbx_strand_id
1 'polypeptide(L)'
;MGSWSHPQFEKGSGSGSSWSHPQFEKGSGSLVPRGSMDPIINGNSANVYLTDSYLKGVISFSECNALGSYIFNGPYLKND
YTNLISRQNPLIEHMNLKKLNITQSLISKYHKGEIKLEEPTYFQSLLMTYKSMTSSEQIATTNLLKKIIRRAIEISDVKV
YAILNKLGLKEKDKIKSNNGQDEDNSVITTIIKDDILSAVKDNQSHLKADKNHSTKQKDTIKTTLLKKLMCSMQHPPSWL
IHWFNLYTKLNNILTQYRSNEVKNHGFTLIDNQTLSGFQFILNQYGCIVYHKELKRITVTTYNQFLTWKDISLSRLNVCL
ITWISNCLNTLNKSLGLRCGFNNVILTQLFLYGDCILKLFHNEGFYIIKEVEGFIMSLILNITEEDQFRKRFYNSMLNNI
TDAANKAQKNLLSRVCHTLLDKTVSDNIINGRWIILLSKFLKLIKLAGDNNLNNLSELYFLFRIFGHPMVDERQAMDAVK
INCNETKFYLLSSLSMLRGAFIYRIIKGFVNNYNRWPTLRNAIVLPLRWLTYYKLNTYPSLLELTERDLIVLSGLRFYRE
FRLPKKVDLEMIINDKAISPPKNLIWTSFPRNYMPSHIQNYIEHEKLKFSESDKSRRVLEYYLRDNKFNECDLYNCVVNQ
SYLNNPNHVVSLTGKERELSVGRMFAMQPGMFRQVQILAEKMIAENILQFFPESLTRYGDLELQKILELKAGISNKSNRY
NDNYNNYISKCSIITDLSKFNQAFRYETSCICSDVLDELHGVQSLFSWLHLTIPHVTIICTYRHAPPYIGDHIVDLNNVD
EQSGLYRYHMGGIEGWCQKLWTIEAISLLDLISLKGKFSITALINGDNQSIDISKPIRLMEGQTHAQADYLLALNSLKLL
YKEYAGIGHKLKGTETYISRDMQFMSKTIQHNGVYYPASIKKVLRVGPWINTILDDFKVSLESIGSLTQELEYRGESLLC
SLIFRNVWLYNQIALQLKNHALCNNKLYLDILKVLKHLKTFFNLDNIDTALTLYMNLPMLFGGGDPNLLYRSFYRRTPDF
LTEAIVHSVFILSYYTNHDLKDKLQDLSDDRLNKFLTCIITFDKNPNAEFVTLMRDPQALGSERQAKITSEINRLAVTEV
LSTAPNKIFSKSAQHYTTTEIDLNDIMQNIEPTYPHGLRVVYESLPFYKAEKIVNLISGTKSITNILEKTSAIDLTDIDR
ATEMMRKNITLLIRILPLDCNRDKREILSMENLSITELSKYVRERSWSLSNIVGVTSPSIMYTMDIKYTTSTISSGIIIE
KYNVNSLTRGERGPTKPWVGSSTQEKKTMPVYNRQVLTKKQRDQIDLLAKLDWVYASIDNKDEFMEELSIGTLGLTYEKA
KKLFPQYLSVNYLHRLTVSSRPCEFPASIPAYRTTNYHFDTSPINRILTEKYGDEDIDIVFQNCISFGLSLMSVVEQFTN
VCPNRIILIPKLNEIHLMKPPIFTGDVDIHKLKQVIQKQHMFLPDKISLTQYVELFLSNKTLKSGSHVNSNLILAHKISD
YFHNTYILSTNLAGHWILIIQLMKDSKGIFEKDWGEGYITDHMFINLKVFFNAYKTYLLCFHKGYGKAKLECDMNTSDLL
CVLELIDSSYWKSMSKVFLEQKVIKYILSQDASLHRVKGCHSFKLWFLKRLNVAEFTVCPWVVNIDYHPTHMKAILTYID
LVRMGLINIDRIHIKNKHKFNDEFYTSNLFYINYNFSDNTHLLTKHIRIANSELENNYNKLYHPTPETLENILANPIKSN
DKKTLNDYCIGKNVDSIMLPLLSNKKLIKSSAMIRTNYSKQDLYNLFPMVVIDRIIDHSGNTAKSNQLYTTTSHQISLVH
NSTSLYCMLPWHHINRFNFVFSSTGCKISIEYILKDLKIKDPNCIAFIGEGAGNLLLRTVVELHPDIRYIYRSLKDCNDH
SLPIEFLRLYNGHINIDYGENLTIPATDATNNIHWSYLHIKFAEPISLFVCDAELSVTVNWSKIIIEWSKHVRKCKYCSS
VNKCMLIVKYHAQDDIDFKLDNITILKTYVCLGSKLKGSEVYLVLTIGPANIFPVFNVVQNAKLILSRTKNFIMPKKADK
ESIDANIKSLIPFLCYPITKKGINTALSKLKSVVSGDILSYSIAGRNEVFSNKLINHKHMNILKWFNHVLNFRSTELNYN
HLYMVESTYPYLSELLNSLTTNELKKLIKITGSLLYNFHNE
;
A
2 'polypeptide(L)'
;MEKFAPEFHGEDANNRATKFLESIKGKFTSPKDPKKKDSIISVNSIDIEVTKESPITSNSTIINPTNETDDTAGNKPNYQ
RKPLVSFKEDPTPSDNPFSKLYKETIETFDNNEEESSYSYEEINDQTNDNITARLDRIDEKLSEILGMLHTLVVASAGPT
SARDGIRDAMVGLREEMIEKIRTEALMTNDRLEAMARLRNEESEKMAKDTSDEVSLNPTSEKLNNLLEGNDSDNDLSLED
FKGENLYFQGHHHHHH
;
B,C,D,E
#
# COMPACT_ATOMS: atom_id res chain seq x y z
N ASN A 47 29.45 1.20 -21.07
CA ASN A 47 28.25 0.68 -20.42
C ASN A 47 28.61 -0.38 -19.37
N VAL A 48 28.36 -0.03 -18.10
CA VAL A 48 28.70 -0.88 -16.96
C VAL A 48 27.45 -1.61 -16.51
N TYR A 49 27.65 -2.78 -15.92
CA TYR A 49 26.57 -3.61 -15.38
C TYR A 49 26.77 -3.77 -13.88
N LEU A 50 25.91 -3.14 -13.10
CA LEU A 50 25.93 -3.27 -11.64
C LEU A 50 24.82 -4.22 -11.22
N THR A 51 25.18 -5.28 -10.51
CA THR A 51 24.23 -6.30 -10.09
C THR A 51 23.79 -6.06 -8.66
N ASP A 52 22.78 -6.83 -8.25
CA ASP A 52 22.15 -6.62 -6.95
C ASP A 52 23.07 -7.02 -5.81
N SER A 53 22.91 -6.34 -4.68
CA SER A 53 23.56 -6.70 -3.44
C SER A 53 22.60 -7.31 -2.42
N TYR A 54 21.31 -7.04 -2.56
CA TYR A 54 20.27 -7.65 -1.74
C TYR A 54 19.21 -8.24 -2.67
N LEU A 55 18.42 -9.16 -2.14
CA LEU A 55 17.38 -9.80 -2.93
C LEU A 55 16.23 -8.81 -3.16
N LYS A 56 16.02 -8.43 -4.41
CA LYS A 56 14.88 -7.61 -4.83
C LYS A 56 14.25 -8.33 -6.01
N GLY A 57 13.36 -9.27 -5.72
CA GLY A 57 12.82 -10.13 -6.73
C GLY A 57 12.43 -11.46 -6.12
N VAL A 58 12.25 -12.46 -6.98
CA VAL A 58 11.84 -13.79 -6.57
C VAL A 58 12.89 -14.79 -7.03
N ILE A 59 13.00 -15.88 -6.28
CA ILE A 59 13.80 -17.03 -6.72
C ILE A 59 12.96 -17.84 -7.70
N SER A 60 13.53 -18.11 -8.86
CA SER A 60 12.80 -18.70 -9.97
C SER A 60 12.95 -20.21 -9.95
N PHE A 61 11.82 -20.92 -10.06
CA PHE A 61 11.82 -22.36 -10.16
C PHE A 61 12.27 -22.81 -11.54
N SER A 62 11.77 -22.14 -12.58
CA SER A 62 12.01 -22.56 -13.95
C SER A 62 13.45 -22.28 -14.38
N GLU A 63 14.03 -21.17 -13.91
CA GLU A 63 15.42 -20.86 -14.25
C GLU A 63 16.36 -21.91 -13.69
N CYS A 64 16.22 -22.24 -12.41
CA CYS A 64 17.06 -23.28 -11.80
C CYS A 64 16.81 -24.62 -12.47
N ASN A 65 15.55 -24.94 -12.78
CA ASN A 65 15.24 -26.19 -13.44
C ASN A 65 15.94 -26.29 -14.78
N ALA A 66 15.87 -25.22 -15.60
CA ALA A 66 16.48 -25.25 -16.92
C ALA A 66 17.99 -25.35 -16.84
N LEU A 67 18.60 -24.57 -15.94
CA LEU A 67 20.05 -24.62 -15.80
C LEU A 67 20.53 -26.00 -15.38
N GLY A 68 19.93 -26.55 -14.31
CA GLY A 68 20.34 -27.87 -13.87
C GLY A 68 20.04 -28.96 -14.87
N SER A 69 18.95 -28.83 -15.62
CA SER A 69 18.60 -29.84 -16.61
C SER A 69 19.57 -29.84 -17.77
N TYR A 70 20.02 -28.66 -18.20
CA TYR A 70 21.03 -28.61 -19.25
C TYR A 70 22.38 -29.11 -18.74
N ILE A 71 22.75 -28.75 -17.51
CA ILE A 71 24.07 -29.11 -17.01
C ILE A 71 24.17 -30.61 -16.76
N PHE A 72 23.20 -31.20 -16.07
CA PHE A 72 23.27 -32.60 -15.69
C PHE A 72 22.56 -33.52 -16.67
N ASN A 73 21.97 -33.00 -17.74
CA ASN A 73 21.44 -33.80 -18.83
C ASN A 73 20.29 -34.70 -18.37
N GLY A 74 19.29 -34.10 -17.74
CA GLY A 74 18.14 -34.82 -17.27
C GLY A 74 17.25 -33.94 -16.41
N PRO A 75 16.01 -34.37 -16.18
CA PRO A 75 15.07 -33.55 -15.38
C PRO A 75 15.60 -33.31 -13.98
N TYR A 76 15.88 -32.04 -13.68
CA TYR A 76 16.54 -31.71 -12.42
C TYR A 76 15.54 -31.61 -11.27
N LEU A 77 14.59 -30.67 -11.35
CA LEU A 77 13.63 -30.45 -10.28
C LEU A 77 12.25 -31.00 -10.61
N LYS A 78 11.80 -30.82 -11.84
CA LYS A 78 10.50 -31.31 -12.28
C LYS A 78 10.66 -31.93 -13.66
N ASN A 79 9.55 -32.38 -14.23
CA ASN A 79 9.55 -33.00 -15.54
C ASN A 79 8.76 -32.12 -16.50
N ASP A 80 8.99 -30.83 -16.40
CA ASP A 80 8.23 -29.81 -17.13
C ASP A 80 8.59 -29.84 -18.61
N TYR A 81 8.05 -28.88 -19.36
CA TYR A 81 8.56 -28.58 -20.69
C TYR A 81 9.83 -27.73 -20.63
N THR A 82 10.10 -27.10 -19.49
CA THR A 82 11.28 -26.25 -19.35
C THR A 82 12.57 -27.05 -19.53
N ASN A 83 12.63 -28.23 -18.92
CA ASN A 83 13.85 -29.04 -19.02
C ASN A 83 14.06 -29.56 -20.44
N LEU A 84 12.96 -29.89 -21.14
CA LEU A 84 13.07 -30.42 -22.49
C LEU A 84 13.64 -29.37 -23.45
N ILE A 85 13.08 -28.16 -23.42
CA ILE A 85 13.57 -27.10 -24.28
C ILE A 85 14.94 -26.61 -23.83
N SER A 86 15.24 -26.72 -22.53
CA SER A 86 16.55 -26.32 -22.04
C SER A 86 17.64 -27.25 -22.53
N ARG A 87 17.38 -28.55 -22.55
CA ARG A 87 18.36 -29.50 -23.07
C ARG A 87 18.39 -29.50 -24.59
N GLN A 88 17.27 -29.16 -25.24
CA GLN A 88 17.25 -29.12 -26.70
C GLN A 88 18.02 -27.92 -27.23
N ASN A 89 17.66 -26.72 -26.80
CA ASN A 89 18.23 -25.47 -27.29
C ASN A 89 18.62 -24.61 -26.10
N PRO A 90 19.82 -24.80 -25.54
CA PRO A 90 20.22 -24.05 -24.35
C PRO A 90 20.57 -22.60 -24.67
N LEU A 91 20.44 -21.75 -23.66
CA LEU A 91 20.85 -20.36 -23.78
C LEU A 91 22.38 -20.26 -23.83
N ILE A 92 22.85 -19.11 -24.28
CA ILE A 92 24.30 -18.94 -24.45
C ILE A 92 25.00 -18.79 -23.10
N GLU A 93 24.31 -18.26 -22.10
CA GLU A 93 24.93 -18.13 -20.78
C GLU A 93 25.03 -19.48 -20.08
N HIS A 94 24.02 -20.33 -20.25
CA HIS A 94 24.11 -21.69 -19.74
C HIS A 94 25.23 -22.46 -20.43
N MET A 95 25.34 -22.29 -21.75
CA MET A 95 26.45 -22.91 -22.49
C MET A 95 27.79 -22.41 -22.00
N ASN A 96 27.88 -21.13 -21.66
CA ASN A 96 29.13 -20.59 -21.13
C ASN A 96 29.47 -21.19 -19.77
N LEU A 97 28.46 -21.35 -18.92
CA LEU A 97 28.70 -21.93 -17.60
C LEU A 97 29.11 -23.40 -17.70
N LYS A 98 28.54 -24.13 -18.65
CA LYS A 98 28.82 -25.55 -18.76
C LYS A 98 30.17 -25.85 -19.42
N LYS A 99 30.71 -24.92 -20.20
CA LYS A 99 31.95 -25.17 -20.93
C LYS A 99 33.21 -24.81 -20.16
N LEU A 100 33.07 -24.35 -18.92
CA LEU A 100 34.24 -24.04 -18.10
C LEU A 100 35.05 -25.31 -17.82
N ASN A 101 36.26 -25.12 -17.30
CA ASN A 101 37.15 -26.25 -17.03
C ASN A 101 36.83 -26.96 -15.73
N ILE A 102 36.33 -26.25 -14.72
CA ILE A 102 35.95 -26.90 -13.48
C ILE A 102 34.59 -27.58 -13.60
N THR A 103 33.69 -27.00 -14.41
CA THR A 103 32.38 -27.61 -14.60
C THR A 103 32.48 -28.92 -15.36
N GLN A 104 33.34 -28.98 -16.38
CA GLN A 104 33.55 -30.24 -17.10
C GLN A 104 34.09 -31.32 -16.16
N SER A 105 35.02 -30.95 -15.29
CA SER A 105 35.56 -31.90 -14.31
C SER A 105 34.47 -32.42 -13.39
N LEU A 106 33.64 -31.52 -12.85
CA LEU A 106 32.58 -31.96 -11.94
C LEU A 106 31.54 -32.81 -12.66
N ILE A 107 31.23 -32.48 -13.92
CA ILE A 107 30.28 -33.30 -14.68
C ILE A 107 30.86 -34.70 -14.91
N SER A 108 32.15 -34.78 -15.23
CA SER A 108 32.79 -36.08 -15.40
C SER A 108 32.75 -36.88 -14.10
N LYS A 109 32.99 -36.22 -12.97
CA LYS A 109 32.88 -36.90 -11.68
C LYS A 109 31.47 -37.39 -11.43
N TYR A 110 30.46 -36.60 -11.84
CA TYR A 110 29.08 -36.97 -11.58
C TYR A 110 28.64 -38.15 -12.43
N HIS A 111 29.05 -38.18 -13.70
CA HIS A 111 28.66 -39.29 -14.56
C HIS A 111 29.34 -40.59 -14.20
N LYS A 112 30.40 -40.55 -13.41
CA LYS A 112 31.06 -41.76 -12.93
C LYS A 112 30.50 -42.26 -11.60
N GLY A 113 29.41 -41.66 -11.11
CA GLY A 113 28.81 -42.09 -9.87
C GLY A 113 29.62 -41.75 -8.63
N GLU A 114 30.48 -40.74 -8.70
CA GLU A 114 31.36 -40.40 -7.58
C GLU A 114 30.84 -39.24 -6.73
N ILE A 115 29.87 -38.47 -7.23
CA ILE A 115 29.25 -37.41 -6.45
C ILE A 115 27.74 -37.51 -6.65
N LYS A 116 26.99 -37.07 -5.64
CA LYS A 116 25.54 -37.18 -5.63
C LYS A 116 24.91 -35.80 -5.71
N LEU A 117 23.88 -35.69 -6.54
CA LEU A 117 23.21 -34.42 -6.80
C LEU A 117 22.12 -34.16 -5.75
N GLU A 118 21.98 -32.90 -5.35
CA GLU A 118 21.01 -32.52 -4.33
C GLU A 118 20.20 -31.30 -4.73
N GLU A 119 19.41 -30.78 -3.79
CA GLU A 119 18.53 -29.64 -3.96
C GLU A 119 19.00 -28.49 -3.06
N PRO A 120 18.78 -27.24 -3.46
CA PRO A 120 19.36 -26.10 -2.71
C PRO A 120 19.07 -26.09 -1.21
N THR A 121 17.96 -26.64 -0.73
CA THR A 121 17.71 -26.63 0.70
C THR A 121 18.72 -27.48 1.47
N TYR A 122 19.23 -28.54 0.84
CA TYR A 122 20.28 -29.35 1.43
C TYR A 122 21.53 -28.52 1.68
N PHE A 123 21.94 -27.72 0.69
CA PHE A 123 23.11 -26.88 0.86
C PHE A 123 22.85 -25.67 1.72
N GLN A 124 21.61 -25.21 1.83
CA GLN A 124 21.29 -24.19 2.83
C GLN A 124 21.51 -24.73 4.24
N SER A 125 21.05 -25.95 4.49
CA SER A 125 21.28 -26.58 5.79
C SER A 125 22.77 -26.82 6.02
N LEU A 126 23.51 -27.16 4.97
CA LEU A 126 24.95 -27.34 5.11
C LEU A 126 25.66 -26.03 5.44
N LEU A 127 25.29 -24.95 4.74
CA LEU A 127 25.95 -23.66 4.91
C LEU A 127 25.65 -23.08 6.29
N MET A 128 24.40 -23.17 6.75
CA MET A 128 24.07 -22.53 8.02
C MET A 128 24.64 -23.25 9.23
N THR A 129 25.27 -24.40 9.05
CA THR A 129 25.96 -25.09 10.13
C THR A 129 27.47 -25.11 9.94
N TYR A 130 27.98 -24.40 8.93
CA TYR A 130 29.42 -24.35 8.67
C TYR A 130 30.16 -23.88 9.91
N LYS A 131 30.98 -24.75 10.48
CA LYS A 131 31.79 -24.39 11.63
C LYS A 131 33.21 -24.93 11.46
N SER A 132 33.72 -24.90 10.23
CA SER A 132 35.13 -25.20 10.04
C SER A 132 35.94 -23.93 10.23
N MET A 133 35.64 -23.20 11.29
CA MET A 133 36.33 -21.96 11.64
C MET A 133 37.29 -22.17 12.81
N THR A 134 38.27 -23.04 12.61
CA THR A 134 39.26 -23.38 13.64
C THR A 134 40.66 -23.22 13.05
N SER A 135 41.17 -22.00 13.08
CA SER A 135 42.49 -21.67 12.55
C SER A 135 42.92 -20.35 13.19
N SER A 136 43.92 -19.71 12.61
CA SER A 136 44.18 -18.30 12.90
C SER A 136 43.08 -17.39 12.33
N GLU A 137 42.03 -18.00 11.79
CA GLU A 137 40.80 -17.34 11.38
C GLU A 137 39.83 -17.12 12.53
N GLN A 138 39.95 -17.90 13.61
CA GLN A 138 39.12 -17.74 14.80
C GLN A 138 39.52 -16.52 15.63
N ILE A 139 40.77 -16.07 15.53
CA ILE A 139 41.23 -14.92 16.29
C ILE A 139 40.90 -13.62 15.56
N ALA A 140 41.02 -13.62 14.22
CA ALA A 140 40.77 -12.41 13.45
C ALA A 140 39.32 -11.99 13.54
N THR A 141 38.39 -12.94 13.41
CA THR A 141 36.97 -12.61 13.50
C THR A 141 36.61 -12.08 14.88
N THR A 142 37.12 -12.71 15.94
CA THR A 142 36.82 -12.27 17.29
C THR A 142 37.38 -10.86 17.53
N ASN A 143 38.59 -10.59 17.05
CA ASN A 143 39.18 -9.28 17.26
C ASN A 143 38.44 -8.20 16.47
N LEU A 144 38.00 -8.54 15.25
CA LEU A 144 37.22 -7.60 14.46
C LEU A 144 35.90 -7.27 15.14
N LEU A 145 35.20 -8.28 15.66
CA LEU A 145 33.94 -8.04 16.34
C LEU A 145 34.14 -7.22 17.62
N LYS A 146 35.19 -7.53 18.37
CA LYS A 146 35.48 -6.75 19.58
C LYS A 146 35.76 -5.30 19.24
N LYS A 147 36.50 -5.05 18.16
CA LYS A 147 36.79 -3.68 17.76
C LYS A 147 35.53 -2.94 17.35
N ILE A 148 34.65 -3.61 16.58
CA ILE A 148 33.40 -2.97 16.17
C ILE A 148 32.56 -2.61 17.38
N ILE A 149 32.44 -3.52 18.35
CA ILE A 149 31.62 -3.26 19.53
C ILE A 149 32.19 -2.10 20.34
N ARG A 150 33.50 -2.12 20.56
CA ARG A 150 34.13 -1.04 21.32
C ARG A 150 33.94 0.30 20.65
N ARG A 151 34.08 0.35 19.32
CA ARG A 151 33.94 1.62 18.61
C ARG A 151 32.50 2.11 18.64
N ALA A 152 31.53 1.19 18.54
CA ALA A 152 30.13 1.61 18.61
C ALA A 152 29.79 2.20 19.98
N ILE A 153 30.28 1.58 21.05
CA ILE A 153 30.01 2.12 22.38
C ILE A 153 30.71 3.47 22.56
N GLU A 154 31.93 3.59 22.02
CA GLU A 154 32.65 4.87 22.13
C GLU A 154 31.97 5.98 21.36
N ILE A 155 31.28 5.64 20.25
CA ILE A 155 30.54 6.66 19.53
C ILE A 155 29.26 7.03 20.25
N SER A 156 28.55 6.04 20.81
CA SER A 156 27.31 6.34 21.52
C SER A 156 27.53 7.12 22.82
N ASP A 157 28.74 7.03 23.38
CA ASP A 157 29.04 7.72 24.63
C ASP A 157 28.76 9.21 24.56
N VAL A 158 28.99 9.84 23.39
CA VAL A 158 28.85 11.29 23.28
C VAL A 158 27.39 11.71 23.44
N LYS A 159 26.48 11.04 22.72
CA LYS A 159 25.07 11.35 22.86
C LYS A 159 24.55 11.01 24.25
N VAL A 160 25.02 9.89 24.83
CA VAL A 160 24.56 9.54 26.17
C VAL A 160 24.98 10.62 27.16
N TYR A 161 26.21 11.13 27.02
CA TYR A 161 26.69 12.20 27.88
C TYR A 161 25.85 13.46 27.71
N ALA A 162 25.57 13.85 26.46
CA ALA A 162 24.77 15.04 26.21
C ALA A 162 23.38 14.92 26.83
N ILE A 163 22.73 13.77 26.66
CA ILE A 163 21.38 13.58 27.19
C ILE A 163 21.40 13.61 28.72
N LEU A 164 22.34 12.89 29.33
CA LEU A 164 22.40 12.87 30.78
C LEU A 164 22.74 14.24 31.35
N ASN A 165 23.43 15.08 30.57
CA ASN A 165 23.70 16.43 31.03
C ASN A 165 22.47 17.31 30.93
N LYS A 166 21.72 17.19 29.83
CA LYS A 166 20.52 18.01 29.66
C LYS A 166 19.44 17.63 30.65
N LEU A 167 19.30 16.34 30.96
CA LEU A 167 18.24 15.92 31.88
C LEU A 167 18.56 16.25 33.33
N GLY A 168 19.85 16.30 33.67
CA GLY A 168 20.25 16.56 35.04
C GLY A 168 20.32 15.29 35.86
N LEU A 169 20.76 14.21 35.24
CA LEU A 169 20.83 12.91 35.91
C LEU A 169 22.25 12.60 36.37
N THR A 220 38.15 6.41 26.99
CA THR A 220 37.46 7.10 25.91
C THR A 220 35.97 7.13 26.23
N ILE A 221 35.62 6.59 27.40
CA ILE A 221 34.25 6.58 27.88
C ILE A 221 34.16 7.48 29.11
N LYS A 222 33.20 8.40 29.11
CA LYS A 222 33.04 9.34 30.21
C LYS A 222 31.84 9.05 31.09
N THR A 223 30.96 8.14 30.68
CA THR A 223 29.75 7.81 31.44
C THR A 223 29.95 6.49 32.17
N THR A 224 29.44 6.42 33.40
CA THR A 224 29.58 5.20 34.19
C THR A 224 28.75 4.06 33.61
N LEU A 225 27.56 4.38 33.11
CA LEU A 225 26.69 3.38 32.50
C LEU A 225 27.41 2.64 31.37
N LEU A 226 27.99 3.39 30.43
CA LEU A 226 28.64 2.76 29.29
C LEU A 226 29.98 2.15 29.65
N LYS A 227 30.61 2.59 30.74
CA LYS A 227 31.80 1.88 31.21
C LYS A 227 31.43 0.50 31.75
N LYS A 228 30.36 0.43 32.54
CA LYS A 228 29.87 -0.88 32.99
C LYS A 228 29.46 -1.75 31.81
N LEU A 229 28.80 -1.15 30.82
CA LEU A 229 28.37 -1.93 29.65
C LEU A 229 29.57 -2.44 28.85
N MET A 230 30.62 -1.61 28.70
CA MET A 230 31.82 -2.06 28.01
C MET A 230 32.50 -3.18 28.78
N CYS A 231 32.53 -3.08 30.11
CA CYS A 231 33.07 -4.16 30.92
C CYS A 231 32.25 -5.44 30.77
N SER A 232 30.96 -5.30 30.47
CA SER A 232 30.08 -6.46 30.35
C SER A 232 30.05 -7.06 28.94
N MET A 233 30.58 -6.37 27.94
CA MET A 233 30.51 -6.81 26.55
C MET A 233 31.89 -7.05 25.94
N GLN A 234 32.82 -7.57 26.76
CA GLN A 234 34.19 -7.74 26.31
C GLN A 234 34.46 -9.08 25.65
N HIS A 235 33.57 -10.07 25.81
CA HIS A 235 33.76 -11.40 25.23
C HIS A 235 32.52 -11.81 24.46
N PRO A 236 32.54 -11.73 23.14
CA PRO A 236 31.38 -12.12 22.34
C PRO A 236 31.11 -13.62 22.46
N PRO A 237 29.84 -14.02 22.53
CA PRO A 237 29.51 -15.44 22.63
C PRO A 237 29.67 -16.16 21.29
N SER A 238 29.76 -17.49 21.38
CA SER A 238 30.10 -18.31 20.23
C SER A 238 29.04 -18.24 19.14
N TRP A 239 27.76 -18.24 19.53
CA TRP A 239 26.69 -18.21 18.54
C TRP A 239 26.66 -16.90 17.75
N LEU A 240 27.23 -15.83 18.29
CA LEU A 240 27.31 -14.56 17.56
C LEU A 240 28.49 -14.57 16.60
N ILE A 241 29.65 -15.06 17.06
CA ILE A 241 30.83 -15.16 16.21
C ILE A 241 30.56 -16.07 15.02
N HIS A 242 29.76 -17.13 15.22
CA HIS A 242 29.40 -18.02 14.13
C HIS A 242 28.74 -17.26 12.98
N TRP A 243 27.67 -16.53 13.26
CA TRP A 243 26.94 -15.83 12.22
C TRP A 243 27.73 -14.65 11.67
N PHE A 244 28.54 -14.00 12.49
CA PHE A 244 29.37 -12.91 11.98
C PHE A 244 30.41 -13.44 10.99
N ASN A 245 31.04 -14.56 11.31
CA ASN A 245 32.02 -15.16 10.39
C ASN A 245 31.36 -15.59 9.09
N LEU A 246 30.20 -16.24 9.18
CA LEU A 246 29.51 -16.69 7.97
C LEU A 246 29.11 -15.51 7.09
N TYR A 247 28.54 -14.47 7.69
CA TYR A 247 28.13 -13.30 6.92
C TYR A 247 29.33 -12.62 6.28
N THR A 248 30.43 -12.50 7.02
CA THR A 248 31.63 -11.90 6.45
C THR A 248 32.12 -12.66 5.23
N LYS A 249 32.15 -14.00 5.31
CA LYS A 249 32.63 -14.79 4.18
C LYS A 249 31.73 -14.62 2.96
N LEU A 250 30.42 -14.77 3.14
CA LEU A 250 29.52 -14.67 2.00
C LEU A 250 29.53 -13.27 1.40
N ASN A 251 29.60 -12.24 2.25
CA ASN A 251 29.64 -10.87 1.76
C ASN A 251 30.94 -10.59 1.01
N ASN A 252 32.06 -11.17 1.46
CA ASN A 252 33.32 -11.02 0.74
C ASN A 252 33.22 -11.63 -0.65
N ILE A 253 32.67 -12.84 -0.74
CA ILE A 253 32.48 -13.48 -2.05
C ILE A 253 31.66 -12.58 -2.96
N LEU A 254 30.54 -12.06 -2.46
CA LEU A 254 29.66 -11.24 -3.28
C LEU A 254 30.33 -9.93 -3.70
N THR A 255 31.04 -9.28 -2.78
CA THR A 255 31.72 -8.03 -3.10
C THR A 255 32.78 -8.25 -4.17
N GLN A 256 33.55 -9.33 -4.06
CA GLN A 256 34.55 -9.64 -5.07
C GLN A 256 33.91 -9.82 -6.43
N TYR A 257 32.83 -10.62 -6.50
CA TYR A 257 32.17 -10.83 -7.78
C TYR A 257 31.65 -9.52 -8.36
N ARG A 258 30.99 -8.69 -7.54
CA ARG A 258 30.39 -7.47 -8.05
C ARG A 258 31.44 -6.50 -8.56
N SER A 259 32.54 -6.34 -7.83
CA SER A 259 33.62 -5.47 -8.29
C SER A 259 34.19 -5.97 -9.61
N ASN A 260 34.52 -7.26 -9.68
CA ASN A 260 35.13 -7.78 -10.90
C ASN A 260 34.17 -7.82 -12.07
N GLU A 261 32.85 -7.80 -11.83
CA GLU A 261 31.91 -7.72 -12.92
C GLU A 261 31.66 -6.29 -13.37
N VAL A 262 31.81 -5.33 -12.46
CA VAL A 262 31.83 -3.93 -12.87
C VAL A 262 33.03 -3.67 -13.77
N LYS A 263 34.20 -4.20 -13.39
CA LYS A 263 35.40 -3.96 -14.17
C LYS A 263 35.37 -4.71 -15.50
N ASN A 264 34.86 -5.94 -15.51
CA ASN A 264 34.89 -6.78 -16.70
C ASN A 264 33.53 -7.45 -16.87
N HIS A 265 32.92 -7.26 -18.04
CA HIS A 265 31.63 -7.86 -18.32
C HIS A 265 31.80 -9.31 -18.78
N GLY A 266 31.00 -10.20 -18.21
CA GLY A 266 31.11 -11.62 -18.52
C GLY A 266 32.11 -12.31 -17.62
N PHE A 267 32.08 -12.01 -16.34
CA PHE A 267 33.05 -12.51 -15.38
C PHE A 267 32.39 -13.57 -14.51
N THR A 268 33.01 -14.75 -14.46
CA THR A 268 32.56 -15.85 -13.60
C THR A 268 33.54 -15.99 -12.44
N LEU A 269 33.01 -15.95 -11.22
CA LEU A 269 33.84 -16.09 -10.03
C LEU A 269 33.97 -17.57 -9.68
N ILE A 270 35.21 -18.03 -9.56
CA ILE A 270 35.51 -19.41 -9.18
C ILE A 270 36.26 -19.37 -7.86
N ASP A 271 35.59 -19.74 -6.78
CA ASP A 271 36.11 -19.57 -5.43
C ASP A 271 36.24 -20.93 -4.75
N ASN A 272 37.38 -21.15 -4.10
CA ASN A 272 37.64 -22.40 -3.39
C ASN A 272 38.21 -22.22 -2.00
N GLN A 273 38.74 -21.04 -1.67
CA GLN A 273 39.45 -20.83 -0.41
C GLN A 273 38.71 -19.99 0.61
N THR A 274 37.76 -19.15 0.17
CA THR A 274 37.09 -18.26 1.11
C THR A 274 36.32 -19.04 2.17
N LEU A 275 35.56 -20.04 1.75
CA LEU A 275 34.80 -20.90 2.64
C LEU A 275 35.36 -22.31 2.53
N SER A 276 36.06 -22.75 3.57
CA SER A 276 36.80 -24.01 3.52
C SER A 276 35.83 -25.19 3.44
N GLY A 277 35.96 -25.97 2.37
CA GLY A 277 35.10 -27.13 2.18
C GLY A 277 34.21 -26.99 0.96
N PHE A 278 33.74 -25.78 0.71
CA PHE A 278 32.83 -25.50 -0.40
C PHE A 278 33.57 -24.95 -1.59
N GLN A 279 33.01 -25.19 -2.77
CA GLN A 279 33.55 -24.69 -4.03
C GLN A 279 32.43 -23.99 -4.77
N PHE A 280 32.59 -22.69 -5.00
CA PHE A 280 31.58 -21.85 -5.62
C PHE A 280 31.96 -21.52 -7.06
N ILE A 281 31.02 -21.69 -7.96
CA ILE A 281 31.09 -21.16 -9.31
C ILE A 281 29.92 -20.18 -9.41
N LEU A 282 30.20 -18.91 -9.13
CA LEU A 282 29.19 -17.87 -9.05
C LEU A 282 29.20 -17.02 -10.32
N ASN A 283 28.04 -16.50 -10.67
CA ASN A 283 27.84 -15.74 -11.89
C ASN A 283 26.53 -14.99 -11.75
N GLN A 284 26.11 -14.32 -12.82
CA GLN A 284 24.83 -13.62 -12.85
C GLN A 284 23.70 -14.51 -13.36
N TYR A 285 24.02 -15.57 -14.07
CA TYR A 285 23.03 -16.46 -14.66
C TYR A 285 22.96 -17.81 -14.00
N GLY A 286 23.71 -18.04 -12.93
CA GLY A 286 23.65 -19.33 -12.26
C GLY A 286 24.65 -19.38 -11.12
N CYS A 287 24.63 -20.52 -10.43
CA CYS A 287 25.52 -20.76 -9.30
C CYS A 287 25.68 -22.26 -9.15
N ILE A 288 26.92 -22.74 -9.06
CA ILE A 288 27.20 -24.15 -8.86
C ILE A 288 27.96 -24.30 -7.55
N VAL A 289 27.44 -25.12 -6.64
CA VAL A 289 28.06 -25.33 -5.34
C VAL A 289 28.48 -26.79 -5.24
N TYR A 290 29.72 -27.02 -4.78
CA TYR A 290 30.27 -28.36 -4.69
C TYR A 290 30.89 -28.58 -3.31
N HIS A 291 30.58 -29.71 -2.70
CA HIS A 291 31.18 -30.11 -1.42
C HIS A 291 31.94 -31.42 -1.65
N LYS A 292 33.24 -31.40 -1.34
CA LYS A 292 34.16 -32.45 -1.74
C LYS A 292 34.19 -33.63 -0.78
N GLU A 293 34.15 -33.38 0.53
CA GLU A 293 34.20 -34.47 1.50
C GLU A 293 32.84 -35.11 1.74
N LEU A 294 31.75 -34.40 1.47
CA LEU A 294 30.43 -35.01 1.45
C LEU A 294 30.06 -35.56 0.09
N LYS A 295 30.80 -35.18 -0.96
CA LYS A 295 30.55 -35.65 -2.32
C LYS A 295 29.16 -35.21 -2.80
N ARG A 296 28.89 -33.91 -2.68
CA ARG A 296 27.59 -33.35 -3.03
C ARG A 296 27.77 -32.21 -4.01
N ILE A 297 26.77 -31.99 -4.85
CA ILE A 297 26.79 -30.88 -5.80
C ILE A 297 25.37 -30.39 -6.02
N THR A 298 25.22 -29.07 -6.13
CA THR A 298 23.92 -28.47 -6.43
C THR A 298 24.11 -27.35 -7.43
N VAL A 299 23.00 -27.03 -8.12
CA VAL A 299 22.93 -25.92 -9.07
C VAL A 299 21.75 -25.05 -8.69
N THR A 300 21.97 -23.74 -8.62
CA THR A 300 20.93 -22.80 -8.24
C THR A 300 21.18 -21.49 -8.99
N THR A 301 20.55 -20.41 -8.54
CA THR A 301 20.61 -19.12 -9.21
C THR A 301 21.29 -18.07 -8.33
N TYR A 302 21.46 -16.88 -8.91
CA TYR A 302 22.12 -15.78 -8.20
C TYR A 302 21.26 -15.26 -7.06
N ASN A 303 19.94 -15.24 -7.26
CA ASN A 303 19.04 -14.75 -6.22
C ASN A 303 19.03 -15.67 -5.01
N GLN A 304 19.30 -16.97 -5.21
CA GLN A 304 19.38 -17.88 -4.07
C GLN A 304 20.62 -17.62 -3.24
N PHE A 305 21.74 -17.27 -3.89
CA PHE A 305 22.93 -16.85 -3.15
C PHE A 305 22.66 -15.57 -2.38
N LEU A 306 21.98 -14.61 -3.01
CA LEU A 306 21.60 -13.40 -2.28
C LEU A 306 20.73 -13.72 -1.09
N THR A 307 19.82 -14.69 -1.23
CA THR A 307 18.96 -15.08 -0.12
C THR A 307 19.77 -15.72 1.00
N TRP A 308 20.75 -16.54 0.67
CA TRP A 308 21.60 -17.14 1.71
C TRP A 308 22.36 -16.06 2.48
N LYS A 309 22.90 -15.07 1.77
CA LYS A 309 23.57 -13.97 2.45
C LYS A 309 22.62 -13.18 3.34
N ASP A 310 21.39 -12.94 2.85
CA ASP A 310 20.39 -12.24 3.65
C ASP A 310 20.01 -13.04 4.90
N ILE A 311 19.97 -14.37 4.78
CA ILE A 311 19.67 -15.22 5.94
C ILE A 311 20.75 -15.07 6.99
N SER A 312 22.02 -15.16 6.58
CA SER A 312 23.10 -15.03 7.55
C SER A 312 23.10 -13.64 8.19
N LEU A 313 22.77 -12.60 7.42
CA LEU A 313 22.70 -11.25 7.99
C LEU A 313 21.55 -11.13 8.97
N SER A 314 20.39 -11.71 8.67
CA SER A 314 19.24 -11.64 9.57
C SER A 314 19.54 -12.34 10.88
N ARG A 315 20.17 -13.51 10.84
CA ARG A 315 20.48 -14.21 12.08
C ARG A 315 21.56 -13.48 12.87
N LEU A 316 22.54 -12.87 12.18
CA LEU A 316 23.52 -12.03 12.86
C LEU A 316 22.84 -10.86 13.56
N ASN A 317 21.87 -10.22 12.90
CA ASN A 317 21.19 -9.09 13.50
C ASN A 317 20.35 -9.50 14.70
N VAL A 318 19.69 -10.66 14.62
CA VAL A 318 18.93 -11.18 15.76
C VAL A 318 19.85 -11.40 16.95
N CYS A 319 20.99 -12.06 16.71
CA CYS A 319 21.91 -12.35 17.81
C CYS A 319 22.48 -11.06 18.40
N LEU A 320 22.82 -10.09 17.55
CA LEU A 320 23.33 -8.80 18.02
C LEU A 320 22.30 -8.10 18.90
N ILE A 321 21.06 -8.00 18.43
CA ILE A 321 20.04 -7.27 19.16
C ILE A 321 19.76 -7.93 20.50
N THR A 322 19.65 -9.27 20.52
CA THR A 322 19.35 -9.91 21.80
C THR A 322 20.54 -9.84 22.76
N TRP A 323 21.77 -9.89 22.26
CA TRP A 323 22.92 -9.76 23.15
C TRP A 323 22.99 -8.37 23.75
N ILE A 324 22.80 -7.33 22.92
CA ILE A 324 22.83 -5.96 23.42
C ILE A 324 21.71 -5.74 24.44
N SER A 325 20.51 -6.22 24.13
CA SER A 325 19.37 -6.01 25.02
C SER A 325 19.54 -6.76 26.34
N ASN A 326 20.11 -7.97 26.30
CA ASN A 326 20.37 -8.70 27.53
C ASN A 326 21.40 -7.99 28.39
N CYS A 327 22.50 -7.54 27.77
CA CYS A 327 23.52 -6.82 28.53
C CYS A 327 22.97 -5.51 29.09
N LEU A 328 22.04 -4.87 28.40
CA LEU A 328 21.44 -3.65 28.91
C LEU A 328 20.49 -3.93 30.07
N ASN A 329 19.69 -4.98 29.95
CA ASN A 329 18.75 -5.33 31.02
C ASN A 329 19.45 -5.91 32.23
N THR A 330 20.70 -6.35 32.10
CA THR A 330 21.43 -6.80 33.27
C THR A 330 21.90 -5.64 34.15
N LEU A 331 22.09 -4.46 33.58
CA LEU A 331 22.46 -3.28 34.35
C LEU A 331 21.24 -2.57 34.93
N ASN A 332 20.21 -2.39 34.12
CA ASN A 332 18.99 -1.71 34.52
C ASN A 332 17.84 -2.36 33.77
N LYS A 333 16.78 -2.72 34.49
CA LYS A 333 15.72 -3.52 33.87
C LYS A 333 14.86 -2.71 32.92
N SER A 334 14.89 -1.37 33.02
CA SER A 334 14.14 -0.51 32.13
C SER A 334 14.96 -0.04 30.93
N LEU A 335 16.20 -0.50 30.80
CA LEU A 335 17.11 0.02 29.78
C LEU A 335 16.99 -0.70 28.45
N GLY A 336 16.77 -2.01 28.44
CA GLY A 336 16.70 -2.79 27.22
C GLY A 336 15.31 -2.83 26.63
N LEU A 337 15.07 -3.89 25.85
CA LEU A 337 13.76 -4.12 25.26
C LEU A 337 12.86 -4.87 26.23
N ARG A 338 11.58 -4.96 25.88
CA ARG A 338 10.59 -5.63 26.71
C ARG A 338 10.65 -7.15 26.60
N CYS A 339 11.42 -7.69 25.66
CA CYS A 339 11.56 -9.13 25.47
C CYS A 339 12.83 -9.63 26.16
N GLY A 340 12.82 -10.92 26.49
CA GLY A 340 13.87 -11.53 27.30
C GLY A 340 14.45 -12.82 26.76
N PHE A 341 14.66 -12.91 25.45
CA PHE A 341 14.99 -14.18 24.82
C PHE A 341 16.32 -14.75 25.34
N ASN A 342 16.48 -16.06 25.15
CA ASN A 342 17.68 -16.81 25.49
C ASN A 342 18.22 -17.40 24.20
N ASN A 343 19.48 -17.11 23.87
CA ASN A 343 19.97 -17.33 22.52
C ASN A 343 20.35 -18.78 22.23
N VAL A 344 20.51 -19.62 23.26
CA VAL A 344 20.69 -21.05 23.02
C VAL A 344 19.43 -21.63 22.38
N ILE A 345 18.27 -21.25 22.90
CA ILE A 345 17.00 -21.70 22.33
C ILE A 345 16.84 -21.18 20.91
N LEU A 346 17.33 -19.97 20.64
CA LEU A 346 17.22 -19.41 19.29
C LEU A 346 18.13 -20.14 18.31
N THR A 347 19.33 -20.52 18.75
CA THR A 347 20.20 -21.35 17.93
C THR A 347 19.54 -22.69 17.63
N GLN A 348 18.95 -23.33 18.65
CA GLN A 348 18.26 -24.60 18.42
C GLN A 348 17.08 -24.43 17.47
N LEU A 349 16.39 -23.29 17.55
CA LEU A 349 15.26 -23.04 16.65
C LEU A 349 15.73 -22.91 15.21
N PHE A 350 16.82 -22.16 15.00
CA PHE A 350 17.41 -22.07 13.67
C PHE A 350 17.77 -23.44 13.14
N LEU A 351 18.39 -24.26 13.98
CA LEU A 351 18.82 -25.60 13.57
C LEU A 351 17.64 -26.47 13.18
N TYR A 352 16.57 -26.45 13.99
CA TYR A 352 15.43 -27.32 13.71
C TYR A 352 14.62 -26.84 12.52
N GLY A 353 14.53 -25.52 12.30
CA GLY A 353 13.92 -25.04 11.08
C GLY A 353 14.70 -25.45 9.85
N ASP A 354 16.03 -25.39 9.93
CA ASP A 354 16.86 -25.86 8.82
C ASP A 354 16.69 -27.35 8.60
N CYS A 355 16.52 -28.11 9.68
CA CYS A 355 16.30 -29.54 9.55
C CYS A 355 14.96 -29.85 8.90
N ILE A 356 13.93 -29.07 9.23
CA ILE A 356 12.62 -29.26 8.58
C ILE A 356 12.72 -28.91 7.10
N LEU A 357 13.50 -27.87 6.76
CA LEU A 357 13.63 -27.48 5.36
C LEU A 357 14.43 -28.50 4.57
N LYS A 358 15.44 -29.10 5.19
CA LYS A 358 16.24 -30.11 4.50
C LYS A 358 15.49 -31.43 4.40
N LEU A 359 14.66 -31.74 5.40
CA LEU A 359 13.99 -33.03 5.43
C LEU A 359 12.89 -33.10 4.39
N PHE A 360 11.95 -32.16 4.38
CA PHE A 360 10.82 -32.31 3.48
C PHE A 360 11.24 -31.96 2.05
N HIS A 361 11.33 -30.67 1.73
CA HIS A 361 12.08 -30.09 0.61
C HIS A 361 11.74 -28.61 0.54
N ASN A 362 11.92 -28.01 -0.63
CA ASN A 362 11.25 -26.76 -0.96
C ASN A 362 9.80 -26.73 -0.49
N GLU A 363 9.14 -27.89 -0.48
CA GLU A 363 7.77 -28.02 0.02
C GLU A 363 7.65 -27.79 1.53
N GLY A 364 8.76 -27.66 2.25
CA GLY A 364 8.72 -27.48 3.69
C GLY A 364 8.31 -26.10 4.14
N PHE A 365 8.47 -25.08 3.28
CA PHE A 365 8.05 -23.74 3.65
C PHE A 365 6.56 -23.70 3.96
N TYR A 366 5.75 -24.41 3.17
CA TYR A 366 4.32 -24.53 3.43
C TYR A 366 4.05 -24.91 4.88
N ILE A 367 4.92 -25.73 5.46
CA ILE A 367 4.71 -26.16 6.84
C ILE A 367 5.07 -25.03 7.81
N ILE A 368 6.22 -24.37 7.59
CA ILE A 368 6.65 -23.34 8.52
C ILE A 368 5.67 -22.17 8.52
N LYS A 369 5.12 -21.83 7.36
CA LYS A 369 4.10 -20.80 7.27
C LYS A 369 2.91 -21.07 8.19
N GLU A 370 2.61 -22.34 8.48
CA GLU A 370 1.51 -22.66 9.37
C GLU A 370 1.81 -22.33 10.82
N VAL A 371 3.09 -22.35 11.23
CA VAL A 371 3.43 -22.18 12.63
C VAL A 371 3.05 -20.81 13.18
N GLU A 372 2.80 -19.83 12.30
CA GLU A 372 2.25 -18.57 12.76
C GLU A 372 0.99 -18.80 13.59
N GLY A 373 0.05 -19.59 13.04
CA GLY A 373 -1.12 -19.96 13.81
C GLY A 373 -0.77 -20.55 15.16
N PHE A 374 0.25 -21.42 15.20
CA PHE A 374 0.67 -21.99 16.47
C PHE A 374 1.00 -20.90 17.48
N ILE A 375 1.78 -19.90 17.07
CA ILE A 375 2.11 -18.83 17.99
C ILE A 375 0.86 -18.10 18.43
N MET A 376 -0.06 -17.87 17.49
CA MET A 376 -1.32 -17.21 17.84
C MET A 376 -2.05 -18.00 18.92
N SER A 377 -2.01 -19.34 18.82
CA SER A 377 -2.63 -20.17 19.84
C SER A 377 -2.02 -19.88 21.20
N LEU A 378 -0.69 -19.81 21.27
CA LEU A 378 -0.03 -19.56 22.55
C LEU A 378 -0.42 -18.20 23.11
N ILE A 379 -0.85 -17.28 22.25
CA ILE A 379 -1.31 -15.98 22.74
C ILE A 379 -2.72 -16.11 23.30
N LEU A 380 -3.59 -16.86 22.64
CA LEU A 380 -4.97 -16.94 23.08
C LEU A 380 -5.08 -17.68 24.41
N ASN A 381 -4.27 -18.72 24.61
CA ASN A 381 -4.22 -19.40 25.90
C ASN A 381 -3.93 -18.44 27.04
N ILE A 382 -3.41 -17.26 26.75
CA ILE A 382 -3.18 -16.26 27.80
C ILE A 382 -4.33 -15.28 27.90
N THR A 383 -4.92 -14.89 26.75
CA THR A 383 -5.90 -13.82 26.76
C THR A 383 -7.34 -14.33 26.76
N GLU A 384 -7.62 -15.38 26.01
CA GLU A 384 -8.97 -15.88 25.87
C GLU A 384 -9.32 -16.84 27.01
N GLU A 385 -10.58 -17.25 27.02
CA GLU A 385 -11.12 -18.20 27.99
C GLU A 385 -11.46 -19.51 27.29
N ASP A 386 -11.87 -20.50 28.08
CA ASP A 386 -11.71 -21.91 27.74
C ASP A 386 -12.17 -22.25 26.33
N GLN A 387 -13.39 -21.86 25.98
CA GLN A 387 -14.02 -22.39 24.77
C GLN A 387 -13.37 -21.83 23.50
N PHE A 388 -13.17 -20.50 23.45
CA PHE A 388 -12.54 -19.89 22.29
C PHE A 388 -11.15 -20.47 22.04
N ARG A 389 -10.36 -20.61 23.11
CA ARG A 389 -8.98 -21.04 22.95
C ARG A 389 -8.88 -22.53 22.64
N LYS A 390 -9.80 -23.35 23.17
CA LYS A 390 -9.82 -24.76 22.79
C LYS A 390 -10.18 -24.92 21.31
N ARG A 391 -11.18 -24.16 20.85
CA ARG A 391 -11.54 -24.19 19.44
C ARG A 391 -10.36 -23.81 18.56
N PHE A 392 -9.68 -22.71 18.90
CA PHE A 392 -8.54 -22.27 18.09
C PHE A 392 -7.42 -23.29 18.12
N TYR A 393 -7.15 -23.89 19.28
CA TYR A 393 -6.07 -24.86 19.39
C TYR A 393 -6.32 -26.08 18.52
N ASN A 394 -7.55 -26.60 18.54
CA ASN A 394 -7.85 -27.78 17.73
C ASN A 394 -7.80 -27.45 16.24
N SER A 395 -8.36 -26.31 15.83
CA SER A 395 -8.26 -25.93 14.43
C SER A 395 -6.81 -25.74 13.99
N MET A 396 -5.97 -25.22 14.87
CA MET A 396 -4.56 -25.03 14.53
C MET A 396 -3.85 -26.36 14.32
N LEU A 397 -4.05 -27.30 15.25
CA LEU A 397 -3.46 -28.63 15.08
C LEU A 397 -3.89 -29.25 13.76
N ASN A 398 -5.18 -29.15 13.44
CA ASN A 398 -5.67 -29.72 12.18
C ASN A 398 -5.01 -29.07 10.97
N ASN A 399 -4.88 -27.74 10.99
CA ASN A 399 -4.26 -27.03 9.88
C ASN A 399 -2.81 -27.48 9.68
N ILE A 400 -2.06 -27.59 10.78
CA ILE A 400 -0.65 -27.94 10.67
C ILE A 400 -0.49 -29.36 10.11
N THR A 401 -1.28 -30.31 10.62
CA THR A 401 -1.12 -31.67 10.14
C THR A 401 -1.58 -31.83 8.69
N ASP A 402 -2.62 -31.09 8.29
CA ASP A 402 -3.04 -31.12 6.89
C ASP A 402 -1.97 -30.56 5.98
N ALA A 403 -1.34 -29.45 6.39
CA ALA A 403 -0.24 -28.88 5.61
C ALA A 403 0.90 -29.88 5.46
N ALA A 404 1.26 -30.57 6.54
CA ALA A 404 2.37 -31.51 6.46
C ALA A 404 2.04 -32.70 5.57
N ASN A 405 0.81 -33.21 5.64
CA ASN A 405 0.44 -34.33 4.78
C ASN A 405 0.43 -33.93 3.31
N LYS A 406 -0.10 -32.74 3.01
CA LYS A 406 -0.08 -32.26 1.62
C LYS A 406 1.35 -32.06 1.14
N ALA A 407 2.23 -31.56 2.01
CA ALA A 407 3.63 -31.37 1.63
C ALA A 407 4.28 -32.70 1.28
N GLN A 408 4.08 -33.72 2.12
CA GLN A 408 4.65 -35.03 1.82
C GLN A 408 4.11 -35.58 0.51
N LYS A 409 2.80 -35.45 0.28
CA LYS A 409 2.20 -35.96 -0.95
C LYS A 409 2.80 -35.28 -2.18
N ASN A 410 2.85 -33.95 -2.18
CA ASN A 410 3.37 -33.22 -3.33
C ASN A 410 4.85 -33.50 -3.55
N LEU A 411 5.62 -33.64 -2.46
CA LEU A 411 7.04 -33.94 -2.60
C LEU A 411 7.25 -35.31 -3.24
N LEU A 412 6.55 -36.33 -2.74
CA LEU A 412 6.70 -37.65 -3.35
C LEU A 412 6.20 -37.67 -4.79
N SER A 413 5.23 -36.82 -5.12
CA SER A 413 4.73 -36.81 -6.49
C SER A 413 5.70 -36.12 -7.45
N ARG A 414 6.40 -35.08 -7.00
CA ARG A 414 7.17 -34.25 -7.93
C ARG A 414 8.47 -34.94 -8.37
N VAL A 415 9.17 -35.58 -7.46
CA VAL A 415 10.54 -36.04 -7.73
C VAL A 415 10.54 -37.48 -8.24
N CYS A 416 9.39 -37.96 -8.70
CA CYS A 416 9.28 -39.35 -9.12
C CYS A 416 10.17 -39.65 -10.32
N HIS A 417 10.00 -38.89 -11.41
CA HIS A 417 10.69 -39.17 -12.67
C HIS A 417 11.79 -38.16 -12.98
N THR A 418 12.37 -37.55 -11.95
CA THR A 418 13.45 -36.60 -12.12
C THR A 418 14.79 -37.25 -11.76
N LEU A 419 15.85 -36.45 -11.73
CA LEU A 419 17.16 -36.91 -11.28
C LEU A 419 17.31 -36.88 -9.76
N LEU A 420 16.30 -36.38 -9.05
CA LEU A 420 16.33 -36.31 -7.58
C LEU A 420 15.47 -37.39 -6.94
N ASP A 421 15.27 -38.52 -7.62
CA ASP A 421 14.36 -39.54 -7.13
C ASP A 421 14.90 -40.30 -5.94
N LYS A 422 16.22 -40.29 -5.72
CA LYS A 422 16.83 -40.99 -4.60
C LYS A 422 17.28 -40.04 -3.50
N THR A 423 16.70 -38.86 -3.43
CA THR A 423 17.06 -37.86 -2.43
C THR A 423 16.04 -37.74 -1.31
N VAL A 424 14.94 -38.48 -1.38
CA VAL A 424 13.89 -38.40 -0.37
C VAL A 424 14.31 -39.23 0.85
N SER A 425 14.32 -38.60 2.02
CA SER A 425 14.73 -39.26 3.24
C SER A 425 13.75 -40.38 3.60
N ASP A 426 14.22 -41.28 4.47
CA ASP A 426 13.39 -42.38 4.95
C ASP A 426 12.47 -41.98 6.08
N ASN A 427 12.75 -40.87 6.76
CA ASN A 427 11.91 -40.40 7.86
C ASN A 427 10.60 -39.79 7.38
N ILE A 428 10.37 -39.71 6.08
CA ILE A 428 9.12 -39.21 5.53
C ILE A 428 8.16 -40.36 5.18
N ILE A 429 8.70 -41.45 4.63
CA ILE A 429 7.85 -42.59 4.28
C ILE A 429 7.29 -43.26 5.52
N ASN A 430 8.14 -43.48 6.53
CA ASN A 430 7.70 -44.16 7.74
C ASN A 430 7.00 -43.23 8.73
N GLY A 431 6.90 -41.94 8.43
CA GLY A 431 6.14 -41.03 9.26
C GLY A 431 6.82 -40.55 10.51
N ARG A 432 8.13 -40.71 10.62
CA ARG A 432 8.87 -40.27 11.80
C ARG A 432 9.20 -38.79 11.77
N TRP A 433 8.68 -38.04 10.79
CA TRP A 433 8.89 -36.60 10.76
C TRP A 433 8.16 -35.89 11.88
N ILE A 434 7.03 -36.44 12.34
CA ILE A 434 6.22 -35.78 13.35
C ILE A 434 7.05 -35.49 14.60
N ILE A 435 7.82 -36.47 15.05
CA ILE A 435 8.72 -36.26 16.18
C ILE A 435 9.54 -34.98 15.98
N LEU A 436 10.24 -34.88 14.86
CA LEU A 436 10.98 -33.66 14.54
C LEU A 436 10.09 -32.43 14.71
N LEU A 437 8.95 -32.42 14.03
CA LEU A 437 8.03 -31.29 14.13
C LEU A 437 7.71 -31.00 15.59
N SER A 438 7.37 -32.04 16.36
CA SER A 438 7.03 -31.82 17.76
C SER A 438 8.13 -31.05 18.47
N LYS A 439 9.38 -31.51 18.33
CA LYS A 439 10.49 -30.84 18.99
C LYS A 439 10.53 -29.37 18.60
N PHE A 440 10.42 -29.09 17.30
CA PHE A 440 10.39 -27.71 16.84
C PHE A 440 9.36 -26.91 17.61
N LEU A 441 8.12 -27.39 17.60
CA LEU A 441 7.05 -26.64 18.27
C LEU A 441 7.36 -26.46 19.74
N LYS A 442 7.87 -27.51 20.40
CA LYS A 442 8.18 -27.40 21.82
C LYS A 442 9.17 -26.28 22.05
N LEU A 443 10.21 -26.19 21.21
CA LEU A 443 11.19 -25.13 21.38
C LEU A 443 10.53 -23.76 21.30
N ILE A 444 9.61 -23.59 20.35
CA ILE A 444 8.93 -22.30 20.21
C ILE A 444 8.20 -21.96 21.51
N LYS A 445 7.52 -22.94 22.10
CA LYS A 445 6.85 -22.66 23.37
C LYS A 445 7.86 -22.32 24.44
N LEU A 446 8.98 -23.04 24.47
CA LEU A 446 10.03 -22.73 25.44
C LEU A 446 10.64 -21.37 25.17
N ALA A 447 10.57 -20.90 23.93
CA ALA A 447 11.07 -19.57 23.62
C ALA A 447 10.05 -18.50 23.99
N GLY A 448 8.77 -18.88 24.09
CA GLY A 448 7.75 -17.90 24.42
C GLY A 448 7.76 -17.53 25.89
N ASP A 449 8.11 -18.48 26.74
CA ASP A 449 8.23 -18.30 28.19
C ASP A 449 6.91 -17.89 28.83
N ASN A 450 5.79 -18.09 28.15
CA ASN A 450 4.46 -17.72 28.63
C ASN A 450 4.38 -16.21 28.87
N ASN A 451 4.77 -15.45 27.86
CA ASN A 451 4.88 -14.00 27.95
C ASN A 451 4.39 -13.39 26.64
N LEU A 452 3.59 -12.33 26.74
CA LEU A 452 3.04 -11.71 25.54
C LEU A 452 4.11 -10.94 24.77
N ASN A 453 5.11 -10.40 25.46
CA ASN A 453 6.17 -9.66 24.79
C ASN A 453 7.03 -10.59 23.94
N ASN A 454 7.49 -11.70 24.53
CA ASN A 454 8.26 -12.68 23.78
C ASN A 454 7.44 -13.26 22.63
N LEU A 455 6.18 -13.60 22.89
CA LEU A 455 5.36 -14.23 21.86
C LEU A 455 5.03 -13.27 20.73
N SER A 456 4.95 -11.97 21.02
CA SER A 456 4.69 -11.00 19.96
C SER A 456 5.96 -10.71 19.17
N GLU A 457 7.11 -10.65 19.84
CA GLU A 457 8.37 -10.45 19.12
C GLU A 457 8.78 -11.67 18.31
N LEU A 458 8.32 -12.86 18.69
CA LEU A 458 8.73 -14.11 18.06
C LEU A 458 8.27 -14.26 16.62
N TYR A 459 7.60 -13.28 16.04
CA TYR A 459 7.18 -13.37 14.65
C TYR A 459 8.30 -13.04 13.67
N PHE A 460 9.51 -12.77 14.16
CA PHE A 460 10.66 -12.65 13.27
C PHE A 460 11.10 -14.01 12.71
N LEU A 461 10.66 -15.11 13.33
CA LEU A 461 11.09 -16.43 12.91
C LEU A 461 10.70 -16.74 11.47
N PHE A 462 9.67 -16.11 10.95
CA PHE A 462 9.19 -16.37 9.59
C PHE A 462 9.88 -15.48 8.56
N ARG A 463 10.94 -14.78 8.96
CA ARG A 463 11.84 -14.07 8.06
C ARG A 463 13.28 -14.51 8.30
N ILE A 464 13.45 -15.77 8.69
CA ILE A 464 14.75 -16.28 9.11
C ILE A 464 15.21 -17.47 8.25
N PHE A 465 14.31 -18.17 7.58
CA PHE A 465 14.63 -19.41 6.89
C PHE A 465 14.68 -19.26 5.38
N GLY A 466 14.58 -18.04 4.87
CA GLY A 466 14.69 -17.80 3.45
C GLY A 466 13.35 -17.69 2.76
N HIS A 467 13.39 -17.92 1.45
CA HIS A 467 12.22 -17.86 0.59
C HIS A 467 12.16 -19.10 -0.29
N PRO A 468 10.96 -19.60 -0.58
CA PRO A 468 10.84 -20.75 -1.48
C PRO A 468 11.03 -20.36 -2.93
N MET A 469 11.20 -21.38 -3.76
CA MET A 469 11.16 -21.24 -5.21
C MET A 469 9.71 -21.37 -5.65
N VAL A 470 9.20 -20.34 -6.31
CA VAL A 470 7.78 -20.29 -6.68
C VAL A 470 7.62 -20.98 -8.04
N ASP A 471 6.90 -22.10 -8.04
CA ASP A 471 6.53 -22.76 -9.29
C ASP A 471 5.37 -22.01 -9.91
N GLU A 472 5.55 -21.57 -11.16
CA GLU A 472 4.65 -20.62 -11.79
C GLU A 472 3.45 -21.27 -12.47
N ARG A 473 3.70 -22.26 -13.32
CA ARG A 473 2.61 -22.96 -13.97
C ARG A 473 1.69 -23.65 -12.97
N GLN A 474 2.25 -24.14 -11.86
CA GLN A 474 1.43 -24.77 -10.83
C GLN A 474 0.58 -23.75 -10.09
N ALA A 475 1.14 -22.58 -9.79
CA ALA A 475 0.34 -21.51 -9.20
C ALA A 475 -0.77 -21.06 -10.14
N MET A 476 -0.52 -21.10 -11.45
CA MET A 476 -1.58 -20.77 -12.41
C MET A 476 -2.67 -21.84 -12.40
N ASP A 477 -2.28 -23.11 -12.35
CA ASP A 477 -3.26 -24.19 -12.36
C ASP A 477 -4.04 -24.29 -11.05
N ALA A 478 -3.52 -23.74 -9.96
CA ALA A 478 -4.20 -23.81 -8.68
C ALA A 478 -5.49 -22.99 -8.64
N VAL A 479 -5.58 -21.91 -9.42
CA VAL A 479 -6.75 -21.05 -9.41
C VAL A 479 -7.65 -21.24 -10.62
N LYS A 480 -7.20 -21.97 -11.63
CA LYS A 480 -8.02 -22.24 -12.80
C LYS A 480 -9.30 -22.97 -12.42
N ILE A 481 -9.25 -23.79 -11.36
CA ILE A 481 -10.45 -24.51 -10.93
C ILE A 481 -11.41 -23.58 -10.20
N ASN A 482 -10.88 -22.60 -9.47
CA ASN A 482 -11.74 -21.67 -8.74
C ASN A 482 -12.37 -20.64 -9.66
N CYS A 483 -11.69 -20.28 -10.75
CA CYS A 483 -12.19 -19.24 -11.64
C CYS A 483 -12.88 -19.77 -12.89
N ASN A 484 -13.07 -21.07 -13.00
CA ASN A 484 -13.87 -21.65 -14.07
C ASN A 484 -15.14 -22.30 -13.58
N GLU A 485 -15.43 -22.19 -12.29
CA GLU A 485 -16.55 -22.87 -11.65
C GLU A 485 -17.85 -22.10 -11.87
N THR A 486 -18.94 -22.85 -11.99
CA THR A 486 -20.27 -22.28 -12.15
C THR A 486 -20.92 -22.08 -10.78
N LYS A 487 -21.51 -20.90 -10.57
CA LYS A 487 -22.12 -20.54 -9.31
C LYS A 487 -23.64 -20.43 -9.48
N PHE A 488 -24.36 -20.77 -8.40
CA PHE A 488 -25.82 -20.78 -8.40
C PHE A 488 -26.31 -19.88 -7.28
N TYR A 489 -27.17 -18.92 -7.62
CA TYR A 489 -27.70 -17.95 -6.68
C TYR A 489 -29.22 -17.97 -6.69
N LEU A 490 -29.82 -17.54 -5.59
CA LEU A 490 -31.22 -17.18 -5.56
C LEU A 490 -31.38 -15.72 -5.95
N LEU A 491 -32.41 -15.43 -6.73
CA LEU A 491 -32.64 -14.04 -7.16
C LEU A 491 -32.86 -13.11 -5.98
N SER A 492 -33.44 -13.63 -4.89
CA SER A 492 -33.63 -12.82 -3.70
C SER A 492 -32.29 -12.34 -3.13
N SER A 493 -31.26 -13.17 -3.22
CA SER A 493 -29.95 -12.79 -2.68
C SER A 493 -29.36 -11.62 -3.45
N LEU A 494 -29.41 -11.67 -4.77
CA LEU A 494 -28.89 -10.57 -5.58
C LEU A 494 -29.73 -9.32 -5.39
N SER A 495 -31.06 -9.47 -5.30
CA SER A 495 -31.93 -8.33 -5.04
C SER A 495 -31.57 -7.65 -3.73
N MET A 496 -31.35 -8.43 -2.67
CA MET A 496 -31.06 -7.84 -1.37
C MET A 496 -29.67 -7.23 -1.32
N LEU A 497 -28.70 -7.83 -2.03
CA LEU A 497 -27.37 -7.23 -2.10
C LEU A 497 -27.41 -5.87 -2.80
N ARG A 498 -28.09 -5.81 -3.95
CA ARG A 498 -28.24 -4.55 -4.66
C ARG A 498 -28.99 -3.53 -3.82
N GLY A 499 -30.02 -3.98 -3.08
CA GLY A 499 -30.78 -3.06 -2.25
C GLY A 499 -29.96 -2.50 -1.10
N ALA A 500 -29.10 -3.31 -0.50
CA ALA A 500 -28.25 -2.82 0.58
C ALA A 500 -27.21 -1.83 0.04
N PHE A 501 -26.67 -2.10 -1.15
CA PHE A 501 -25.77 -1.15 -1.77
C PHE A 501 -26.45 0.18 -2.05
N ILE A 502 -27.65 0.13 -2.63
CA ILE A 502 -28.39 1.35 -2.95
C ILE A 502 -28.79 2.08 -1.67
N TYR A 503 -29.09 1.34 -0.59
CA TYR A 503 -29.37 2.00 0.68
C TYR A 503 -28.17 2.74 1.21
N ARG A 504 -26.99 2.12 1.16
CA ARG A 504 -25.77 2.81 1.58
C ARG A 504 -25.56 4.08 0.77
N ILE A 505 -25.80 4.03 -0.54
CA ILE A 505 -25.56 5.20 -1.39
C ILE A 505 -26.58 6.30 -1.10
N ILE A 506 -27.85 5.95 -0.94
CA ILE A 506 -28.88 6.93 -0.60
C ILE A 506 -28.55 7.60 0.73
N LYS A 507 -28.20 6.80 1.73
CA LYS A 507 -27.87 7.36 3.04
C LYS A 507 -26.66 8.28 2.97
N GLY A 508 -25.65 7.91 2.17
CA GLY A 508 -24.47 8.76 2.03
C GLY A 508 -24.78 10.08 1.35
N PHE A 509 -25.56 10.04 0.26
CA PHE A 509 -25.99 11.27 -0.38
C PHE A 509 -26.79 12.15 0.57
N VAL A 510 -27.67 11.56 1.37
CA VAL A 510 -28.49 12.38 2.27
C VAL A 510 -27.62 12.99 3.36
N ASN A 511 -26.58 12.27 3.79
CA ASN A 511 -25.72 12.80 4.85
C ASN A 511 -24.72 13.82 4.32
N ASN A 512 -24.32 13.73 3.06
CA ASN A 512 -23.25 14.57 2.54
C ASN A 512 -23.74 15.73 1.67
N TYR A 513 -24.95 15.66 1.12
CA TYR A 513 -25.45 16.72 0.26
C TYR A 513 -26.86 17.16 0.62
N ASN A 514 -27.41 16.69 1.74
CA ASN A 514 -28.77 17.06 2.18
C ASN A 514 -29.79 16.78 1.09
N ARG A 515 -29.59 15.70 0.34
CA ARG A 515 -30.38 15.45 -0.85
C ARG A 515 -30.32 14.01 -1.31
N TRP A 516 -31.46 13.36 -1.43
CA TRP A 516 -31.59 12.11 -2.18
C TRP A 516 -30.97 12.28 -3.55
N PRO A 517 -30.25 11.28 -4.07
CA PRO A 517 -29.75 11.38 -5.45
C PRO A 517 -30.92 11.45 -6.42
N THR A 518 -30.66 12.02 -7.59
CA THR A 518 -31.71 12.24 -8.58
C THR A 518 -32.15 10.90 -9.18
N LEU A 519 -33.41 10.56 -8.98
CA LEU A 519 -33.98 9.31 -9.47
C LEU A 519 -34.71 9.54 -10.78
N ARG A 520 -34.52 8.61 -11.72
CA ARG A 520 -35.28 8.58 -12.96
C ARG A 520 -36.37 7.52 -12.92
N ASN A 521 -36.66 6.98 -11.74
CA ASN A 521 -37.51 5.79 -11.61
C ASN A 521 -38.50 5.88 -10.46
N ALA A 522 -38.78 7.08 -9.93
CA ALA A 522 -39.55 7.22 -8.71
C ALA A 522 -40.98 6.70 -8.83
N ILE A 523 -41.36 6.25 -10.03
CA ILE A 523 -42.65 5.60 -10.21
C ILE A 523 -42.71 4.30 -9.43
N VAL A 524 -41.58 3.59 -9.30
CA VAL A 524 -41.57 2.27 -8.71
C VAL A 524 -41.59 2.28 -7.19
N LEU A 525 -41.49 3.44 -6.56
CA LEU A 525 -41.47 3.50 -5.11
C LEU A 525 -42.90 3.45 -4.54
N PRO A 526 -43.07 2.82 -3.38
CA PRO A 526 -44.37 2.84 -2.71
C PRO A 526 -44.56 4.16 -1.97
N LEU A 527 -45.70 4.28 -1.29
CA LEU A 527 -46.07 5.55 -0.68
C LEU A 527 -45.17 5.89 0.50
N ARG A 528 -44.90 4.92 1.38
CA ARG A 528 -44.07 5.19 2.54
C ARG A 528 -42.63 5.51 2.17
N TRP A 529 -42.17 5.06 1.00
CA TRP A 529 -40.85 5.42 0.52
C TRP A 529 -40.86 6.71 -0.29
N LEU A 530 -41.96 7.02 -0.97
CA LEU A 530 -42.10 8.32 -1.60
C LEU A 530 -42.10 9.44 -0.56
N THR A 531 -42.68 9.17 0.61
CA THR A 531 -42.61 10.16 1.70
C THR A 531 -41.16 10.43 2.08
N TYR A 532 -40.38 9.37 2.29
CA TYR A 532 -38.96 9.55 2.60
C TYR A 532 -38.23 10.29 1.49
N TYR A 533 -38.53 9.96 0.24
CA TYR A 533 -37.85 10.60 -0.89
C TYR A 533 -38.13 12.09 -0.91
N LYS A 534 -39.39 12.48 -0.78
CA LYS A 534 -39.76 13.89 -0.90
C LYS A 534 -39.47 14.69 0.37
N LEU A 535 -39.31 14.03 1.51
CA LEU A 535 -38.86 14.70 2.72
C LEU A 535 -37.36 14.73 2.88
N ASN A 536 -36.62 14.05 1.99
CA ASN A 536 -35.15 14.01 2.02
C ASN A 536 -34.64 13.39 3.33
N THR A 537 -35.23 12.25 3.70
CA THR A 537 -34.83 11.51 4.88
C THR A 537 -34.72 10.03 4.54
N TYR A 538 -34.25 9.24 5.49
CA TYR A 538 -34.13 7.80 5.34
C TYR A 538 -34.42 7.14 6.68
N PRO A 539 -34.87 5.89 6.66
CA PRO A 539 -35.04 5.14 7.91
C PRO A 539 -33.72 4.54 8.39
N SER A 540 -33.73 4.08 9.64
CA SER A 540 -32.55 3.48 10.23
C SER A 540 -32.58 1.96 10.07
N LEU A 541 -31.44 1.34 10.40
CA LEU A 541 -31.32 -0.11 10.24
C LEU A 541 -32.30 -0.87 11.12
N LEU A 542 -32.72 -0.27 12.23
CA LEU A 542 -33.70 -0.91 13.11
C LEU A 542 -35.10 -0.86 12.52
N GLU A 543 -35.38 0.14 11.68
CA GLU A 543 -36.68 0.27 11.02
C GLU A 543 -36.70 -0.35 9.64
N LEU A 544 -35.58 -0.90 9.17
CA LEU A 544 -35.46 -1.41 7.81
C LEU A 544 -35.85 -2.89 7.78
N THR A 545 -36.53 -3.29 6.70
CA THR A 545 -37.00 -4.65 6.52
C THR A 545 -36.32 -5.24 5.29
N GLU A 546 -36.39 -6.57 5.16
CA GLU A 546 -35.78 -7.22 4.01
C GLU A 546 -36.54 -6.94 2.71
N ARG A 547 -37.84 -6.65 2.81
CA ARG A 547 -38.61 -6.25 1.64
C ARG A 547 -38.23 -4.86 1.15
N ASP A 548 -37.80 -3.98 2.06
CA ASP A 548 -37.39 -2.63 1.66
C ASP A 548 -36.18 -2.68 0.73
N LEU A 549 -35.26 -3.61 0.97
CA LEU A 549 -34.08 -3.70 0.10
C LEU A 549 -34.46 -4.22 -1.29
N ILE A 550 -35.39 -5.17 -1.36
CA ILE A 550 -35.86 -5.64 -2.65
C ILE A 550 -36.59 -4.54 -3.40
N VAL A 551 -37.31 -3.68 -2.67
CA VAL A 551 -37.96 -2.54 -3.30
C VAL A 551 -36.93 -1.52 -3.79
N LEU A 552 -35.87 -1.31 -3.01
CA LEU A 552 -34.85 -0.34 -3.38
C LEU A 552 -34.01 -0.81 -4.57
N SER A 553 -33.87 -2.13 -4.74
CA SER A 553 -33.04 -2.65 -5.83
C SER A 553 -33.58 -2.31 -7.21
N GLY A 554 -34.76 -1.70 -7.32
CA GLY A 554 -35.35 -1.35 -8.59
C GLY A 554 -35.14 0.08 -9.03
N LEU A 555 -34.39 0.88 -8.26
CA LEU A 555 -34.23 2.29 -8.57
C LEU A 555 -33.12 2.52 -9.59
N ARG A 556 -33.32 3.52 -10.45
CA ARG A 556 -32.33 3.96 -11.41
C ARG A 556 -32.03 5.44 -11.18
N PHE A 557 -30.78 5.84 -11.47
CA PHE A 557 -30.30 7.16 -11.09
C PHE A 557 -29.89 7.95 -12.32
N TYR A 558 -29.75 9.26 -12.12
CA TYR A 558 -29.17 10.17 -13.08
C TYR A 558 -27.72 10.46 -12.71
N ARG A 559 -26.98 11.03 -13.66
CA ARG A 559 -25.57 11.33 -13.44
C ARG A 559 -25.40 12.34 -12.31
N GLU A 560 -24.59 11.98 -11.32
CA GLU A 560 -24.27 12.86 -10.21
C GLU A 560 -22.84 13.37 -10.23
N PHE A 561 -21.90 12.56 -10.75
CA PHE A 561 -20.50 12.93 -10.82
C PHE A 561 -20.07 13.02 -12.28
N ARG A 562 -18.99 13.75 -12.51
CA ARG A 562 -18.49 13.98 -13.86
C ARG A 562 -17.09 13.38 -14.01
N LEU A 563 -16.82 12.88 -15.21
CA LEU A 563 -15.53 12.32 -15.54
C LEU A 563 -14.58 13.43 -16.01
N PRO A 564 -13.29 13.31 -15.70
CA PRO A 564 -12.32 14.28 -16.23
C PRO A 564 -12.17 14.11 -17.74
N LYS A 565 -12.02 15.24 -18.42
CA LYS A 565 -11.89 15.24 -19.87
C LYS A 565 -10.45 15.21 -20.35
N LYS A 566 -9.48 15.45 -19.47
CA LYS A 566 -8.06 15.42 -19.82
C LYS A 566 -7.34 14.52 -18.84
N VAL A 567 -6.40 13.72 -19.37
CA VAL A 567 -5.75 12.70 -18.55
C VAL A 567 -4.78 13.34 -17.57
N ASP A 568 -4.69 12.74 -16.39
CA ASP A 568 -3.71 13.12 -15.39
C ASP A 568 -2.47 12.26 -15.60
N LEU A 569 -1.35 12.91 -15.94
CA LEU A 569 -0.14 12.17 -16.29
C LEU A 569 0.57 11.61 -15.07
N GLU A 570 0.21 12.06 -13.87
CA GLU A 570 0.87 11.58 -12.66
C GLU A 570 0.34 10.21 -12.22
N MET A 571 -0.88 9.85 -12.61
CA MET A 571 -1.46 8.59 -12.18
C MET A 571 -1.22 7.45 -13.15
N ILE A 572 -0.88 7.74 -14.41
CA ILE A 572 -0.66 6.69 -15.40
C ILE A 572 0.81 6.35 -15.61
N ILE A 573 1.73 7.14 -15.07
CA ILE A 573 3.16 6.96 -15.32
C ILE A 573 3.83 6.49 -14.03
N ASN A 574 4.56 5.38 -14.13
CA ASN A 574 5.32 4.83 -13.01
C ASN A 574 6.55 4.14 -13.56
N ASP A 575 7.20 3.32 -12.72
CA ASP A 575 8.47 2.70 -13.09
C ASP A 575 8.37 1.19 -13.19
N LYS A 576 7.29 0.68 -13.79
CA LYS A 576 7.05 -0.75 -13.88
C LYS A 576 7.09 -1.21 -15.34
N ALA A 577 6.85 -2.49 -15.54
CA ALA A 577 6.84 -3.10 -16.86
C ALA A 577 5.40 -3.21 -17.38
N ILE A 578 5.28 -3.36 -18.70
CA ILE A 578 3.99 -3.40 -19.35
C ILE A 578 3.93 -4.63 -20.25
N SER A 579 2.72 -5.14 -20.46
CA SER A 579 2.53 -6.32 -21.28
C SER A 579 2.48 -5.95 -22.76
N PRO A 580 3.04 -6.76 -23.64
CA PRO A 580 2.92 -6.51 -25.07
C PRO A 580 1.52 -6.82 -25.55
N PRO A 581 1.14 -6.34 -26.73
CA PRO A 581 -0.13 -6.76 -27.34
C PRO A 581 -0.16 -8.27 -27.57
N LYS A 582 -1.33 -8.75 -28.00
CA LYS A 582 -1.53 -10.19 -28.12
C LYS A 582 -0.68 -10.80 -29.23
N ASN A 583 -0.39 -10.04 -30.28
CA ASN A 583 0.38 -10.57 -31.39
C ASN A 583 1.88 -10.45 -31.17
N LEU A 584 2.31 -9.69 -30.17
CA LEU A 584 3.72 -9.56 -29.83
C LEU A 584 4.04 -10.16 -28.46
N ILE A 585 3.29 -11.19 -28.05
CA ILE A 585 3.51 -11.78 -26.74
C ILE A 585 4.70 -12.73 -26.75
N TRP A 586 4.99 -13.36 -27.88
CA TRP A 586 6.10 -14.29 -28.01
C TRP A 586 7.46 -13.62 -27.88
N THR A 587 7.49 -12.30 -27.72
CA THR A 587 8.72 -11.58 -27.42
C THR A 587 9.03 -11.59 -25.93
N SER A 588 8.22 -12.27 -25.12
CA SER A 588 8.47 -12.40 -23.70
C SER A 588 9.43 -13.53 -23.37
N PHE A 589 9.83 -14.33 -24.36
CA PHE A 589 10.67 -15.50 -24.17
C PHE A 589 11.94 -15.39 -25.01
N PRO A 590 13.01 -16.08 -24.61
CA PRO A 590 14.21 -16.11 -25.44
C PRO A 590 13.93 -16.70 -26.81
N ARG A 591 14.71 -16.24 -27.80
CA ARG A 591 14.56 -16.75 -29.16
C ARG A 591 14.96 -18.21 -29.29
N ASN A 592 15.76 -18.73 -28.35
CA ASN A 592 16.14 -20.14 -28.41
C ASN A 592 14.99 -21.05 -28.02
N TYR A 593 14.07 -20.56 -27.19
CA TYR A 593 12.96 -21.36 -26.68
C TYR A 593 11.74 -21.34 -27.59
N MET A 594 11.82 -20.64 -28.72
CA MET A 594 10.73 -20.51 -29.67
C MET A 594 11.01 -21.32 -30.93
N PRO A 595 10.00 -21.93 -31.54
CA PRO A 595 10.21 -22.63 -32.81
C PRO A 595 10.50 -21.65 -33.93
N SER A 596 10.92 -22.20 -35.07
CA SER A 596 11.36 -21.36 -36.18
C SER A 596 10.21 -20.52 -36.74
N HIS A 597 9.01 -21.10 -36.83
CA HIS A 597 7.89 -20.37 -37.40
C HIS A 597 7.49 -19.19 -36.52
N ILE A 598 7.62 -19.35 -35.20
CA ILE A 598 7.31 -18.23 -34.31
C ILE A 598 8.32 -17.11 -34.47
N GLN A 599 9.60 -17.44 -34.68
CA GLN A 599 10.61 -16.42 -34.87
C GLN A 599 10.38 -15.67 -36.18
N ASN A 600 10.12 -16.40 -37.26
CA ASN A 600 9.81 -15.76 -38.53
C ASN A 600 8.57 -14.88 -38.41
N TYR A 601 7.54 -15.37 -37.72
CA TYR A 601 6.32 -14.59 -37.54
C TYR A 601 6.59 -13.31 -36.76
N ILE A 602 7.37 -13.41 -35.68
CA ILE A 602 7.68 -12.24 -34.87
C ILE A 602 8.42 -11.19 -35.70
N GLU A 603 9.41 -11.62 -36.48
CA GLU A 603 10.19 -10.64 -37.24
C GLU A 603 9.35 -10.03 -38.37
N HIS A 604 8.47 -10.81 -38.98
CA HIS A 604 7.63 -10.27 -40.04
C HIS A 604 6.46 -9.44 -39.51
N GLU A 605 6.12 -9.59 -38.23
CA GLU A 605 4.94 -8.96 -37.67
C GLU A 605 5.26 -7.81 -36.72
N LYS A 606 6.53 -7.60 -36.37
CA LYS A 606 6.89 -6.38 -35.66
C LYS A 606 6.89 -5.15 -36.56
N LEU A 607 6.71 -5.32 -37.87
CA LEU A 607 6.70 -4.22 -38.81
C LEU A 607 5.31 -3.59 -39.00
N LYS A 608 4.33 -3.99 -38.19
CA LYS A 608 2.99 -3.42 -38.28
C LYS A 608 2.50 -2.89 -36.93
N PHE A 609 3.42 -2.52 -36.04
CA PHE A 609 3.07 -1.95 -34.76
C PHE A 609 3.84 -0.66 -34.54
N SER A 610 3.34 0.16 -33.62
CA SER A 610 4.00 1.40 -33.27
C SER A 610 5.28 1.12 -32.49
N GLU A 611 6.05 2.18 -32.25
CA GLU A 611 7.24 2.05 -31.41
C GLU A 611 6.90 2.04 -29.93
N SER A 612 5.71 2.51 -29.55
CA SER A 612 5.24 2.41 -28.18
C SER A 612 4.57 1.08 -27.90
N ASP A 613 4.01 0.42 -28.91
CA ASP A 613 3.45 -0.91 -28.73
C ASP A 613 4.54 -1.94 -28.53
N LYS A 614 5.68 -1.77 -29.19
CA LYS A 614 6.84 -2.66 -29.03
C LYS A 614 7.64 -2.37 -27.76
N SER A 615 7.14 -1.47 -26.91
CA SER A 615 7.83 -1.14 -25.68
C SER A 615 7.58 -2.22 -24.62
N ARG A 616 8.49 -2.28 -23.64
CA ARG A 616 8.39 -3.24 -22.55
C ARG A 616 8.28 -2.58 -21.19
N ARG A 617 8.16 -1.25 -21.14
CA ARG A 617 8.01 -0.53 -19.88
C ARG A 617 7.02 0.61 -20.07
N VAL A 618 6.42 1.03 -18.97
CA VAL A 618 5.36 2.04 -19.02
C VAL A 618 5.94 3.40 -19.42
N LEU A 619 7.04 3.79 -18.80
CA LEU A 619 7.63 5.11 -19.06
C LEU A 619 7.95 5.28 -20.55
N GLU A 620 8.60 4.30 -21.15
CA GLU A 620 8.88 4.38 -22.58
C GLU A 620 7.68 4.05 -23.44
N TYR A 621 6.66 3.38 -22.89
CA TYR A 621 5.39 3.26 -23.60
C TYR A 621 4.77 4.62 -23.82
N TYR A 622 4.91 5.53 -22.87
CA TYR A 622 4.35 6.86 -23.02
C TYR A 622 5.31 7.83 -23.72
N LEU A 623 6.61 7.70 -23.49
CA LEU A 623 7.58 8.62 -24.09
C LEU A 623 7.65 8.45 -25.61
N ARG A 624 7.52 7.23 -26.11
CA ARG A 624 7.65 6.96 -27.54
C ARG A 624 6.37 7.22 -28.31
N ASP A 625 5.30 7.67 -27.64
CA ASP A 625 4.02 7.88 -28.30
C ASP A 625 4.03 9.24 -28.98
N ASN A 626 4.17 9.23 -30.31
CA ASN A 626 4.20 10.46 -31.09
C ASN A 626 2.82 10.88 -31.56
N LYS A 627 1.77 10.20 -31.13
CA LYS A 627 0.39 10.56 -31.45
C LYS A 627 -0.43 10.75 -30.18
N PHE A 628 0.24 11.12 -29.09
CA PHE A 628 -0.45 11.23 -27.81
C PHE A 628 -1.41 12.41 -27.80
N ASN A 629 -2.56 12.19 -27.17
CA ASN A 629 -3.57 13.23 -26.96
C ASN A 629 -4.17 13.03 -25.58
N GLU A 630 -4.37 14.11 -24.84
CA GLU A 630 -4.82 14.01 -23.46
C GLU A 630 -6.30 13.70 -23.33
N CYS A 631 -7.07 13.77 -24.41
CA CYS A 631 -8.46 13.33 -24.41
C CYS A 631 -8.61 11.93 -25.00
N ASP A 632 -7.57 11.10 -24.93
CA ASP A 632 -7.65 9.75 -25.49
C ASP A 632 -8.38 8.80 -24.55
N LEU A 633 -8.06 8.88 -23.26
CA LEU A 633 -8.71 8.01 -22.29
C LEU A 633 -10.20 8.31 -22.18
N TYR A 634 -10.57 9.59 -22.20
CA TYR A 634 -11.98 9.96 -22.11
C TYR A 634 -12.75 9.44 -23.30
N ASN A 635 -12.18 9.54 -24.51
CA ASN A 635 -12.86 9.02 -25.69
C ASN A 635 -12.92 7.51 -25.68
N CYS A 636 -11.87 6.84 -25.21
CA CYS A 636 -11.90 5.39 -25.07
C CYS A 636 -13.03 4.96 -24.14
N VAL A 637 -13.18 5.64 -23.01
CA VAL A 637 -14.20 5.25 -22.04
C VAL A 637 -15.60 5.55 -22.60
N VAL A 638 -15.79 6.73 -23.18
CA VAL A 638 -17.11 7.11 -23.66
C VAL A 638 -17.53 6.23 -24.85
N ASN A 639 -16.60 5.85 -25.70
CA ASN A 639 -16.91 5.03 -26.87
C ASN A 639 -16.79 3.54 -26.60
N GLN A 640 -16.24 3.14 -25.45
CA GLN A 640 -16.09 1.73 -25.08
C GLN A 640 -15.18 1.00 -26.08
N SER A 641 -14.01 1.58 -26.33
CA SER A 641 -13.06 1.01 -27.26
C SER A 641 -12.28 -0.17 -26.67
N TYR A 642 -12.48 -0.47 -25.39
CA TYR A 642 -11.83 -1.60 -24.73
C TYR A 642 -12.64 -2.88 -24.81
N LEU A 643 -13.89 -2.82 -25.24
CA LEU A 643 -14.71 -4.01 -25.39
C LEU A 643 -14.40 -4.71 -26.70
N ASN A 644 -14.20 -6.02 -26.64
CA ASN A 644 -14.00 -6.86 -27.83
C ASN A 644 -12.76 -6.43 -28.61
N ASN A 645 -11.68 -6.14 -27.90
CA ASN A 645 -10.45 -5.67 -28.54
C ASN A 645 -9.50 -6.84 -28.74
N PRO A 646 -9.00 -7.05 -29.96
CA PRO A 646 -8.15 -8.21 -30.24
C PRO A 646 -6.69 -8.06 -29.82
N ASN A 647 -6.36 -7.05 -29.01
CA ASN A 647 -5.00 -6.87 -28.51
C ASN A 647 -4.88 -7.19 -27.03
N HIS A 648 -5.84 -7.92 -26.47
CA HIS A 648 -5.97 -8.06 -25.02
C HIS A 648 -5.38 -9.39 -24.56
N VAL A 649 -4.41 -9.32 -23.65
CA VAL A 649 -3.84 -10.48 -22.98
C VAL A 649 -3.81 -10.21 -21.48
N VAL A 650 -3.64 -11.29 -20.71
CA VAL A 650 -3.27 -11.21 -19.31
C VAL A 650 -2.03 -12.06 -19.11
N SER A 651 -0.97 -11.42 -18.63
CA SER A 651 0.34 -12.05 -18.44
C SER A 651 0.63 -12.12 -16.95
N LEU A 652 1.03 -13.30 -16.48
CA LEU A 652 1.25 -13.54 -15.07
C LEU A 652 2.73 -13.72 -14.77
N THR A 653 3.13 -13.22 -13.61
CA THR A 653 4.51 -13.34 -13.14
C THR A 653 4.49 -13.41 -11.62
N GLY A 654 4.80 -14.59 -11.08
CA GLY A 654 4.78 -14.80 -9.64
C GLY A 654 5.90 -14.12 -8.88
N ARG A 663 0.77 -14.61 -4.84
CA ARG A 663 2.08 -14.07 -5.16
C ARG A 663 2.17 -13.70 -6.64
N MET A 664 1.07 -13.89 -7.37
CA MET A 664 1.07 -13.63 -8.81
C MET A 664 0.85 -12.15 -9.08
N PHE A 665 1.55 -11.65 -10.10
CA PHE A 665 1.42 -10.27 -10.55
C PHE A 665 0.98 -10.31 -12.01
N ALA A 666 -0.19 -9.74 -12.30
CA ALA A 666 -0.74 -9.76 -13.64
C ALA A 666 -0.59 -8.41 -14.31
N MET A 667 -0.45 -8.42 -15.63
CA MET A 667 -0.42 -7.19 -16.39
C MET A 667 -1.10 -7.42 -17.73
N GLN A 668 -1.49 -6.29 -18.35
CA GLN A 668 -2.15 -6.24 -19.65
C GLN A 668 -1.56 -5.08 -20.45
N PRO A 669 -1.92 -4.90 -21.73
CA PRO A 669 -1.42 -3.73 -22.48
C PRO A 669 -1.84 -2.40 -21.88
N GLY A 670 -1.38 -1.30 -22.49
CA GLY A 670 -1.47 0.00 -21.85
C GLY A 670 -2.87 0.60 -21.80
N MET A 671 -3.68 0.37 -22.85
CA MET A 671 -5.02 0.96 -22.89
C MET A 671 -5.90 0.39 -21.79
N PHE A 672 -5.92 -0.94 -21.65
CA PHE A 672 -6.73 -1.57 -20.62
C PHE A 672 -6.22 -1.23 -19.22
N ARG A 673 -4.91 -1.05 -19.08
CA ARG A 673 -4.36 -0.64 -17.80
C ARG A 673 -4.78 0.79 -17.45
N GLN A 674 -4.84 1.66 -18.46
CA GLN A 674 -5.38 3.00 -18.28
C GLN A 674 -6.82 2.95 -17.79
N VAL A 675 -7.64 2.13 -18.44
CA VAL A 675 -9.05 2.05 -18.07
C VAL A 675 -9.22 1.52 -16.64
N GLN A 676 -8.44 0.51 -16.29
CA GLN A 676 -8.46 -0.03 -14.93
C GLN A 676 -8.10 1.04 -13.90
N ILE A 677 -7.01 1.76 -14.15
CA ILE A 677 -6.55 2.77 -13.20
C ILE A 677 -7.59 3.87 -13.06
N LEU A 678 -8.21 4.28 -14.17
CA LEU A 678 -9.22 5.33 -14.12
C LEU A 678 -10.43 4.87 -13.31
N ALA A 679 -10.88 3.63 -13.51
CA ALA A 679 -12.04 3.14 -12.76
C ALA A 679 -11.75 3.13 -11.26
N GLU A 680 -10.59 2.59 -10.87
CA GLU A 680 -10.28 2.56 -9.44
C GLU A 680 -10.11 3.96 -8.86
N LYS A 681 -9.58 4.90 -9.67
CA LYS A 681 -9.43 6.27 -9.20
C LYS A 681 -10.78 6.95 -8.99
N MET A 682 -11.72 6.73 -9.92
CA MET A 682 -13.04 7.32 -9.75
C MET A 682 -13.74 6.75 -8.53
N ILE A 683 -13.57 5.45 -8.26
CA ILE A 683 -14.15 4.88 -7.05
C ILE A 683 -13.53 5.52 -5.81
N ALA A 684 -12.19 5.61 -5.77
CA ALA A 684 -11.53 6.20 -4.61
C ALA A 684 -11.92 7.66 -4.42
N GLU A 685 -12.24 8.37 -5.51
CA GLU A 685 -12.51 9.80 -5.40
C GLU A 685 -13.95 10.09 -5.01
N ASN A 686 -14.92 9.43 -5.64
CA ASN A 686 -16.32 9.84 -5.49
C ASN A 686 -17.14 8.98 -4.54
N ILE A 687 -16.76 7.72 -4.31
CA ILE A 687 -17.65 6.78 -3.65
C ILE A 687 -17.18 6.41 -2.24
N LEU A 688 -15.87 6.29 -2.00
CA LEU A 688 -15.39 5.85 -0.70
C LEU A 688 -15.74 6.82 0.44
N GLN A 689 -16.35 7.97 0.14
CA GLN A 689 -16.83 8.86 1.18
C GLN A 689 -18.07 8.31 1.88
N PHE A 690 -18.82 7.43 1.21
CA PHE A 690 -20.01 6.83 1.78
C PHE A 690 -19.71 5.57 2.58
N PHE A 691 -18.46 5.09 2.55
CA PHE A 691 -18.06 3.84 3.21
C PHE A 691 -16.88 4.12 4.12
N PRO A 692 -17.11 4.73 5.28
CA PRO A 692 -16.00 5.06 6.18
C PRO A 692 -15.34 3.87 6.85
N GLU A 693 -15.77 2.64 6.55
CA GLU A 693 -15.15 1.45 7.10
C GLU A 693 -13.94 0.99 6.28
N SER A 694 -13.86 1.37 5.01
CA SER A 694 -12.74 1.02 4.17
C SER A 694 -11.54 1.90 4.51
N LEU A 695 -10.42 1.28 4.84
CA LEU A 695 -9.21 1.99 5.20
C LEU A 695 -8.07 1.63 4.25
N THR A 696 -7.05 2.48 4.24
CA THR A 696 -5.79 2.18 3.56
C THR A 696 -4.60 2.65 4.39
N ARG A 697 -4.74 2.65 5.72
CA ARG A 697 -3.79 3.30 6.61
C ARG A 697 -2.85 2.26 7.20
N TYR A 698 -1.63 2.20 6.64
CA TYR A 698 -0.53 1.41 7.20
C TYR A 698 0.49 2.40 7.74
N GLY A 699 0.78 2.31 9.04
CA GLY A 699 1.68 3.26 9.65
C GLY A 699 1.95 2.96 11.11
N ASP A 700 2.95 3.63 11.67
CA ASP A 700 3.31 3.45 13.08
C ASP A 700 2.14 3.79 13.98
N LEU A 701 1.65 5.03 13.91
CA LEU A 701 0.61 5.47 14.84
C LEU A 701 -0.79 5.19 14.33
N GLU A 702 -0.98 5.02 13.02
CA GLU A 702 -2.32 4.85 12.46
C GLU A 702 -2.95 3.53 12.90
N LEU A 703 -2.16 2.45 12.87
CA LEU A 703 -2.67 1.18 13.37
C LEU A 703 -3.02 1.26 14.84
N GLN A 704 -2.27 2.04 15.62
CA GLN A 704 -2.59 2.22 17.03
C GLN A 704 -3.88 3.02 17.19
N LYS A 705 -4.12 4.01 16.33
CA LYS A 705 -5.42 4.69 16.29
C LYS A 705 -6.55 3.69 16.07
N ILE A 706 -6.38 2.81 15.09
CA ILE A 706 -7.44 1.87 14.75
C ILE A 706 -7.68 0.89 15.90
N LEU A 707 -6.62 0.38 16.52
CA LEU A 707 -6.79 -0.54 17.63
C LEU A 707 -7.38 0.16 18.86
N GLU A 708 -7.05 1.43 19.09
CA GLU A 708 -7.69 2.17 20.18
C GLU A 708 -9.19 2.32 19.93
N LEU A 709 -9.56 2.73 18.72
CA LEU A 709 -10.99 2.93 18.44
C LEU A 709 -11.74 1.60 18.35
N LYS A 710 -11.01 0.50 18.16
CA LYS A 710 -11.65 -0.81 18.28
C LYS A 710 -11.84 -1.22 19.73
N ALA A 711 -10.85 -0.95 20.58
CA ALA A 711 -10.99 -1.26 22.00
C ALA A 711 -12.07 -0.40 22.65
N GLY A 712 -12.31 0.79 22.11
CA GLY A 712 -13.38 1.63 22.63
C GLY A 712 -14.77 1.06 22.38
N ILE A 713 -14.88 0.09 21.48
CA ILE A 713 -16.16 -0.53 21.16
C ILE A 713 -16.52 -1.59 22.20
N ASN A 726 -30.85 -8.13 30.01
CA ASN A 726 -30.12 -7.45 31.07
C ASN A 726 -28.61 -7.54 30.85
N TYR A 727 -28.21 -8.17 29.75
CA TYR A 727 -26.80 -8.30 29.40
C TYR A 727 -26.62 -7.89 27.95
N ILE A 728 -25.40 -7.47 27.61
CA ILE A 728 -25.03 -7.14 26.24
C ILE A 728 -23.88 -8.06 25.85
N SER A 729 -24.20 -9.12 25.12
CA SER A 729 -23.18 -10.07 24.69
C SER A 729 -22.42 -9.52 23.49
N LYS A 730 -21.12 -9.85 23.44
CA LYS A 730 -20.22 -9.31 22.42
C LYS A 730 -19.33 -10.42 21.90
N CYS A 731 -18.82 -10.22 20.68
CA CYS A 731 -17.86 -11.15 20.09
C CYS A 731 -17.13 -10.44 18.95
N SER A 732 -16.07 -11.07 18.46
CA SER A 732 -15.28 -10.55 17.35
C SER A 732 -14.95 -11.68 16.39
N ILE A 733 -15.00 -11.36 15.09
CA ILE A 733 -14.68 -12.30 14.04
C ILE A 733 -13.60 -11.70 13.15
N ILE A 734 -12.53 -12.46 12.91
CA ILE A 734 -11.43 -12.05 12.03
C ILE A 734 -11.46 -12.94 10.80
N THR A 735 -11.35 -12.32 9.62
CA THR A 735 -11.44 -13.02 8.34
C THR A 735 -10.35 -12.53 7.40
N ASP A 736 -9.82 -13.45 6.60
CA ASP A 736 -8.80 -13.17 5.61
C ASP A 736 -9.44 -13.16 4.23
N LEU A 737 -9.36 -12.02 3.54
CA LEU A 737 -10.01 -11.83 2.26
C LEU A 737 -9.02 -11.75 1.10
N SER A 738 -7.95 -12.53 1.16
CA SER A 738 -6.95 -12.49 0.09
C SER A 738 -7.44 -13.20 -1.17
N LYS A 739 -8.00 -14.41 -1.01
CA LYS A 739 -8.60 -15.15 -2.11
C LYS A 739 -10.06 -14.77 -2.33
N PHE A 740 -10.48 -13.64 -1.79
CA PHE A 740 -11.88 -13.20 -1.88
C PHE A 740 -12.31 -13.01 -3.33
N ASN A 741 -11.39 -12.57 -4.20
CA ASN A 741 -11.77 -12.13 -5.53
C ASN A 741 -12.09 -13.29 -6.47
N GLN A 742 -11.45 -14.45 -6.30
CA GLN A 742 -11.63 -15.56 -7.23
C GLN A 742 -13.06 -16.07 -7.28
N ALA A 743 -13.90 -15.73 -6.29
CA ALA A 743 -15.27 -16.24 -6.23
C ALA A 743 -16.29 -15.29 -6.84
N PHE A 744 -15.90 -14.07 -7.19
CA PHE A 744 -16.82 -13.11 -7.75
C PHE A 744 -17.12 -13.45 -9.21
N ARG A 745 -18.30 -13.04 -9.66
CA ARG A 745 -18.73 -13.21 -11.04
C ARG A 745 -19.37 -11.92 -11.51
N TYR A 746 -19.80 -11.88 -12.77
CA TYR A 746 -20.52 -10.71 -13.26
C TYR A 746 -21.79 -10.48 -12.44
N GLU A 747 -22.51 -11.56 -12.15
CA GLU A 747 -23.80 -11.44 -11.48
C GLU A 747 -23.68 -10.85 -10.09
N THR A 748 -22.51 -11.00 -9.45
CA THR A 748 -22.32 -10.54 -8.08
C THR A 748 -21.63 -9.19 -7.98
N SER A 749 -20.86 -8.80 -9.00
CA SER A 749 -20.13 -7.53 -8.98
C SER A 749 -20.88 -6.43 -9.73
N CYS A 750 -21.50 -6.76 -10.84
CA CYS A 750 -22.00 -5.70 -11.71
C CYS A 750 -23.41 -5.26 -11.35
N ILE A 751 -24.10 -5.95 -10.43
CA ILE A 751 -25.33 -5.41 -9.89
C ILE A 751 -25.09 -4.13 -9.11
N CYS A 752 -23.85 -3.88 -8.67
CA CYS A 752 -23.43 -2.64 -8.05
C CYS A 752 -22.58 -1.77 -8.96
N SER A 753 -21.75 -2.41 -9.79
CA SER A 753 -21.08 -1.66 -10.86
C SER A 753 -22.08 -0.90 -11.73
N ASP A 754 -23.29 -1.43 -11.90
CA ASP A 754 -24.32 -0.74 -12.68
C ASP A 754 -24.78 0.53 -11.98
N VAL A 755 -24.93 0.49 -10.66
CA VAL A 755 -25.30 1.68 -9.91
C VAL A 755 -24.21 2.74 -10.05
N LEU A 756 -22.94 2.32 -9.97
CA LEU A 756 -21.85 3.30 -10.15
C LEU A 756 -21.82 3.86 -11.56
N ASP A 757 -22.05 3.01 -12.57
CA ASP A 757 -22.12 3.47 -13.95
C ASP A 757 -23.21 4.52 -14.13
N GLU A 758 -24.39 4.27 -13.57
CA GLU A 758 -25.47 5.25 -13.64
C GLU A 758 -25.12 6.53 -12.91
N LEU A 759 -24.45 6.42 -11.75
CA LEU A 759 -24.09 7.62 -11.00
C LEU A 759 -23.08 8.47 -11.76
N HIS A 760 -22.23 7.87 -12.59
CA HIS A 760 -21.26 8.64 -13.34
C HIS A 760 -21.68 8.92 -14.78
N GLY A 761 -22.86 8.47 -15.20
CA GLY A 761 -23.35 8.76 -16.52
C GLY A 761 -22.71 7.99 -17.64
N VAL A 762 -21.95 6.93 -17.33
CA VAL A 762 -21.18 6.20 -18.34
C VAL A 762 -21.72 4.77 -18.38
N GLN A 763 -21.16 3.92 -19.24
CA GLN A 763 -21.59 2.54 -19.36
C GLN A 763 -20.39 1.62 -19.27
N SER A 764 -20.45 0.66 -18.34
CA SER A 764 -19.48 -0.43 -18.24
C SER A 764 -18.06 0.05 -17.98
N LEU A 765 -17.90 1.19 -17.31
CA LEU A 765 -16.55 1.59 -16.91
C LEU A 765 -16.10 0.86 -15.66
N PHE A 766 -17.00 0.69 -14.69
CA PHE A 766 -16.72 -0.10 -13.50
C PHE A 766 -17.05 -1.57 -13.69
N SER A 767 -17.57 -1.94 -14.87
CA SER A 767 -17.87 -3.33 -15.21
C SER A 767 -16.95 -3.86 -16.31
N TRP A 768 -15.78 -3.24 -16.51
CA TRP A 768 -14.93 -3.59 -17.64
C TRP A 768 -14.36 -5.00 -17.49
N LEU A 769 -14.06 -5.41 -16.26
CA LEU A 769 -13.30 -6.64 -16.03
C LEU A 769 -14.10 -7.87 -16.41
N HIS A 770 -15.28 -8.05 -15.82
CA HIS A 770 -16.07 -9.24 -16.09
C HIS A 770 -16.74 -9.19 -17.46
N LEU A 771 -16.54 -8.12 -18.22
CA LEU A 771 -17.01 -8.07 -19.59
C LEU A 771 -15.88 -8.27 -20.60
N THR A 772 -14.63 -8.08 -20.19
CA THR A 772 -13.50 -8.19 -21.11
C THR A 772 -12.63 -9.42 -20.88
N ILE A 773 -12.43 -9.85 -19.62
CA ILE A 773 -11.49 -10.91 -19.30
C ILE A 773 -11.97 -12.30 -19.74
N PRO A 774 -13.26 -12.64 -19.68
CA PRO A 774 -13.68 -13.98 -20.12
C PRO A 774 -13.36 -14.31 -21.58
N HIS A 775 -12.96 -13.34 -22.39
CA HIS A 775 -12.62 -13.56 -23.79
C HIS A 775 -11.13 -13.51 -24.05
N VAL A 776 -10.32 -13.56 -22.99
CA VAL A 776 -8.87 -13.40 -23.06
C VAL A 776 -8.22 -14.71 -22.66
N THR A 777 -7.01 -14.92 -23.17
CA THR A 777 -6.17 -16.03 -22.75
C THR A 777 -5.25 -15.58 -21.63
N ILE A 778 -5.22 -16.35 -20.54
CA ILE A 778 -4.33 -16.11 -19.41
C ILE A 778 -3.07 -16.92 -19.65
N ILE A 779 -1.91 -16.26 -19.60
CA ILE A 779 -0.64 -16.92 -19.94
C ILE A 779 0.43 -16.52 -18.94
N CYS A 780 1.30 -17.48 -18.61
CA CYS A 780 2.50 -17.22 -17.80
C CYS A 780 3.62 -16.79 -18.73
N THR A 781 4.11 -15.56 -18.55
CA THR A 781 5.14 -14.99 -19.42
C THR A 781 6.48 -14.90 -18.73
N TYR A 782 6.78 -15.83 -17.83
CA TYR A 782 8.13 -15.96 -17.31
C TYR A 782 9.10 -16.26 -18.45
N ARG A 783 10.34 -15.79 -18.28
CA ARG A 783 11.33 -15.94 -19.34
C ARG A 783 11.70 -17.41 -19.55
N HIS A 784 11.78 -18.18 -18.47
CA HIS A 784 12.23 -19.57 -18.54
C HIS A 784 11.08 -20.57 -18.51
N ALA A 785 9.83 -20.11 -18.64
CA ALA A 785 8.67 -20.98 -18.63
C ALA A 785 7.80 -20.73 -19.85
N PRO A 786 8.28 -21.10 -21.05
CA PRO A 786 7.47 -20.91 -22.25
C PRO A 786 6.48 -22.04 -22.42
N PRO A 787 5.42 -21.84 -23.20
CA PRO A 787 4.51 -22.93 -23.51
C PRO A 787 4.96 -23.72 -24.73
N TYR A 788 4.37 -24.91 -24.87
CA TYR A 788 4.61 -25.74 -26.04
C TYR A 788 3.64 -25.35 -27.15
N ILE A 789 4.16 -24.75 -28.20
CA ILE A 789 3.35 -24.32 -29.34
C ILE A 789 3.49 -25.38 -30.44
N GLY A 790 2.37 -25.90 -30.90
CA GLY A 790 2.40 -26.79 -32.04
C GLY A 790 2.68 -26.02 -33.32
N ASP A 791 3.42 -26.66 -34.22
CA ASP A 791 3.84 -25.98 -35.44
C ASP A 791 2.62 -25.57 -36.27
N HIS A 792 2.80 -24.48 -37.03
CA HIS A 792 1.76 -23.86 -37.83
C HIS A 792 0.67 -23.23 -36.96
N ILE A 793 1.05 -22.71 -35.79
CA ILE A 793 0.12 -22.01 -34.91
C ILE A 793 0.84 -20.77 -34.38
N VAL A 794 0.33 -19.59 -34.73
CA VAL A 794 0.93 -18.35 -34.29
C VAL A 794 0.02 -17.57 -33.33
N ASP A 795 -1.29 -17.63 -33.52
CA ASP A 795 -2.22 -16.91 -32.66
C ASP A 795 -2.24 -17.52 -31.27
N LEU A 796 -2.35 -16.67 -30.24
CA LEU A 796 -2.34 -17.15 -28.86
C LEU A 796 -3.68 -17.76 -28.47
N ASN A 797 -4.79 -17.25 -29.02
CA ASN A 797 -6.11 -17.79 -28.74
C ASN A 797 -6.39 -19.09 -29.46
N ASN A 798 -5.40 -19.65 -30.15
CA ASN A 798 -5.53 -20.94 -30.82
C ASN A 798 -4.55 -21.97 -30.27
N VAL A 799 -3.72 -21.61 -29.31
CA VAL A 799 -2.76 -22.54 -28.71
C VAL A 799 -3.50 -23.42 -27.71
N ASP A 800 -3.09 -24.69 -27.64
CA ASP A 800 -3.76 -25.65 -26.77
C ASP A 800 -3.63 -25.24 -25.31
N GLU A 801 -4.72 -25.42 -24.57
CA GLU A 801 -4.70 -25.16 -23.13
C GLU A 801 -3.86 -26.21 -22.43
N GLN A 802 -2.98 -25.77 -21.55
CA GLN A 802 -1.99 -26.63 -20.93
C GLN A 802 -1.62 -26.04 -19.58
N SER A 803 -0.52 -26.54 -19.01
CA SER A 803 -0.03 -26.00 -17.74
C SER A 803 0.60 -24.63 -17.98
N GLY A 804 0.02 -23.60 -17.38
CA GLY A 804 0.49 -22.24 -17.57
C GLY A 804 -0.14 -21.49 -18.72
N LEU A 805 -1.30 -21.93 -19.21
CA LEU A 805 -1.98 -21.26 -20.32
C LEU A 805 -3.41 -21.76 -20.33
N TYR A 806 -4.39 -20.85 -20.20
CA TYR A 806 -5.78 -21.29 -20.28
C TYR A 806 -6.67 -20.12 -20.69
N ARG A 807 -7.97 -20.42 -20.81
CA ARG A 807 -8.96 -19.45 -21.25
C ARG A 807 -10.21 -19.59 -20.37
N TYR A 808 -11.20 -18.72 -20.65
CA TYR A 808 -12.49 -18.71 -19.96
C TYR A 808 -12.30 -18.49 -18.46
N HIS A 809 -11.66 -17.37 -18.14
CA HIS A 809 -11.43 -16.98 -16.76
C HIS A 809 -12.59 -16.10 -16.30
N MET A 810 -13.40 -16.63 -15.40
CA MET A 810 -14.45 -15.87 -14.73
C MET A 810 -14.02 -15.66 -13.28
N GLY A 811 -13.98 -14.41 -12.83
CA GLY A 811 -13.72 -14.22 -11.43
C GLY A 811 -12.90 -13.01 -11.01
N GLY A 812 -12.11 -12.44 -11.91
CA GLY A 812 -11.40 -11.26 -11.51
C GLY A 812 -9.96 -11.49 -11.08
N ILE A 813 -9.09 -10.61 -11.52
CA ILE A 813 -7.66 -10.69 -11.26
C ILE A 813 -7.37 -9.96 -9.96
N GLU A 814 -6.47 -10.54 -9.16
CA GLU A 814 -6.15 -9.97 -7.85
C GLU A 814 -5.50 -8.61 -8.00
N GLY A 815 -5.97 -7.65 -7.21
CA GLY A 815 -5.43 -6.29 -7.25
C GLY A 815 -6.28 -5.34 -8.06
N TRP A 816 -6.75 -5.80 -9.22
CA TRP A 816 -7.67 -5.02 -10.01
C TRP A 816 -9.05 -5.08 -9.37
N CYS A 817 -9.72 -3.92 -9.27
CA CYS A 817 -11.08 -3.81 -8.77
C CYS A 817 -11.22 -4.14 -7.28
N GLN A 818 -10.22 -3.82 -6.46
CA GLN A 818 -10.28 -4.21 -5.05
C GLN A 818 -11.29 -3.38 -4.27
N LYS A 819 -11.42 -2.08 -4.60
CA LYS A 819 -12.29 -1.21 -3.83
C LYS A 819 -13.76 -1.55 -4.06
N LEU A 820 -14.11 -1.96 -5.27
CA LEU A 820 -15.46 -2.42 -5.56
C LEU A 820 -15.84 -3.59 -4.65
N TRP A 821 -14.94 -4.57 -4.55
CA TRP A 821 -15.23 -5.75 -3.75
C TRP A 821 -15.21 -5.43 -2.26
N THR A 822 -14.42 -4.43 -1.84
CA THR A 822 -14.45 -3.99 -0.46
C THR A 822 -15.80 -3.38 -0.09
N ILE A 823 -16.29 -2.45 -0.91
CA ILE A 823 -17.56 -1.82 -0.59
C ILE A 823 -18.71 -2.82 -0.73
N GLU A 824 -18.58 -3.82 -1.60
CA GLU A 824 -19.58 -4.87 -1.68
C GLU A 824 -19.57 -5.74 -0.42
N ALA A 825 -18.39 -6.03 0.12
CA ALA A 825 -18.31 -6.75 1.39
C ALA A 825 -18.96 -5.95 2.51
N ILE A 826 -18.77 -4.63 2.52
CA ILE A 826 -19.39 -3.80 3.55
C ILE A 826 -20.91 -3.84 3.42
N SER A 827 -21.42 -3.78 2.19
CA SER A 827 -22.87 -3.87 1.99
C SER A 827 -23.42 -5.22 2.45
N LEU A 828 -22.68 -6.30 2.16
CA LEU A 828 -23.10 -7.62 2.64
C LEU A 828 -23.09 -7.69 4.17
N LEU A 829 -22.15 -7.00 4.81
CA LEU A 829 -22.13 -6.96 6.26
C LEU A 829 -23.35 -6.23 6.81
N ASP A 830 -23.76 -5.14 6.14
CA ASP A 830 -25.01 -4.48 6.52
C ASP A 830 -26.20 -5.42 6.39
N LEU A 831 -26.24 -6.19 5.29
CA LEU A 831 -27.33 -7.16 5.11
C LEU A 831 -27.33 -8.22 6.21
N ILE A 832 -26.15 -8.69 6.61
CA ILE A 832 -26.05 -9.69 7.66
C ILE A 832 -26.53 -9.10 8.99
N SER A 833 -26.12 -7.88 9.30
CA SER A 833 -26.58 -7.22 10.52
C SER A 833 -28.10 -7.08 10.53
N LEU A 834 -28.70 -6.82 9.36
CA LEU A 834 -30.15 -6.74 9.28
C LEU A 834 -30.78 -8.10 9.54
N LYS A 835 -30.27 -9.16 8.89
CA LYS A 835 -30.89 -10.47 9.00
C LYS A 835 -30.70 -11.08 10.38
N GLY A 836 -29.65 -10.70 11.11
CA GLY A 836 -29.35 -11.35 12.37
C GLY A 836 -29.84 -10.63 13.60
N LYS A 837 -30.27 -9.37 13.45
CA LYS A 837 -30.77 -8.56 14.55
C LYS A 837 -29.71 -8.36 15.63
N PHE A 838 -28.55 -7.85 15.20
CA PHE A 838 -27.50 -7.45 16.12
C PHE A 838 -26.75 -6.27 15.51
N SER A 839 -25.91 -5.63 16.32
CA SER A 839 -25.13 -4.50 15.87
C SER A 839 -23.73 -4.94 15.45
N ILE A 840 -23.25 -4.35 14.35
CA ILE A 840 -21.97 -4.71 13.76
C ILE A 840 -21.12 -3.45 13.61
N THR A 841 -19.86 -3.55 13.99
CA THR A 841 -18.85 -2.52 13.72
C THR A 841 -17.72 -3.19 12.94
N ALA A 842 -17.53 -2.77 11.70
CA ALA A 842 -16.62 -3.46 10.79
C ALA A 842 -15.44 -2.58 10.42
N LEU A 843 -14.32 -3.24 10.11
CA LEU A 843 -13.13 -2.54 9.65
C LEU A 843 -12.39 -3.42 8.65
N ILE A 844 -12.13 -2.88 7.47
CA ILE A 844 -11.36 -3.56 6.43
C ILE A 844 -10.13 -2.72 6.14
N ASN A 845 -8.95 -3.31 6.34
CA ASN A 845 -7.67 -2.66 6.05
C ASN A 845 -6.91 -3.56 5.09
N GLY A 846 -7.16 -3.38 3.79
CA GLY A 846 -6.51 -4.20 2.79
C GLY A 846 -7.21 -5.52 2.56
N ASP A 847 -6.59 -6.61 3.03
CA ASP A 847 -7.11 -7.96 2.88
C ASP A 847 -7.36 -8.60 4.25
N ASN A 848 -7.93 -7.83 5.17
CA ASN A 848 -8.14 -8.28 6.54
C ASN A 848 -9.42 -7.64 7.06
N GLN A 849 -10.44 -8.46 7.31
CA GLN A 849 -11.72 -7.97 7.81
C GLN A 849 -11.87 -8.29 9.29
N SER A 850 -12.28 -7.28 10.06
CA SER A 850 -12.54 -7.45 11.48
C SER A 850 -13.96 -6.98 11.78
N ILE A 851 -14.73 -7.81 12.47
CA ILE A 851 -16.11 -7.52 12.82
C ILE A 851 -16.26 -7.60 14.33
N ASP A 852 -16.88 -6.57 14.92
CA ASP A 852 -17.31 -6.59 16.32
C ASP A 852 -18.83 -6.67 16.33
N ILE A 853 -19.36 -7.70 17.01
CA ILE A 853 -20.78 -7.97 17.03
C ILE A 853 -21.29 -7.82 18.46
N SER A 854 -22.41 -7.12 18.60
CA SER A 854 -23.01 -6.83 19.91
C SER A 854 -24.50 -7.13 19.86
N LYS A 855 -25.04 -7.67 20.95
CA LYS A 855 -26.46 -8.00 21.00
C LYS A 855 -27.01 -7.98 22.41
N PRO A 856 -28.14 -7.32 22.66
CA PRO A 856 -28.76 -7.38 23.98
C PRO A 856 -29.49 -8.70 24.18
N ILE A 857 -29.19 -9.37 25.30
CA ILE A 857 -29.75 -10.68 25.62
C ILE A 857 -30.19 -10.64 27.08
N ARG A 858 -31.08 -11.58 27.42
CA ARG A 858 -31.56 -11.77 28.79
C ARG A 858 -31.02 -13.09 29.29
N LEU A 859 -30.10 -13.03 30.25
CA LEU A 859 -29.40 -14.22 30.70
C LEU A 859 -30.36 -15.19 31.37
N MET A 860 -30.13 -16.48 31.15
CA MET A 860 -30.94 -17.53 31.76
C MET A 860 -30.46 -17.76 33.19
N GLU A 861 -30.96 -18.83 33.82
CA GLU A 861 -30.54 -19.17 35.18
C GLU A 861 -29.27 -20.00 35.12
N GLY A 862 -28.22 -19.53 35.79
CA GLY A 862 -26.95 -20.21 35.84
C GLY A 862 -26.03 -19.95 34.67
N GLN A 863 -26.53 -19.35 33.59
CA GLN A 863 -25.69 -19.06 32.44
C GLN A 863 -24.75 -17.91 32.74
N THR A 864 -23.51 -18.03 32.27
CA THR A 864 -22.46 -17.05 32.51
C THR A 864 -22.29 -16.17 31.27
N HIS A 865 -21.66 -15.02 31.47
CA HIS A 865 -21.35 -14.13 30.35
C HIS A 865 -20.52 -14.83 29.28
N ALA A 866 -19.59 -15.70 29.71
CA ALA A 866 -18.72 -16.39 28.76
C ALA A 866 -19.53 -17.28 27.82
N GLN A 867 -20.48 -18.05 28.36
CA GLN A 867 -21.27 -18.93 27.53
C GLN A 867 -22.19 -18.17 26.60
N ALA A 868 -22.71 -17.02 27.05
CA ALA A 868 -23.54 -16.19 26.18
C ALA A 868 -22.72 -15.61 25.03
N ASP A 869 -21.51 -15.11 25.33
CA ASP A 869 -20.63 -14.62 24.28
C ASP A 869 -20.27 -15.72 23.30
N TYR A 870 -20.05 -16.94 23.80
CA TYR A 870 -19.70 -18.04 22.91
C TYR A 870 -20.87 -18.44 22.02
N LEU A 871 -22.08 -18.48 22.57
CA LEU A 871 -23.27 -18.77 21.76
C LEU A 871 -23.47 -17.71 20.70
N LEU A 872 -23.31 -16.43 21.08
CA LEU A 872 -23.42 -15.35 20.10
C LEU A 872 -22.39 -15.50 18.99
N ALA A 873 -21.15 -15.83 19.34
CA ALA A 873 -20.11 -16.02 18.34
C ALA A 873 -20.46 -17.16 17.39
N LEU A 874 -20.93 -18.28 17.92
CA LEU A 874 -21.26 -19.42 17.07
C LEU A 874 -22.42 -19.11 16.13
N ASN A 875 -23.47 -18.48 16.64
CA ASN A 875 -24.61 -18.14 15.79
C ASN A 875 -24.23 -17.11 14.73
N SER A 876 -23.46 -16.10 15.11
CA SER A 876 -23.00 -15.11 14.15
C SER A 876 -22.12 -15.74 13.08
N LEU A 877 -21.28 -16.70 13.46
CA LEU A 877 -20.44 -17.38 12.48
C LEU A 877 -21.29 -18.21 11.52
N LYS A 878 -22.31 -18.90 12.02
CA LYS A 878 -23.21 -19.63 11.14
C LYS A 878 -23.89 -18.69 10.15
N LEU A 879 -24.39 -17.55 10.64
CA LEU A 879 -25.08 -16.60 9.78
C LEU A 879 -24.13 -16.02 8.74
N LEU A 880 -22.90 -15.70 9.13
CA LEU A 880 -21.92 -15.16 8.21
C LEU A 880 -21.56 -16.18 7.13
N TYR A 881 -21.35 -17.44 7.52
CA TYR A 881 -21.06 -18.48 6.54
C TYR A 881 -22.20 -18.63 5.55
N LYS A 882 -23.43 -18.64 6.04
CA LYS A 882 -24.57 -18.83 5.15
C LYS A 882 -24.75 -17.65 4.20
N GLU A 883 -24.61 -16.43 4.71
CA GLU A 883 -24.80 -15.26 3.85
C GLU A 883 -23.66 -15.10 2.85
N TYR A 884 -22.46 -15.57 3.18
CA TYR A 884 -21.38 -15.52 2.21
C TYR A 884 -21.53 -16.63 1.17
N ALA A 885 -21.98 -17.82 1.57
CA ALA A 885 -22.23 -18.87 0.61
C ALA A 885 -23.42 -18.55 -0.30
N GLY A 886 -24.32 -17.68 0.15
CA GLY A 886 -25.43 -17.29 -0.71
C GLY A 886 -25.00 -16.58 -1.97
N ILE A 887 -23.84 -15.92 -1.95
CA ILE A 887 -23.32 -15.19 -3.10
C ILE A 887 -22.11 -15.90 -3.71
N GLY A 888 -21.88 -17.16 -3.35
CA GLY A 888 -20.87 -17.95 -4.00
C GLY A 888 -19.48 -17.90 -3.40
N HIS A 889 -19.35 -17.55 -2.12
CA HIS A 889 -18.06 -17.51 -1.44
C HIS A 889 -18.09 -18.53 -0.31
N LYS A 890 -17.29 -19.58 -0.44
CA LYS A 890 -17.25 -20.66 0.54
C LYS A 890 -16.11 -20.38 1.52
N LEU A 891 -16.45 -20.00 2.74
CA LEU A 891 -15.44 -19.70 3.75
C LEU A 891 -14.84 -20.97 4.30
N LYS A 892 -13.53 -20.95 4.53
CA LYS A 892 -12.79 -22.08 5.08
C LYS A 892 -12.44 -21.80 6.53
N GLY A 893 -12.28 -22.88 7.30
CA GLY A 893 -11.88 -22.77 8.68
C GLY A 893 -10.45 -22.34 8.88
N THR A 894 -9.69 -22.19 7.79
CA THR A 894 -8.33 -21.68 7.85
C THR A 894 -8.27 -20.17 7.70
N GLU A 895 -9.36 -19.54 7.25
CA GLU A 895 -9.38 -18.12 6.94
C GLU A 895 -10.16 -17.30 7.96
N THR A 896 -10.81 -17.93 8.93
CA THR A 896 -11.71 -17.24 9.84
C THR A 896 -11.49 -17.75 11.25
N TYR A 897 -11.57 -16.84 12.24
CA TYR A 897 -11.62 -17.27 13.62
C TYR A 897 -12.39 -16.27 14.47
N ILE A 898 -12.79 -16.72 15.65
CA ILE A 898 -13.64 -15.94 16.55
C ILE A 898 -12.93 -15.77 17.88
N SER A 899 -13.13 -14.62 18.51
CA SER A 899 -12.57 -14.35 19.83
C SER A 899 -13.44 -13.32 20.53
N ARG A 900 -13.03 -12.92 21.72
CA ARG A 900 -13.83 -11.92 22.42
C ARG A 900 -13.03 -10.73 22.94
N ASP A 901 -11.83 -10.95 23.47
CA ASP A 901 -11.14 -9.94 24.26
C ASP A 901 -9.67 -9.81 23.86
N MET A 902 -9.41 -9.69 22.56
CA MET A 902 -8.06 -9.38 22.09
C MET A 902 -8.18 -8.66 20.76
N GLN A 903 -7.62 -7.45 20.68
CA GLN A 903 -7.73 -6.62 19.49
C GLN A 903 -6.59 -6.97 18.54
N PHE A 904 -6.94 -7.54 17.39
CA PHE A 904 -5.98 -7.89 16.35
C PHE A 904 -6.41 -7.25 15.04
N MET A 905 -5.47 -6.61 14.36
CA MET A 905 -5.75 -6.01 13.05
C MET A 905 -4.44 -5.76 12.34
N SER A 906 -4.27 -6.37 11.17
CA SER A 906 -3.10 -6.13 10.30
C SER A 906 -1.80 -6.45 11.03
N LYS A 907 -1.75 -7.63 11.66
CA LYS A 907 -0.56 -8.14 12.33
C LYS A 907 -0.11 -7.23 13.47
N THR A 908 -1.08 -6.61 14.16
CA THR A 908 -0.81 -5.73 15.28
C THR A 908 -1.67 -6.20 16.45
N ILE A 909 -1.05 -6.30 17.63
CA ILE A 909 -1.68 -6.94 18.79
C ILE A 909 -1.83 -5.93 19.91
N GLN A 910 -3.06 -5.81 20.43
CA GLN A 910 -3.35 -5.04 21.63
C GLN A 910 -4.18 -5.88 22.58
N HIS A 911 -3.88 -5.76 23.87
CA HIS A 911 -4.60 -6.50 24.90
C HIS A 911 -4.72 -5.62 26.13
N ASN A 912 -5.93 -5.46 26.64
CA ASN A 912 -6.22 -4.64 27.82
C ASN A 912 -5.74 -3.20 27.65
N GLY A 913 -5.69 -2.73 26.41
CA GLY A 913 -5.24 -1.39 26.12
C GLY A 913 -3.74 -1.23 25.95
N VAL A 914 -2.96 -2.28 26.13
CA VAL A 914 -1.51 -2.23 25.95
C VAL A 914 -1.16 -2.82 24.60
N TYR A 915 -0.24 -2.18 23.89
CA TYR A 915 0.14 -2.56 22.54
C TYR A 915 1.44 -3.36 22.58
N TYR A 916 1.53 -4.40 21.76
CA TYR A 916 2.67 -5.32 21.76
C TYR A 916 3.35 -5.33 20.40
N PRO A 917 4.55 -4.75 20.27
CA PRO A 917 5.15 -4.56 18.94
C PRO A 917 6.04 -5.70 18.46
N ALA A 918 6.53 -5.55 17.22
CA ALA A 918 7.37 -6.55 16.55
C ALA A 918 8.56 -5.86 15.85
N SER A 919 9.28 -5.02 16.60
CA SER A 919 10.34 -4.19 16.02
C SER A 919 11.47 -5.03 15.43
N ILE A 920 11.87 -6.10 16.13
CA ILE A 920 12.99 -6.91 15.67
C ILE A 920 12.73 -7.44 14.27
N LYS A 921 11.46 -7.73 13.94
CA LYS A 921 11.12 -8.20 12.61
C LYS A 921 11.42 -7.15 11.55
N LYS A 922 11.31 -5.87 11.90
CA LYS A 922 11.51 -4.80 10.93
C LYS A 922 12.94 -4.29 10.87
N VAL A 923 13.77 -4.59 11.87
CA VAL A 923 15.17 -4.18 11.82
C VAL A 923 16.09 -5.31 11.36
N LEU A 924 15.56 -6.29 10.61
CA LEU A 924 16.34 -7.48 10.31
C LEU A 924 17.35 -7.27 9.18
N ARG A 925 17.08 -6.35 8.26
CA ARG A 925 17.89 -6.19 7.05
C ARG A 925 18.79 -4.97 7.08
N VAL A 926 19.13 -4.45 8.25
CA VAL A 926 20.03 -3.30 8.33
C VAL A 926 21.43 -3.74 7.97
N GLY A 927 22.03 -3.07 6.99
CA GLY A 927 23.33 -3.42 6.49
C GLY A 927 24.03 -2.31 5.73
N PRO A 928 25.09 -2.65 5.00
CA PRO A 928 25.95 -1.62 4.40
C PRO A 928 25.30 -0.73 3.34
N TRP A 929 24.75 -1.29 2.27
CA TRP A 929 24.35 -0.47 1.14
C TRP A 929 22.86 -0.57 0.86
N ILE A 930 22.04 -0.48 1.90
CA ILE A 930 20.62 -0.76 1.79
C ILE A 930 19.87 0.42 1.18
N ASN A 931 18.93 0.11 0.28
CA ASN A 931 17.93 1.05 -0.19
C ASN A 931 18.52 2.23 -0.96
N THR A 932 19.63 2.01 -1.65
CA THR A 932 20.28 3.07 -2.43
C THR A 932 20.24 2.73 -3.92
N ILE A 933 20.62 3.73 -4.71
CA ILE A 933 20.81 3.59 -6.14
C ILE A 933 22.24 3.97 -6.46
N LEU A 934 22.96 3.07 -7.11
CA LEU A 934 24.39 3.23 -7.42
C LEU A 934 25.25 3.29 -6.17
N ASP A 935 24.78 2.70 -5.08
CA ASP A 935 25.52 2.61 -3.82
C ASP A 935 25.81 3.99 -3.24
N ASP A 936 24.77 4.81 -3.13
CA ASP A 936 24.90 6.14 -2.56
C ASP A 936 25.20 6.05 -1.07
N PHE A 937 26.19 6.82 -0.63
CA PHE A 937 26.63 6.79 0.77
C PHE A 937 25.62 7.49 1.69
N LYS A 938 25.13 8.66 1.26
CA LYS A 938 24.24 9.46 2.09
C LYS A 938 22.89 8.78 2.29
N VAL A 939 22.31 8.26 1.20
CA VAL A 939 21.03 7.58 1.29
C VAL A 939 21.14 6.32 2.16
N SER A 940 22.27 5.64 2.10
CA SER A 940 22.46 4.44 2.91
C SER A 940 22.52 4.81 4.39
N LEU A 941 23.27 5.86 4.73
CA LEU A 941 23.26 6.33 6.13
C LEU A 941 21.86 6.70 6.58
N GLU A 942 21.12 7.42 5.74
CA GLU A 942 19.77 7.85 6.10
C GLU A 942 18.85 6.66 6.34
N SER A 943 18.94 5.64 5.47
CA SER A 943 18.06 4.49 5.62
C SER A 943 18.42 3.65 6.84
N ILE A 944 19.73 3.52 7.13
CA ILE A 944 20.13 2.84 8.36
C ILE A 944 19.52 3.53 9.56
N GLY A 945 19.63 4.86 9.63
CA GLY A 945 19.11 5.58 10.78
C GLY A 945 17.60 5.46 10.91
N SER A 946 16.89 5.63 9.78
CA SER A 946 15.43 5.57 9.83
C SER A 946 14.94 4.17 10.16
N LEU A 947 15.66 3.13 9.76
CA LEU A 947 15.26 1.78 10.10
C LEU A 947 15.57 1.44 11.54
N THR A 948 16.63 1.99 12.11
CA THR A 948 16.94 1.70 13.50
C THR A 948 16.16 2.58 14.49
N GLN A 949 15.50 3.65 14.03
CA GLN A 949 14.63 4.38 14.96
C GLN A 949 13.47 3.53 15.51
N GLU A 950 13.23 2.35 14.96
CA GLU A 950 12.04 1.59 15.33
C GLU A 950 12.25 0.80 16.62
N LEU A 951 13.51 0.55 17.00
CA LEU A 951 13.77 -0.03 18.30
C LEU A 951 13.57 0.97 19.43
N GLU A 952 13.24 2.22 19.11
CA GLU A 952 12.93 3.25 20.09
C GLU A 952 11.50 3.75 19.98
N TYR A 953 10.97 3.88 18.76
CA TYR A 953 9.60 4.34 18.62
C TYR A 953 8.61 3.26 19.04
N ARG A 954 8.88 2.01 18.68
CA ARG A 954 8.03 0.88 19.05
C ARG A 954 8.61 0.06 20.20
N GLY A 955 9.92 -0.22 20.17
CA GLY A 955 10.53 -1.03 21.21
C GLY A 955 10.72 -0.34 22.53
N GLU A 956 10.60 0.99 22.55
CA GLU A 956 10.69 1.78 23.79
C GLU A 956 12.06 1.63 24.46
N SER A 957 13.12 1.65 23.65
CA SER A 957 14.49 1.58 24.17
C SER A 957 15.35 2.55 23.36
N LEU A 958 15.77 3.63 24.01
CA LEU A 958 16.65 4.60 23.37
C LEU A 958 18.02 4.00 23.09
N LEU A 959 18.66 3.45 24.13
CA LEU A 959 20.07 3.10 24.08
C LEU A 959 20.33 1.88 23.22
N CYS A 960 19.41 0.91 23.19
CA CYS A 960 19.57 -0.25 22.33
C CYS A 960 19.56 0.16 20.86
N SER A 961 18.57 0.98 20.48
CA SER A 961 18.52 1.53 19.13
C SER A 961 19.79 2.30 18.80
N LEU A 962 20.26 3.12 19.74
CA LEU A 962 21.46 3.91 19.50
C LEU A 962 22.69 3.03 19.25
N ILE A 963 22.88 2.00 20.08
CA ILE A 963 24.06 1.15 19.93
C ILE A 963 23.99 0.33 18.66
N PHE A 964 22.81 -0.19 18.31
CA PHE A 964 22.66 -0.92 17.05
C PHE A 964 22.98 -0.03 15.85
N ARG A 965 22.42 1.19 15.86
CA ARG A 965 22.68 2.14 14.80
C ARG A 965 24.17 2.46 14.68
N ASN A 966 24.85 2.62 15.82
CA ASN A 966 26.27 2.97 15.77
C ASN A 966 27.10 1.79 15.28
N VAL A 967 26.74 0.57 15.69
CA VAL A 967 27.40 -0.62 15.14
C VAL A 967 27.39 -0.59 13.63
N TRP A 968 26.20 -0.42 13.04
CA TRP A 968 26.15 -0.54 11.59
C TRP A 968 26.65 0.71 10.87
N LEU A 969 26.56 1.89 11.48
CA LEU A 969 27.14 3.08 10.88
C LEU A 969 28.66 2.99 10.86
N TYR A 970 29.27 2.54 11.96
CA TYR A 970 30.72 2.35 11.97
C TYR A 970 31.14 1.31 10.95
N ASN A 971 30.42 0.19 10.88
CA ASN A 971 30.75 -0.82 9.89
C ASN A 971 30.69 -0.25 8.48
N GLN A 972 29.66 0.56 8.20
CA GLN A 972 29.47 1.04 6.84
C GLN A 972 30.50 2.11 6.47
N ILE A 973 30.94 2.91 7.43
CA ILE A 973 31.84 4.03 7.12
C ILE A 973 33.30 3.61 7.22
N ALA A 974 33.72 2.97 8.31
CA ALA A 974 35.12 2.71 8.57
C ALA A 974 35.61 1.38 8.02
N LEU A 975 34.72 0.56 7.46
CA LEU A 975 35.12 -0.75 6.95
C LEU A 975 34.67 -1.05 5.52
N GLN A 976 33.63 -0.40 5.02
CA GLN A 976 33.08 -0.76 3.72
C GLN A 976 33.20 0.32 2.65
N LEU A 977 33.76 1.49 2.97
CA LEU A 977 34.01 2.49 1.92
C LEU A 977 35.19 2.11 1.03
N LYS A 978 36.16 1.36 1.56
CA LYS A 978 37.29 0.92 0.76
C LYS A 978 36.88 -0.03 -0.35
N ASN A 979 35.66 -0.58 -0.29
CA ASN A 979 35.21 -1.62 -1.21
C ASN A 979 34.03 -1.16 -2.06
N HIS A 980 34.02 0.10 -2.47
CA HIS A 980 32.93 0.59 -3.32
C HIS A 980 33.05 -0.01 -4.72
N ALA A 981 31.91 -0.39 -5.28
CA ALA A 981 31.91 -1.10 -6.56
C ALA A 981 32.31 -0.20 -7.73
N LEU A 982 32.07 1.11 -7.62
CA LEU A 982 32.36 2.05 -8.69
C LEU A 982 33.33 3.14 -8.31
N CYS A 983 33.62 3.32 -7.01
CA CYS A 983 34.39 4.46 -6.50
C CYS A 983 35.53 3.92 -5.64
N ASN A 984 36.35 3.05 -6.25
CA ASN A 984 37.10 1.98 -5.58
C ASN A 984 37.57 2.34 -4.18
N ASN A 985 38.39 3.38 -4.03
CA ASN A 985 38.72 3.84 -2.68
C ASN A 985 38.84 5.36 -2.61
N LYS A 986 38.23 6.09 -3.54
CA LYS A 986 38.32 7.55 -3.51
C LYS A 986 37.53 8.14 -2.36
N LEU A 987 36.36 7.56 -2.06
CA LEU A 987 35.55 8.04 -0.96
C LEU A 987 36.25 7.88 0.38
N TYR A 988 37.07 6.82 0.52
CA TYR A 988 37.79 6.62 1.77
C TYR A 988 38.90 7.65 1.93
N LEU A 989 39.56 8.02 0.83
CA LEU A 989 40.58 9.06 0.90
C LEU A 989 39.94 10.42 1.19
N ASP A 990 38.77 10.68 0.63
CA ASP A 990 38.01 11.87 0.99
C ASP A 990 37.70 11.88 2.48
N ILE A 991 37.23 10.75 3.01
CA ILE A 991 36.92 10.66 4.44
C ILE A 991 38.17 10.93 5.28
N LEU A 992 39.32 10.40 4.86
CA LEU A 992 40.53 10.58 5.64
C LEU A 992 41.00 12.03 5.62
N LYS A 993 40.87 12.71 4.49
CA LYS A 993 41.25 14.12 4.46
C LYS A 993 40.27 14.98 5.25
N VAL A 994 39.00 14.61 5.28
CA VAL A 994 38.03 15.33 6.13
C VAL A 994 38.35 15.10 7.60
N LEU A 995 38.77 13.89 7.96
CA LEU A 995 39.12 13.62 9.35
C LEU A 995 40.38 14.38 9.76
N LYS A 996 41.34 14.51 8.85
CA LYS A 996 42.52 15.34 9.13
C LYS A 996 42.14 16.79 9.32
N HIS A 997 41.27 17.32 8.45
CA HIS A 997 40.79 18.69 8.62
C HIS A 997 40.09 18.89 9.96
N LEU A 998 39.24 17.94 10.35
CA LEU A 998 38.55 18.04 11.63
C LEU A 998 39.52 17.97 12.80
N LYS A 999 40.55 17.14 12.69
CA LYS A 999 41.54 17.02 13.76
C LYS A 999 42.35 18.30 13.90
N THR A 1000 42.60 19.00 12.79
CA THR A 1000 43.33 20.26 12.88
C THR A 1000 42.44 21.39 13.40
N PHE A 1001 41.21 21.48 12.89
CA PHE A 1001 40.32 22.58 13.25
C PHE A 1001 39.97 22.54 14.74
N PHE A 1002 39.60 21.38 15.25
CA PHE A 1002 39.13 21.24 16.62
C PHE A 1002 40.23 20.86 17.60
N ASN A 1003 41.46 20.70 17.14
CA ASN A 1003 42.61 20.40 17.99
C ASN A 1003 42.42 19.09 18.74
N LEU A 1004 42.03 18.06 18.00
CA LEU A 1004 41.87 16.73 18.57
C LEU A 1004 43.22 16.02 18.60
N ASP A 1005 43.25 14.83 19.18
CA ASP A 1005 44.51 14.11 19.37
C ASP A 1005 44.73 12.99 18.35
N ASN A 1006 43.68 12.37 17.85
CA ASN A 1006 43.83 11.24 16.92
C ASN A 1006 42.89 11.41 15.74
N ILE A 1007 42.96 10.44 14.83
CA ILE A 1007 41.94 10.28 13.82
C ILE A 1007 40.77 9.48 14.38
N ASP A 1008 41.00 8.73 15.46
CA ASP A 1008 39.92 8.02 16.13
C ASP A 1008 38.94 9.00 16.77
N THR A 1009 39.45 9.98 17.52
CA THR A 1009 38.60 11.02 18.08
C THR A 1009 37.94 11.83 16.98
N ALA A 1010 38.66 12.06 15.88
CA ALA A 1010 38.09 12.80 14.76
C ALA A 1010 36.91 12.05 14.16
N LEU A 1011 37.00 10.72 14.08
CA LEU A 1011 35.87 9.95 13.55
C LEU A 1011 34.72 9.87 14.54
N THR A 1012 35.03 9.77 15.83
CA THR A 1012 33.98 9.84 16.85
C THR A 1012 33.21 11.16 16.76
N LEU A 1013 33.92 12.26 16.52
CA LEU A 1013 33.25 13.55 16.38
C LEU A 1013 32.48 13.63 15.06
N TYR A 1014 33.07 13.12 13.98
CA TYR A 1014 32.42 13.19 12.67
C TYR A 1014 31.11 12.43 12.66
N MET A 1015 31.06 11.27 13.33
CA MET A 1015 29.86 10.46 13.34
C MET A 1015 28.75 11.05 14.21
N ASN A 1016 29.04 12.11 14.97
CA ASN A 1016 28.08 12.70 15.89
C ASN A 1016 27.63 14.09 15.48
N LEU A 1017 28.03 14.57 14.30
CA LEU A 1017 27.52 15.88 13.95
C LEU A 1017 26.61 15.78 12.72
N PRO A 1018 25.61 16.66 12.60
CA PRO A 1018 24.50 16.42 11.67
C PRO A 1018 24.94 16.40 10.22
N MET A 1019 24.12 15.74 9.40
CA MET A 1019 24.36 15.64 7.96
C MET A 1019 24.05 16.93 7.22
N LEU A 1020 23.37 17.89 7.86
CA LEU A 1020 23.10 19.16 7.19
C LEU A 1020 24.40 19.92 6.94
N PHE A 1021 25.33 19.89 7.89
CA PHE A 1021 26.60 20.58 7.78
C PHE A 1021 27.68 19.73 7.12
N GLY A 1022 27.33 18.56 6.60
CA GLY A 1022 28.28 17.68 5.96
C GLY A 1022 28.80 16.53 6.81
N GLY A 1023 28.23 16.30 7.98
CA GLY A 1023 28.66 15.22 8.84
C GLY A 1023 27.99 13.90 8.51
N GLY A 1024 28.08 12.97 9.46
CA GLY A 1024 27.58 11.63 9.22
C GLY A 1024 26.53 11.13 10.19
N ASP A 1025 25.86 12.05 10.89
CA ASP A 1025 24.83 11.67 11.85
C ASP A 1025 23.46 11.81 11.20
N PRO A 1026 22.76 10.71 10.89
CA PRO A 1026 21.46 10.84 10.21
C PRO A 1026 20.30 11.11 11.14
N ASN A 1027 20.47 10.94 12.46
CA ASN A 1027 19.39 11.09 13.42
C ASN A 1027 19.71 12.28 14.31
N LEU A 1028 18.95 13.35 14.17
CA LEU A 1028 19.12 14.52 15.02
C LEU A 1028 18.62 14.21 16.43
N LEU A 1029 19.14 14.97 17.39
CA LEU A 1029 18.92 14.64 18.80
C LEU A 1029 17.50 14.96 19.26
N TYR A 1030 16.77 15.80 18.54
CA TYR A 1030 15.41 16.15 18.93
C TYR A 1030 14.40 15.06 18.64
N ARG A 1031 14.75 14.07 17.81
CA ARG A 1031 13.81 13.04 17.40
C ARG A 1031 13.69 11.92 18.43
N SER A 1032 14.48 11.96 19.49
CA SER A 1032 14.27 11.10 20.64
C SER A 1032 13.18 11.62 21.57
N PHE A 1033 12.64 12.80 21.31
CA PHE A 1033 11.65 13.44 22.17
C PHE A 1033 10.38 13.86 21.44
N TYR A 1034 10.50 14.31 20.20
CA TYR A 1034 9.32 14.57 19.38
C TYR A 1034 9.67 14.31 17.92
N ARG A 1035 8.65 13.97 17.14
CA ARG A 1035 8.87 13.47 15.79
C ARG A 1035 8.91 14.55 14.73
N ARG A 1036 8.11 15.60 14.87
CA ARG A 1036 8.06 16.67 13.89
C ARG A 1036 8.72 17.93 14.43
N THR A 1037 9.09 18.82 13.50
CA THR A 1037 9.68 20.10 13.84
C THR A 1037 9.38 21.07 12.71
N PRO A 1038 9.23 22.36 13.00
CA PRO A 1038 9.00 23.36 11.95
C PRO A 1038 10.25 24.05 11.42
N ASP A 1039 11.45 23.71 11.88
CA ASP A 1039 12.66 24.42 11.47
C ASP A 1039 13.85 23.50 11.69
N PHE A 1040 14.50 23.07 10.60
CA PHE A 1040 15.60 22.11 10.69
C PHE A 1040 16.93 22.76 11.05
N LEU A 1041 17.14 24.02 10.66
CA LEU A 1041 18.44 24.65 10.89
C LEU A 1041 18.68 24.89 12.38
N THR A 1042 17.65 25.33 13.10
CA THR A 1042 17.80 25.54 14.54
C THR A 1042 18.08 24.23 15.25
N GLU A 1043 17.39 23.16 14.85
CA GLU A 1043 17.66 21.85 15.44
C GLU A 1043 19.07 21.38 15.17
N ALA A 1044 19.57 21.63 13.94
CA ALA A 1044 20.94 21.25 13.61
C ALA A 1044 21.95 22.02 14.46
N ILE A 1045 21.74 23.33 14.61
CA ILE A 1045 22.68 24.14 15.40
C ILE A 1045 22.64 23.72 16.88
N VAL A 1046 21.45 23.44 17.40
CA VAL A 1046 21.33 23.02 18.79
C VAL A 1046 22.00 21.66 19.00
N HIS A 1047 21.80 20.73 18.06
CA HIS A 1047 22.45 19.43 18.12
C HIS A 1047 23.96 19.58 18.10
N SER A 1048 24.48 20.46 17.25
CA SER A 1048 25.93 20.67 17.21
C SER A 1048 26.44 21.25 18.53
N VAL A 1049 25.70 22.18 19.13
CA VAL A 1049 26.11 22.73 20.42
C VAL A 1049 26.14 21.64 21.48
N PHE A 1050 25.09 20.82 21.53
CA PHE A 1050 25.03 19.74 22.52
C PHE A 1050 26.16 18.73 22.33
N ILE A 1051 26.49 18.42 21.08
CA ILE A 1051 27.57 17.46 20.81
C ILE A 1051 28.92 18.05 21.19
N LEU A 1052 29.19 19.30 20.79
CA LEU A 1052 30.47 19.91 21.11
C LEU A 1052 30.63 20.18 22.59
N SER A 1053 29.54 20.20 23.35
CA SER A 1053 29.64 20.26 24.81
C SER A 1053 30.47 19.10 25.36
N TYR A 1054 30.56 18.00 24.63
CA TYR A 1054 31.32 16.84 25.08
C TYR A 1054 32.81 17.13 25.14
N TYR A 1055 33.32 17.94 24.21
CA TYR A 1055 34.73 18.30 24.17
C TYR A 1055 35.03 19.63 24.83
N THR A 1056 34.08 20.56 24.85
CA THR A 1056 34.29 21.87 25.46
C THR A 1056 33.86 21.93 26.92
N ASN A 1057 33.21 20.88 27.43
CA ASN A 1057 32.79 20.77 28.83
C ASN A 1057 31.77 21.83 29.23
N HIS A 1058 31.07 22.41 28.26
CA HIS A 1058 29.99 23.34 28.58
C HIS A 1058 28.85 22.62 29.28
N ASP A 1059 28.21 23.30 30.23
CA ASP A 1059 27.10 22.74 30.99
C ASP A 1059 25.79 23.23 30.39
N LEU A 1060 24.88 22.28 30.13
CA LEU A 1060 23.60 22.58 29.50
C LEU A 1060 22.52 22.94 30.51
N LYS A 1061 22.89 23.17 31.76
CA LYS A 1061 21.98 23.73 32.77
C LYS A 1061 22.26 25.19 33.08
N ASP A 1062 23.48 25.66 32.82
CA ASP A 1062 23.80 27.07 32.89
C ASP A 1062 23.39 27.73 31.58
N LYS A 1063 23.82 28.97 31.36
CA LYS A 1063 23.54 29.69 30.13
C LYS A 1063 24.77 29.68 29.22
N LEU A 1064 24.60 30.24 28.02
CA LEU A 1064 25.70 30.35 27.07
C LEU A 1064 26.75 31.30 27.61
N GLN A 1065 27.92 30.78 27.95
CA GLN A 1065 29.00 31.57 28.50
C GLN A 1065 30.23 31.51 27.59
N ASP A 1066 31.06 32.54 27.69
CA ASP A 1066 32.37 32.54 27.05
C ASP A 1066 33.39 32.00 28.04
N LEU A 1067 34.05 30.90 27.68
CA LEU A 1067 35.05 30.26 28.52
C LEU A 1067 36.39 30.23 27.79
N SER A 1068 37.39 29.63 28.44
CA SER A 1068 38.71 29.53 27.82
C SER A 1068 38.73 28.54 26.67
N ASP A 1069 37.79 27.61 26.62
CA ASP A 1069 37.65 26.70 25.50
C ASP A 1069 36.81 27.38 24.43
N ASP A 1070 37.44 27.71 23.30
CA ASP A 1070 36.78 28.46 22.24
C ASP A 1070 36.46 27.61 21.02
N ARG A 1071 36.16 26.33 21.21
CA ARG A 1071 35.77 25.49 20.08
C ARG A 1071 34.38 25.85 19.59
N LEU A 1072 33.46 26.14 20.50
CA LEU A 1072 32.09 26.45 20.11
C LEU A 1072 31.99 27.85 19.53
N ASN A 1073 32.74 28.81 20.08
CA ASN A 1073 32.83 30.14 19.47
C ASN A 1073 33.38 30.05 18.06
N LYS A 1074 34.43 29.24 17.86
CA LYS A 1074 35.00 29.05 16.53
C LYS A 1074 33.97 28.45 15.58
N PHE A 1075 33.25 27.43 16.04
CA PHE A 1075 32.24 26.78 15.21
C PHE A 1075 31.15 27.77 14.80
N LEU A 1076 30.61 28.51 15.76
CA LEU A 1076 29.53 29.45 15.44
C LEU A 1076 30.02 30.58 14.54
N THR A 1077 31.26 31.03 14.74
CA THR A 1077 31.82 32.07 13.88
C THR A 1077 31.94 31.57 12.45
N CYS A 1078 32.44 30.35 12.26
CA CYS A 1078 32.49 29.79 10.91
C CYS A 1078 31.10 29.54 10.34
N ILE A 1079 30.09 29.36 11.19
CA ILE A 1079 28.74 29.17 10.68
C ILE A 1079 28.16 30.47 10.17
N ILE A 1080 28.38 31.58 10.89
CA ILE A 1080 27.77 32.85 10.49
C ILE A 1080 28.63 33.68 9.54
N THR A 1081 29.88 33.30 9.33
CA THR A 1081 30.78 34.03 8.43
C THR A 1081 31.04 33.20 7.19
N PHE A 1082 30.67 33.75 6.03
CA PHE A 1082 30.97 33.13 4.74
C PHE A 1082 30.73 34.18 3.66
N ASP A 1083 31.01 33.80 2.41
CA ASP A 1083 30.88 34.68 1.27
C ASP A 1083 29.52 34.48 0.61
N LYS A 1084 28.71 35.53 0.59
CA LYS A 1084 27.39 35.44 -0.03
C LYS A 1084 27.52 35.20 -1.53
N ASN A 1085 26.73 34.26 -2.04
CA ASN A 1085 26.76 33.90 -3.45
C ASN A 1085 25.40 33.36 -3.89
N PRO A 1086 24.34 34.14 -3.81
CA PRO A 1086 23.01 33.61 -4.11
C PRO A 1086 22.77 33.47 -5.61
N ASN A 1087 21.86 32.56 -5.94
CA ASN A 1087 21.52 32.29 -7.34
C ASN A 1087 20.19 31.56 -7.37
N ALA A 1088 19.22 32.12 -8.09
CA ALA A 1088 17.87 31.54 -8.24
C ALA A 1088 17.21 31.37 -6.86
N GLU A 1089 17.04 32.49 -6.17
CA GLU A 1089 16.55 32.46 -4.80
C GLU A 1089 15.11 31.98 -4.72
N PHE A 1090 14.23 32.53 -5.55
CA PHE A 1090 12.79 32.38 -5.36
C PHE A 1090 12.25 31.06 -5.87
N VAL A 1091 12.74 30.55 -7.01
CA VAL A 1091 12.29 29.23 -7.45
C VAL A 1091 12.81 28.15 -6.49
N THR A 1092 14.01 28.34 -5.95
CA THR A 1092 14.56 27.38 -4.99
C THR A 1092 13.76 27.40 -3.69
N LEU A 1093 13.42 28.59 -3.18
CA LEU A 1093 12.57 28.66 -2.00
C LEU A 1093 11.14 28.21 -2.30
N MET A 1094 10.74 28.22 -3.57
CA MET A 1094 9.44 27.66 -3.94
C MET A 1094 9.45 26.15 -3.81
N ARG A 1095 10.46 25.49 -4.36
CA ARG A 1095 10.50 24.03 -4.32
C ARG A 1095 11.01 23.47 -3.00
N ASP A 1096 11.60 24.31 -2.13
CA ASP A 1096 11.96 23.90 -0.78
C ASP A 1096 12.07 25.13 0.12
N PRO A 1097 11.03 25.43 0.90
CA PRO A 1097 11.08 26.63 1.76
C PRO A 1097 12.12 26.58 2.86
N GLN A 1098 12.86 25.49 3.02
CA GLN A 1098 13.89 25.38 4.05
C GLN A 1098 15.30 25.41 3.48
N ALA A 1099 15.47 25.69 2.20
CA ALA A 1099 16.79 25.70 1.59
C ALA A 1099 17.63 26.86 2.14
N LEU A 1100 18.95 26.70 2.07
CA LEU A 1100 19.88 27.67 2.62
C LEU A 1100 20.47 28.60 1.55
N GLY A 1101 21.15 28.06 0.57
CA GLY A 1101 21.74 28.86 -0.48
C GLY A 1101 23.21 29.18 -0.20
N SER A 1102 23.88 29.66 -1.25
CA SER A 1102 25.30 29.99 -1.23
C SER A 1102 26.15 28.75 -0.93
N GLU A 1103 25.66 27.59 -1.35
CA GLU A 1103 26.33 26.31 -1.16
C GLU A 1103 26.67 26.06 0.31
N ARG A 1104 25.68 26.33 1.17
CA ARG A 1104 25.84 26.15 2.61
C ARG A 1104 25.24 24.84 3.11
N GLN A 1105 24.66 24.03 2.21
CA GLN A 1105 24.09 22.75 2.58
C GLN A 1105 24.40 21.74 1.48
N ALA A 1106 24.15 20.47 1.79
CA ALA A 1106 24.44 19.39 0.87
C ALA A 1106 23.38 19.28 -0.22
N LYS A 1107 23.79 18.78 -1.37
CA LYS A 1107 22.89 18.63 -2.52
C LYS A 1107 22.29 17.23 -2.56
N ILE A 1108 21.09 17.14 -3.12
CA ILE A 1108 20.39 15.88 -3.25
C ILE A 1108 20.36 15.46 -4.72
N THR A 1109 19.89 14.24 -4.96
CA THR A 1109 20.01 13.65 -6.29
C THR A 1109 19.13 14.35 -7.32
N SER A 1110 17.98 14.89 -6.90
CA SER A 1110 17.08 15.53 -7.85
C SER A 1110 17.71 16.78 -8.45
N GLU A 1111 18.32 17.63 -7.62
CA GLU A 1111 18.97 18.83 -8.11
C GLU A 1111 20.13 18.49 -9.04
N ILE A 1112 20.76 17.33 -8.84
CA ILE A 1112 21.89 16.93 -9.68
C ILE A 1112 21.41 16.38 -11.02
N ASN A 1113 20.31 15.63 -11.01
CA ASN A 1113 19.86 14.92 -12.20
C ASN A 1113 18.81 15.68 -13.00
N ARG A 1114 18.36 16.84 -12.51
CA ARG A 1114 17.32 17.60 -13.21
C ARG A 1114 17.70 17.92 -14.65
N LEU A 1115 18.88 18.51 -14.84
CA LEU A 1115 19.27 18.95 -16.18
C LEU A 1115 19.47 17.77 -17.12
N ALA A 1116 20.04 16.67 -16.62
CA ALA A 1116 20.20 15.48 -17.44
C ALA A 1116 18.83 14.93 -17.86
N VAL A 1117 17.88 14.88 -16.93
CA VAL A 1117 16.55 14.40 -17.26
C VAL A 1117 15.90 15.29 -18.31
N THR A 1118 16.05 16.60 -18.18
CA THR A 1118 15.40 17.50 -19.14
C THR A 1118 16.04 17.42 -20.52
N GLU A 1119 17.36 17.24 -20.60
CA GLU A 1119 17.98 17.07 -21.91
C GLU A 1119 17.66 15.71 -22.53
N VAL A 1120 17.42 14.68 -21.71
CA VAL A 1120 16.98 13.40 -22.26
C VAL A 1120 15.53 13.52 -22.75
N LEU A 1121 14.70 14.26 -22.03
CA LEU A 1121 13.30 14.41 -22.40
C LEU A 1121 13.10 15.34 -23.59
N SER A 1122 14.04 16.25 -23.84
CA SER A 1122 13.93 17.15 -24.98
C SER A 1122 13.91 16.42 -26.31
N THR A 1123 14.30 15.15 -26.33
CA THR A 1123 14.36 14.38 -27.57
C THR A 1123 13.31 13.28 -27.65
N ALA A 1124 12.38 13.24 -26.70
CA ALA A 1124 11.34 12.23 -26.74
C ALA A 1124 10.40 12.48 -27.91
N PRO A 1125 9.88 11.42 -28.55
CA PRO A 1125 8.95 11.63 -29.67
C PRO A 1125 7.62 12.21 -29.26
N ASN A 1126 7.26 12.14 -27.97
CA ASN A 1126 6.02 12.73 -27.48
C ASN A 1126 6.21 14.24 -27.33
N LYS A 1127 5.34 15.02 -27.96
CA LYS A 1127 5.49 16.47 -27.96
C LYS A 1127 5.17 17.09 -26.61
N ILE A 1128 4.23 16.47 -25.86
CA ILE A 1128 3.86 16.98 -24.54
C ILE A 1128 5.05 16.98 -23.60
N PHE A 1129 6.00 16.06 -23.80
CA PHE A 1129 7.21 16.05 -23.01
C PHE A 1129 8.32 16.88 -23.65
N SER A 1130 8.40 16.87 -24.99
CA SER A 1130 9.47 17.58 -25.68
C SER A 1130 9.36 19.08 -25.47
N LYS A 1131 8.16 19.65 -25.65
CA LYS A 1131 8.00 21.09 -25.49
C LYS A 1131 8.25 21.52 -24.05
N SER A 1132 7.77 20.73 -23.08
CA SER A 1132 8.02 21.02 -21.68
C SER A 1132 9.51 21.03 -21.38
N ALA A 1133 10.23 20.00 -21.83
CA ALA A 1133 11.66 19.91 -21.54
C ALA A 1133 12.46 20.96 -22.30
N GLN A 1134 11.95 21.45 -23.43
CA GLN A 1134 12.63 22.51 -24.16
C GLN A 1134 12.37 23.89 -23.58
N HIS A 1135 11.26 24.07 -22.87
CA HIS A 1135 10.94 25.35 -22.24
C HIS A 1135 11.25 25.38 -20.74
N TYR A 1136 11.77 24.28 -20.20
CA TYR A 1136 12.06 24.18 -18.76
C TYR A 1136 12.89 25.36 -18.24
N THR A 1137 13.99 25.67 -18.91
CA THR A 1137 14.93 26.65 -18.35
C THR A 1137 14.36 28.06 -18.36
N THR A 1138 13.77 28.47 -19.49
CA THR A 1138 13.12 29.78 -19.53
C THR A 1138 11.93 29.86 -18.60
N THR A 1139 11.23 28.74 -18.38
CA THR A 1139 10.15 28.74 -17.41
C THR A 1139 10.68 28.95 -15.99
N GLU A 1140 11.84 28.34 -15.68
CA GLU A 1140 12.45 28.58 -14.38
C GLU A 1140 12.86 30.04 -14.22
N ILE A 1141 13.37 30.65 -15.29
CA ILE A 1141 13.76 32.05 -15.23
C ILE A 1141 12.54 32.92 -14.96
N ASP A 1142 11.45 32.69 -15.70
CA ASP A 1142 10.24 33.47 -15.49
C ASP A 1142 9.66 33.26 -14.10
N LEU A 1143 9.64 32.01 -13.62
CA LEU A 1143 9.11 31.70 -12.31
C LEU A 1143 9.93 32.36 -11.20
N ASN A 1144 11.24 32.52 -11.42
CA ASN A 1144 12.03 33.28 -10.47
C ASN A 1144 11.74 34.78 -10.58
N ASP A 1145 11.39 35.26 -11.77
CA ASP A 1145 11.11 36.68 -11.95
C ASP A 1145 9.73 37.09 -11.46
N ILE A 1146 8.82 36.14 -11.24
CA ILE A 1146 7.43 36.50 -10.92
C ILE A 1146 7.37 37.26 -9.59
N MET A 1147 7.77 36.62 -8.50
CA MET A 1147 7.52 37.13 -7.15
C MET A 1147 8.77 37.72 -6.50
N GLN A 1148 9.59 38.42 -7.27
CA GLN A 1148 10.86 38.93 -6.76
C GLN A 1148 10.76 40.31 -6.10
N ASN A 1149 9.75 41.10 -6.45
CA ASN A 1149 9.64 42.46 -5.93
C ASN A 1149 8.75 42.58 -4.72
N ILE A 1150 8.05 41.51 -4.33
CA ILE A 1150 7.38 41.47 -3.04
C ILE A 1150 8.46 41.28 -1.98
N GLU A 1151 8.73 42.33 -1.22
CA GLU A 1151 9.97 42.39 -0.44
C GLU A 1151 9.94 41.48 0.79
N PRO A 1152 8.94 41.57 1.68
CA PRO A 1152 8.91 40.61 2.79
C PRO A 1152 8.71 39.21 2.27
N THR A 1153 9.74 38.37 2.38
CA THR A 1153 9.74 37.05 1.76
C THR A 1153 9.06 36.06 2.69
N TYR A 1154 8.02 35.40 2.19
CA TYR A 1154 7.31 34.35 2.93
C TYR A 1154 7.39 33.07 2.11
N PRO A 1155 8.37 32.20 2.38
CA PRO A 1155 8.56 31.02 1.52
C PRO A 1155 7.39 30.06 1.51
N HIS A 1156 6.53 30.10 2.52
CA HIS A 1156 5.33 29.25 2.50
C HIS A 1156 4.27 29.81 1.55
N GLY A 1157 4.12 31.14 1.52
CA GLY A 1157 3.29 31.75 0.50
C GLY A 1157 3.87 31.58 -0.88
N LEU A 1158 5.19 31.59 -1.00
CA LEU A 1158 5.84 31.26 -2.26
C LEU A 1158 5.53 29.83 -2.68
N ARG A 1159 5.50 28.91 -1.71
CA ARG A 1159 5.11 27.53 -2.01
C ARG A 1159 3.66 27.45 -2.48
N VAL A 1160 2.78 28.23 -1.86
CA VAL A 1160 1.38 28.24 -2.30
C VAL A 1160 1.26 28.78 -3.71
N VAL A 1161 2.03 29.83 -4.04
CA VAL A 1161 2.05 30.34 -5.41
C VAL A 1161 2.56 29.29 -6.37
N TYR A 1162 3.61 28.56 -5.97
CA TYR A 1162 4.22 27.55 -6.82
C TYR A 1162 3.25 26.41 -7.12
N GLU A 1163 2.52 25.94 -6.09
CA GLU A 1163 1.64 24.78 -6.25
C GLU A 1163 0.42 25.08 -7.11
N SER A 1164 0.11 26.35 -7.36
CA SER A 1164 -1.07 26.70 -8.13
C SER A 1164 -0.77 26.92 -9.61
N LEU A 1165 0.37 26.47 -10.10
CA LEU A 1165 0.80 26.63 -11.48
C LEU A 1165 1.09 25.28 -12.10
N PRO A 1166 1.04 25.17 -13.44
CA PRO A 1166 1.29 23.87 -14.09
C PRO A 1166 2.74 23.40 -14.03
N PHE A 1167 3.68 24.30 -13.71
CA PHE A 1167 5.07 23.89 -13.58
C PHE A 1167 5.25 22.91 -12.43
N TYR A 1168 4.38 22.96 -11.43
CA TYR A 1168 4.41 21.98 -10.33
C TYR A 1168 4.18 20.58 -10.87
N LYS A 1169 3.15 20.41 -11.70
CA LYS A 1169 2.90 19.10 -12.30
C LYS A 1169 3.97 18.72 -13.29
N ALA A 1170 4.55 19.69 -14.00
CA ALA A 1170 5.67 19.38 -14.88
C ALA A 1170 6.88 18.89 -14.10
N GLU A 1171 7.10 19.44 -12.90
CA GLU A 1171 8.25 19.07 -12.10
C GLU A 1171 8.08 17.74 -11.37
N LYS A 1172 6.83 17.37 -11.07
CA LYS A 1172 6.61 16.05 -10.49
C LYS A 1172 7.15 14.94 -11.38
N ILE A 1173 6.88 15.03 -12.69
CA ILE A 1173 7.33 14.01 -13.63
C ILE A 1173 8.86 13.95 -13.66
N VAL A 1174 9.51 15.10 -13.65
CA VAL A 1174 10.97 15.14 -13.71
C VAL A 1174 11.57 14.56 -12.43
N ASN A 1175 10.99 14.91 -11.27
CA ASN A 1175 11.47 14.35 -10.02
C ASN A 1175 11.26 12.85 -9.96
N LEU A 1176 10.23 12.34 -10.64
CA LEU A 1176 10.02 10.89 -10.68
C LEU A 1176 11.06 10.23 -11.59
N ILE A 1177 11.28 10.79 -12.78
CA ILE A 1177 12.21 10.19 -13.73
C ILE A 1177 13.65 10.26 -13.24
N SER A 1178 14.00 11.28 -12.45
CA SER A 1178 15.36 11.42 -11.96
C SER A 1178 15.70 10.47 -10.81
N GLY A 1179 14.84 9.47 -10.57
CA GLY A 1179 15.12 8.45 -9.57
C GLY A 1179 15.44 7.09 -10.14
N THR A 1180 15.69 6.99 -11.43
CA THR A 1180 16.10 5.73 -12.05
C THR A 1180 17.62 5.69 -12.21
N LYS A 1181 18.15 4.48 -12.36
CA LYS A 1181 19.56 4.30 -12.68
C LYS A 1181 19.73 4.35 -14.19
N SER A 1182 20.82 5.00 -14.64
CA SER A 1182 21.10 5.20 -16.05
C SER A 1182 19.97 5.99 -16.72
N ILE A 1183 19.83 7.24 -16.26
CA ILE A 1183 18.87 8.17 -16.85
C ILE A 1183 19.12 8.36 -18.33
N THR A 1184 20.38 8.27 -18.76
CA THR A 1184 20.71 8.52 -20.16
C THR A 1184 20.19 7.41 -21.07
N ASN A 1185 20.19 6.16 -20.59
CA ASN A 1185 19.80 5.02 -21.39
C ASN A 1185 18.33 4.66 -21.25
N ILE A 1186 17.47 5.65 -20.99
CA ILE A 1186 16.04 5.37 -20.86
C ILE A 1186 15.46 4.94 -22.20
N LEU A 1187 15.80 5.66 -23.27
CA LEU A 1187 15.29 5.36 -24.61
C LEU A 1187 16.30 4.56 -25.43
N GLU A 1188 17.15 3.78 -24.79
CA GLU A 1188 18.16 2.99 -25.48
C GLU A 1188 17.93 1.49 -25.38
N LYS A 1189 16.92 1.06 -24.63
CA LYS A 1189 16.55 -0.36 -24.52
C LYS A 1189 17.70 -1.18 -23.96
N THR A 1190 18.42 -0.62 -22.99
CA THR A 1190 19.59 -1.26 -22.41
C THR A 1190 19.45 -1.30 -20.90
N SER A 1191 19.98 -2.37 -20.29
CA SER A 1191 20.00 -2.52 -18.84
C SER A 1191 21.34 -2.10 -18.24
N ALA A 1192 22.20 -1.45 -19.02
CA ALA A 1192 23.51 -1.04 -18.57
C ALA A 1192 23.53 0.44 -18.25
N ILE A 1193 24.47 0.84 -17.41
CA ILE A 1193 24.60 2.22 -16.95
C ILE A 1193 25.66 2.93 -17.78
N ASP A 1194 25.34 4.16 -18.18
CA ASP A 1194 26.29 4.99 -18.91
C ASP A 1194 27.35 5.54 -17.96
N LEU A 1195 28.55 5.76 -18.50
CA LEU A 1195 29.65 6.26 -17.68
C LEU A 1195 29.42 7.71 -17.25
N THR A 1196 28.61 8.47 -17.98
CA THR A 1196 28.31 9.83 -17.58
C THR A 1196 27.52 9.86 -16.27
N ASP A 1197 26.57 8.93 -16.12
CA ASP A 1197 25.81 8.83 -14.88
C ASP A 1197 26.71 8.44 -13.71
N ILE A 1198 27.64 7.51 -13.95
CA ILE A 1198 28.55 7.09 -12.89
C ILE A 1198 29.48 8.22 -12.49
N ASP A 1199 29.95 9.01 -13.46
CA ASP A 1199 30.78 10.17 -13.14
C ASP A 1199 30.01 11.21 -12.35
N ARG A 1200 28.76 11.47 -12.75
CA ARG A 1200 27.92 12.41 -12.01
C ARG A 1200 27.75 11.96 -10.56
N ALA A 1201 27.40 10.68 -10.37
CA ALA A 1201 27.19 10.17 -9.01
C ALA A 1201 28.48 10.22 -8.19
N THR A 1202 29.61 9.86 -8.80
CA THR A 1202 30.88 9.86 -8.09
C THR A 1202 31.25 11.27 -7.63
N GLU A 1203 31.15 12.25 -8.52
CA GLU A 1203 31.51 13.61 -8.15
C GLU A 1203 30.55 14.18 -7.11
N MET A 1204 29.26 13.85 -7.23
CA MET A 1204 28.30 14.28 -6.22
C MET A 1204 28.66 13.72 -4.85
N MET A 1205 29.00 12.43 -4.80
CA MET A 1205 29.36 11.80 -3.53
C MET A 1205 30.61 12.44 -2.94
N ARG A 1206 31.61 12.73 -3.76
CA ARG A 1206 32.84 13.31 -3.25
C ARG A 1206 32.62 14.72 -2.71
N LYS A 1207 31.86 15.54 -3.46
CA LYS A 1207 31.54 16.88 -2.98
C LYS A 1207 30.77 16.84 -1.68
N ASN A 1208 29.78 15.94 -1.59
CA ASN A 1208 28.98 15.86 -0.36
C ASN A 1208 29.82 15.37 0.82
N ILE A 1209 30.79 14.49 0.59
CA ILE A 1209 31.65 14.04 1.68
C ILE A 1209 32.55 15.18 2.16
N THR A 1210 33.13 15.94 1.23
CA THR A 1210 34.08 16.97 1.62
C THR A 1210 33.44 18.32 1.92
N LEU A 1211 32.11 18.41 1.90
CA LEU A 1211 31.42 19.65 2.29
C LEU A 1211 31.90 20.22 3.62
N LEU A 1212 32.24 19.36 4.58
CA LEU A 1212 32.63 19.82 5.90
C LEU A 1212 33.97 20.54 5.90
N ILE A 1213 34.72 20.48 4.79
CA ILE A 1213 35.96 21.25 4.70
C ILE A 1213 35.68 22.67 4.25
N ARG A 1214 34.66 22.86 3.42
CA ARG A 1214 34.29 24.19 2.96
C ARG A 1214 33.41 24.91 3.98
N ILE A 1215 32.61 24.18 4.75
CA ILE A 1215 31.76 24.83 5.74
C ILE A 1215 32.55 25.26 6.98
N LEU A 1216 33.62 24.55 7.31
CA LEU A 1216 34.44 24.84 8.50
C LEU A 1216 35.88 25.15 8.06
N PRO A 1217 36.11 26.32 7.47
CA PRO A 1217 37.43 26.60 6.90
C PRO A 1217 38.46 26.89 7.97
N LEU A 1218 39.67 26.33 7.78
CA LEU A 1218 40.80 26.64 8.63
C LEU A 1218 41.37 28.03 8.37
N ASP A 1219 40.84 28.75 7.39
CA ASP A 1219 41.47 29.97 6.89
C ASP A 1219 41.30 31.12 7.87
N CYS A 1220 41.89 30.99 9.06
CA CYS A 1220 41.74 31.99 10.13
C CYS A 1220 40.27 32.32 10.36
N ASN A 1221 39.41 31.32 10.18
CA ASN A 1221 37.96 31.46 10.24
C ASN A 1221 37.48 32.52 9.24
N ARG A 1222 38.02 32.45 8.01
CA ARG A 1222 37.77 33.44 6.96
C ARG A 1222 38.17 34.83 7.43
N ASP A 1223 39.50 34.99 7.64
CA ASP A 1223 40.20 36.21 8.05
C ASP A 1223 39.39 37.00 9.08
N LYS A 1224 38.78 36.29 10.01
CA LYS A 1224 37.86 36.88 10.99
C LYS A 1224 38.55 36.88 12.34
N ARG A 1225 39.37 37.90 12.59
CA ARG A 1225 39.99 38.05 13.90
C ARG A 1225 38.94 38.27 14.98
N GLU A 1226 37.80 38.84 14.62
CA GLU A 1226 36.66 38.92 15.52
C GLU A 1226 36.12 37.51 15.79
N ILE A 1227 35.89 37.21 17.06
CA ILE A 1227 35.27 35.95 17.45
C ILE A 1227 33.88 36.25 17.99
N LEU A 1228 33.03 35.24 17.95
CA LEU A 1228 31.64 35.39 18.38
C LEU A 1228 31.57 35.35 19.91
N SER A 1229 30.87 36.33 20.49
CA SER A 1229 30.68 36.39 21.93
C SER A 1229 29.32 35.77 22.28
N MET A 1230 29.31 34.94 23.31
CA MET A 1230 28.12 34.19 23.68
C MET A 1230 27.34 34.82 24.83
N GLU A 1231 27.82 35.92 25.40
CA GLU A 1231 27.06 36.63 26.42
C GLU A 1231 25.76 37.14 25.81
N ASN A 1232 24.63 36.63 26.30
CA ASN A 1232 23.30 36.98 25.81
C ASN A 1232 23.18 36.69 24.31
N LEU A 1233 23.33 35.41 23.97
CA LEU A 1233 23.24 34.94 22.60
C LEU A 1233 21.96 34.14 22.40
N SER A 1234 21.24 34.43 21.33
CA SER A 1234 20.01 33.74 20.98
C SER A 1234 20.28 32.85 19.77
N ILE A 1235 20.01 31.55 19.92
CA ILE A 1235 20.28 30.61 18.84
C ILE A 1235 19.31 30.81 17.69
N THR A 1236 18.10 31.28 17.98
CA THR A 1236 17.10 31.45 16.94
C THR A 1236 17.33 32.73 16.14
N GLU A 1237 17.85 33.79 16.77
CA GLU A 1237 18.25 34.97 16.03
C GLU A 1237 19.46 34.66 15.15
N LEU A 1238 20.39 33.86 15.66
CA LEU A 1238 21.53 33.43 14.86
C LEU A 1238 21.08 32.59 13.67
N SER A 1239 20.09 31.72 13.87
CA SER A 1239 19.58 30.91 12.78
C SER A 1239 18.90 31.77 11.72
N LYS A 1240 18.10 32.76 12.15
CA LYS A 1240 17.46 33.66 11.21
C LYS A 1240 18.48 34.46 10.43
N TYR A 1241 19.54 34.93 11.10
CA TYR A 1241 20.57 35.69 10.42
C TYR A 1241 21.32 34.82 9.41
N VAL A 1242 21.66 33.59 9.80
CA VAL A 1242 22.34 32.67 8.88
C VAL A 1242 21.48 32.40 7.66
N ARG A 1243 20.16 32.24 7.87
CA ARG A 1243 19.28 31.93 6.75
C ARG A 1243 19.13 33.14 5.82
N GLU A 1244 19.11 34.35 6.37
CA GLU A 1244 18.97 35.53 5.52
C GLU A 1244 20.27 35.83 4.77
N ARG A 1245 21.41 35.65 5.43
CA ARG A 1245 22.69 35.98 4.81
C ARG A 1245 23.00 35.07 3.63
N SER A 1246 22.47 33.85 3.62
CA SER A 1246 22.80 32.91 2.57
C SER A 1246 22.01 33.16 1.29
N TRP A 1247 20.93 33.93 1.35
CA TRP A 1247 20.14 34.28 0.18
C TRP A 1247 20.27 35.75 -0.20
N SER A 1248 21.02 36.54 0.57
CA SER A 1248 21.16 37.98 0.34
C SER A 1248 19.81 38.68 0.39
N LEU A 1249 18.98 38.30 1.35
CA LEU A 1249 17.65 38.86 1.53
C LEU A 1249 17.59 39.64 2.82
N SER A 1250 16.82 40.74 2.81
CA SER A 1250 16.75 41.60 3.98
C SER A 1250 15.89 41.00 5.08
N ASN A 1251 14.79 40.34 4.71
CA ASN A 1251 13.85 39.85 5.70
C ASN A 1251 13.16 38.60 5.16
N ILE A 1252 13.19 37.52 5.92
CA ILE A 1252 12.44 36.31 5.64
C ILE A 1252 11.60 36.01 6.88
N VAL A 1253 10.29 35.86 6.69
CA VAL A 1253 9.36 35.73 7.81
C VAL A 1253 8.66 34.38 7.75
N GLY A 1254 8.35 33.83 8.92
CA GLY A 1254 7.53 32.65 9.03
C GLY A 1254 8.22 31.33 8.79
N VAL A 1255 9.54 31.25 8.96
CA VAL A 1255 10.25 29.99 8.74
C VAL A 1255 11.04 29.63 10.00
N THR A 1256 11.43 30.63 10.78
CA THR A 1256 12.26 30.40 11.96
C THR A 1256 11.38 30.14 13.18
N SER A 1257 11.71 29.09 13.92
CA SER A 1257 11.00 28.69 15.12
C SER A 1257 12.00 28.18 16.15
N PRO A 1258 11.81 28.50 17.43
CA PRO A 1258 12.74 28.04 18.45
C PRO A 1258 12.73 26.52 18.58
N SER A 1259 13.69 26.01 19.34
CA SER A 1259 13.83 24.59 19.59
C SER A 1259 13.33 24.28 20.99
N ILE A 1260 12.39 23.34 21.09
CA ILE A 1260 11.82 23.02 22.39
C ILE A 1260 12.84 22.31 23.27
N MET A 1261 13.71 21.49 22.67
CA MET A 1261 14.74 20.80 23.43
C MET A 1261 15.76 21.77 24.01
N TYR A 1262 15.93 22.94 23.38
CA TYR A 1262 16.85 23.96 23.86
C TYR A 1262 16.17 25.05 24.68
N THR A 1263 14.92 25.38 24.36
CA THR A 1263 14.23 26.48 25.04
C THR A 1263 13.83 26.11 26.47
N MET A 1264 13.42 24.87 26.69
CA MET A 1264 12.80 24.48 27.95
C MET A 1264 13.83 23.93 28.93
N ASP A 1265 13.88 24.53 30.12
CA ASP A 1265 14.61 24.00 31.25
C ASP A 1265 13.71 23.07 32.04
N ILE A 1266 14.30 22.01 32.57
CA ILE A 1266 13.58 20.89 33.16
C ILE A 1266 13.85 20.87 34.65
N LYS A 1267 12.79 21.01 35.45
CA LYS A 1267 12.87 20.83 36.89
C LYS A 1267 11.98 19.66 37.30
N TYR A 1268 12.30 19.06 38.43
CA TYR A 1268 11.51 17.97 38.99
C TYR A 1268 10.81 18.35 40.28
N THR A 1269 11.46 19.10 41.15
CA THR A 1269 10.83 19.57 42.37
C THR A 1269 10.05 20.86 42.10
N THR A 1270 8.89 20.98 42.74
CA THR A 1270 8.11 22.21 42.63
C THR A 1270 8.76 23.33 43.43
N SER A 1271 8.66 24.54 42.93
CA SER A 1271 9.27 25.71 43.55
C SER A 1271 8.28 26.87 43.53
N THR A 1272 8.62 27.93 44.26
CA THR A 1272 7.79 29.12 44.32
C THR A 1272 7.88 29.97 43.05
N ILE A 1273 8.68 29.55 42.07
CA ILE A 1273 8.76 30.30 40.81
C ILE A 1273 7.43 30.26 40.09
N SER A 1274 6.78 29.08 40.05
CA SER A 1274 5.45 28.90 39.49
C SER A 1274 5.42 29.32 38.01
N SER A 1275 6.20 28.60 37.22
CA SER A 1275 6.31 28.86 35.79
C SER A 1275 6.27 27.57 35.00
N GLY A 1276 6.04 27.70 33.70
CA GLY A 1276 6.17 26.60 32.77
C GLY A 1276 5.08 25.56 32.88
N ILE A 1277 5.11 24.64 31.90
CA ILE A 1277 4.14 23.56 31.83
C ILE A 1277 4.43 22.52 32.91
N ILE A 1278 3.37 21.84 33.38
CA ILE A 1278 3.54 20.79 34.38
C ILE A 1278 3.01 19.47 33.80
N ILE A 1279 3.77 18.40 34.03
CA ILE A 1279 3.39 17.05 33.63
C ILE A 1279 3.41 16.18 34.89
N GLU A 1280 2.26 15.63 35.26
CA GLU A 1280 2.11 14.73 36.39
C GLU A 1280 1.83 13.32 35.92
N LYS A 1281 2.10 12.35 36.81
CA LYS A 1281 1.81 10.94 36.58
C LYS A 1281 0.55 10.56 37.34
N TYR A 1282 -0.50 10.18 36.61
CA TYR A 1282 -1.72 9.72 37.25
C TYR A 1282 -1.70 8.25 37.61
N ASN A 1283 -0.76 7.47 37.09
CA ASN A 1283 -0.64 6.09 37.52
C ASN A 1283 -0.16 6.04 38.97
N VAL A 1284 -0.36 4.88 39.59
CA VAL A 1284 0.04 4.66 40.97
C VAL A 1284 1.30 3.81 41.09
N ASN A 1285 1.63 3.02 40.07
CA ASN A 1285 2.83 2.20 40.09
C ASN A 1285 4.06 3.07 39.84
N SER A 1286 5.22 2.53 40.24
CA SER A 1286 6.47 3.26 40.05
C SER A 1286 6.92 3.24 38.60
N LEU A 1287 6.69 2.13 37.91
CA LEU A 1287 7.05 1.98 36.50
C LEU A 1287 5.80 2.01 35.65
N THR A 1288 5.99 2.38 34.37
CA THR A 1288 4.89 2.68 33.48
C THR A 1288 4.94 1.92 32.15
N ARG A 1289 6.10 1.43 31.73
CA ARG A 1289 6.19 0.72 30.46
C ARG A 1289 5.37 -0.57 30.51
N GLY A 1290 4.44 -0.73 29.58
CA GLY A 1290 3.57 -1.87 29.56
C GLY A 1290 2.30 -1.74 30.37
N GLU A 1291 1.97 -0.54 30.83
CA GLU A 1291 0.76 -0.27 31.59
C GLU A 1291 -0.14 0.66 30.80
N ARG A 1292 -1.35 0.88 31.32
CA ARG A 1292 -2.27 1.85 30.76
C ARG A 1292 -2.86 2.71 31.88
N GLY A 1293 -3.25 3.92 31.53
CA GLY A 1293 -3.75 4.86 32.50
C GLY A 1293 -5.14 5.35 32.18
N PRO A 1294 -5.66 6.26 33.01
CA PRO A 1294 -7.04 6.75 32.85
C PRO A 1294 -7.20 7.98 31.96
N THR A 1295 -6.16 8.39 31.24
CA THR A 1295 -6.19 9.60 30.44
C THR A 1295 -6.46 9.24 28.98
N LYS A 1296 -6.73 10.25 28.17
CA LYS A 1296 -6.96 10.10 26.75
C LYS A 1296 -5.62 10.10 26.01
N PRO A 1297 -5.48 9.31 24.94
CA PRO A 1297 -4.19 9.27 24.23
C PRO A 1297 -3.89 10.61 23.56
N TRP A 1298 -2.65 11.08 23.76
CA TRP A 1298 -2.25 12.38 23.24
C TRP A 1298 -1.90 12.27 21.76
N VAL A 1299 -2.64 13.01 20.93
CA VAL A 1299 -2.31 13.24 19.53
C VAL A 1299 -2.13 14.74 19.35
N GLY A 1300 -0.93 15.14 18.95
CA GLY A 1300 -0.61 16.56 18.88
C GLY A 1300 -1.13 17.24 17.63
N SER A 1301 -2.46 17.25 17.46
CA SER A 1301 -3.06 17.82 16.26
C SER A 1301 -3.00 19.35 16.31
N SER A 1302 -2.62 19.96 15.18
CA SER A 1302 -2.47 21.39 15.13
C SER A 1302 -3.81 22.08 14.86
N THR A 1303 -3.83 23.38 15.10
CA THR A 1303 -5.03 24.19 14.91
C THR A 1303 -5.01 24.81 13.52
N GLN A 1304 -6.00 24.45 12.69
CA GLN A 1304 -6.10 24.93 11.33
C GLN A 1304 -6.88 26.25 11.30
N GLU A 1305 -7.24 26.68 10.09
CA GLU A 1305 -7.92 27.95 9.93
C GLU A 1305 -9.41 27.82 10.23
N LYS A 1306 -10.02 28.93 10.60
CA LYS A 1306 -11.47 29.06 10.68
C LYS A 1306 -11.95 29.73 9.40
N LYS A 1307 -12.77 29.01 8.63
CA LYS A 1307 -13.23 29.51 7.33
C LYS A 1307 -14.67 29.11 7.10
N THR A 1308 -15.41 29.99 6.44
CA THR A 1308 -16.79 29.73 6.06
C THR A 1308 -16.83 29.26 4.61
N MET A 1309 -17.62 28.22 4.35
CA MET A 1309 -17.71 27.67 3.00
C MET A 1309 -18.96 28.18 2.31
N PRO A 1310 -18.86 28.68 1.08
CA PRO A 1310 -20.06 29.12 0.36
C PRO A 1310 -20.92 27.93 -0.06
N VAL A 1311 -22.19 28.22 -0.32
CA VAL A 1311 -23.19 27.20 -0.59
C VAL A 1311 -23.37 27.10 -2.10
N TYR A 1312 -22.99 25.96 -2.66
CA TYR A 1312 -23.23 25.64 -4.06
C TYR A 1312 -23.15 24.13 -4.22
N ASN A 1313 -23.38 23.65 -5.44
CA ASN A 1313 -23.33 22.23 -5.74
C ASN A 1313 -21.89 21.83 -6.04
N ARG A 1314 -21.30 21.02 -5.15
CA ARG A 1314 -19.88 20.70 -5.26
C ARG A 1314 -19.60 19.51 -6.16
N GLN A 1315 -20.52 18.53 -6.21
CA GLN A 1315 -20.31 17.36 -7.06
C GLN A 1315 -20.32 17.70 -8.55
N VAL A 1316 -20.62 18.94 -8.92
CA VAL A 1316 -20.52 19.35 -10.33
C VAL A 1316 -19.07 19.57 -10.76
N LEU A 1317 -18.18 19.83 -9.81
CA LEU A 1317 -16.76 20.01 -10.09
C LEU A 1317 -15.99 18.74 -9.76
N THR A 1318 -14.88 18.54 -10.45
CA THR A 1318 -13.98 17.43 -10.16
C THR A 1318 -13.11 17.77 -8.96
N LYS A 1319 -12.09 16.95 -8.72
CA LYS A 1319 -11.24 17.16 -7.55
C LYS A 1319 -10.13 18.16 -7.83
N LYS A 1320 -9.59 18.16 -9.06
CA LYS A 1320 -8.57 19.13 -9.42
C LYS A 1320 -9.10 20.55 -9.35
N GLN A 1321 -10.34 20.75 -9.81
CA GLN A 1321 -10.94 22.08 -9.76
C GLN A 1321 -11.19 22.52 -8.32
N ARG A 1322 -11.67 21.60 -7.48
CA ARG A 1322 -11.89 21.92 -6.07
C ARG A 1322 -10.60 22.14 -5.31
N ASP A 1323 -9.47 21.63 -5.82
CA ASP A 1323 -8.18 21.90 -5.21
C ASP A 1323 -7.63 23.25 -5.67
N GLN A 1324 -7.77 23.56 -6.96
CA GLN A 1324 -7.34 24.85 -7.48
C GLN A 1324 -8.13 25.99 -6.84
N ILE A 1325 -9.41 25.77 -6.55
CA ILE A 1325 -10.21 26.81 -5.89
C ILE A 1325 -9.67 27.11 -4.50
N ASP A 1326 -9.33 26.06 -3.74
CA ASP A 1326 -8.76 26.27 -2.41
C ASP A 1326 -7.41 26.96 -2.49
N LEU A 1327 -6.59 26.61 -3.49
CA LEU A 1327 -5.30 27.27 -3.65
C LEU A 1327 -5.48 28.76 -3.92
N LEU A 1328 -6.38 29.11 -4.84
CA LEU A 1328 -6.61 30.52 -5.15
C LEU A 1328 -7.23 31.25 -3.96
N ALA A 1329 -8.03 30.57 -3.15
CA ALA A 1329 -8.58 31.20 -1.95
C ALA A 1329 -7.47 31.50 -0.94
N LYS A 1330 -6.54 30.57 -0.76
CA LYS A 1330 -5.40 30.83 0.12
C LYS A 1330 -4.55 31.98 -0.41
N LEU A 1331 -4.41 32.08 -1.73
CA LEU A 1331 -3.65 33.19 -2.31
C LEU A 1331 -4.35 34.52 -2.07
N ASP A 1332 -5.68 34.55 -2.24
CA ASP A 1332 -6.43 35.76 -1.93
C ASP A 1332 -6.33 36.12 -0.45
N TRP A 1333 -6.19 35.12 0.42
CA TRP A 1333 -6.07 35.37 1.85
C TRP A 1333 -4.70 35.96 2.19
N VAL A 1334 -3.64 35.34 1.70
CA VAL A 1334 -2.28 35.69 2.14
C VAL A 1334 -1.83 37.00 1.51
N TYR A 1335 -1.80 37.07 0.19
CA TYR A 1335 -1.28 38.24 -0.53
C TYR A 1335 -2.41 39.21 -0.86
N ALA A 1336 -3.15 39.60 0.17
CA ALA A 1336 -4.21 40.59 0.05
C ALA A 1336 -3.72 42.01 0.27
N SER A 1337 -2.40 42.20 0.45
CA SER A 1337 -1.84 43.50 0.75
C SER A 1337 -1.02 44.09 -0.40
N ILE A 1338 -0.72 43.31 -1.44
CA ILE A 1338 0.13 43.77 -2.53
C ILE A 1338 -0.62 44.85 -3.31
N ASP A 1339 0.11 45.58 -4.15
CA ASP A 1339 -0.42 46.80 -4.77
C ASP A 1339 -1.24 46.53 -6.01
N ASN A 1340 -1.06 45.38 -6.67
CA ASN A 1340 -1.81 45.04 -7.87
C ASN A 1340 -2.47 43.67 -7.69
N LYS A 1341 -3.12 43.49 -6.54
CA LYS A 1341 -3.73 42.19 -6.22
C LYS A 1341 -4.89 41.87 -7.15
N ASP A 1342 -5.60 42.89 -7.64
CA ASP A 1342 -6.75 42.64 -8.51
C ASP A 1342 -6.31 42.05 -9.84
N GLU A 1343 -5.28 42.63 -10.46
CA GLU A 1343 -4.77 42.09 -11.72
C GLU A 1343 -4.15 40.72 -11.51
N PHE A 1344 -3.42 40.53 -10.41
CA PHE A 1344 -2.87 39.23 -10.05
C PHE A 1344 -3.96 38.16 -10.00
N MET A 1345 -5.02 38.42 -9.23
CA MET A 1345 -6.07 37.42 -9.06
C MET A 1345 -6.86 37.21 -10.33
N GLU A 1346 -7.10 38.28 -11.09
CA GLU A 1346 -7.78 38.13 -12.38
C GLU A 1346 -6.98 37.23 -13.31
N GLU A 1347 -5.67 37.47 -13.41
CA GLU A 1347 -4.82 36.65 -14.27
C GLU A 1347 -4.82 35.20 -13.84
N LEU A 1348 -4.67 34.95 -12.54
CA LEU A 1348 -4.65 33.57 -12.06
C LEU A 1348 -5.98 32.87 -12.32
N SER A 1349 -7.09 33.54 -11.99
CA SER A 1349 -8.40 32.92 -12.12
C SER A 1349 -8.78 32.68 -13.57
N ILE A 1350 -8.34 33.54 -14.49
CA ILE A 1350 -8.69 33.34 -15.89
C ILE A 1350 -7.69 32.43 -16.61
N GLY A 1351 -6.49 32.25 -16.07
CA GLY A 1351 -5.53 31.36 -16.67
C GLY A 1351 -5.69 29.92 -16.24
N THR A 1352 -5.92 29.70 -14.94
CA THR A 1352 -5.98 28.33 -14.42
C THR A 1352 -7.40 27.78 -14.31
N LEU A 1353 -8.39 28.60 -13.97
CA LEU A 1353 -9.75 28.11 -13.78
C LEU A 1353 -10.68 28.40 -14.95
N GLY A 1354 -10.40 29.42 -15.76
CA GLY A 1354 -11.22 29.75 -16.90
C GLY A 1354 -12.28 30.79 -16.66
N LEU A 1355 -12.58 31.12 -15.41
CA LEU A 1355 -13.55 32.14 -15.08
C LEU A 1355 -12.85 33.45 -14.75
N THR A 1356 -13.64 34.53 -14.74
CA THR A 1356 -13.11 35.81 -14.29
C THR A 1356 -13.07 35.84 -12.77
N TYR A 1357 -12.33 36.81 -12.23
CA TYR A 1357 -12.18 36.90 -10.78
C TYR A 1357 -13.51 37.16 -10.09
N GLU A 1358 -14.39 37.93 -10.73
CA GLU A 1358 -15.67 38.25 -10.11
C GLU A 1358 -16.53 37.00 -9.94
N LYS A 1359 -16.53 36.11 -10.93
CA LYS A 1359 -17.28 34.87 -10.84
C LYS A 1359 -16.58 33.84 -9.95
N ALA A 1360 -15.25 33.84 -9.95
CA ALA A 1360 -14.51 32.85 -9.17
C ALA A 1360 -14.54 33.17 -7.68
N LYS A 1361 -14.61 34.45 -7.32
CA LYS A 1361 -14.63 34.83 -5.91
C LYS A 1361 -15.87 34.32 -5.19
N LYS A 1362 -16.90 33.92 -5.93
CA LYS A 1362 -18.12 33.40 -5.32
C LYS A 1362 -17.97 31.97 -4.81
N LEU A 1363 -16.91 31.27 -5.20
CA LEU A 1363 -16.66 29.92 -4.74
C LEU A 1363 -15.50 29.84 -3.76
N PHE A 1364 -14.90 30.97 -3.39
CA PHE A 1364 -13.75 30.97 -2.51
C PHE A 1364 -14.19 30.88 -1.05
N PRO A 1365 -13.61 29.98 -0.26
CA PRO A 1365 -13.82 30.04 1.19
C PRO A 1365 -13.25 31.33 1.75
N GLN A 1366 -13.99 31.94 2.68
CA GLN A 1366 -13.55 33.16 3.35
C GLN A 1366 -12.93 32.80 4.68
N TYR A 1367 -11.73 33.31 4.93
CA TYR A 1367 -10.95 32.93 6.09
C TYR A 1367 -11.16 33.94 7.21
N LEU A 1368 -11.65 33.45 8.35
CA LEU A 1368 -11.89 34.30 9.51
C LEU A 1368 -10.65 34.48 10.38
N SER A 1369 -9.57 33.77 10.09
CA SER A 1369 -8.32 33.91 10.84
C SER A 1369 -7.51 35.05 10.24
N VAL A 1370 -6.96 35.90 11.11
CA VAL A 1370 -6.23 37.08 10.66
C VAL A 1370 -4.76 36.78 10.44
N ASN A 1371 -4.16 35.94 11.28
CA ASN A 1371 -2.72 35.68 11.24
C ASN A 1371 -2.49 34.40 10.44
N TYR A 1372 -2.16 34.55 9.17
CA TYR A 1372 -1.81 33.40 8.33
C TYR A 1372 -0.43 32.85 8.65
N LEU A 1373 0.45 33.66 9.25
CA LEU A 1373 1.73 33.16 9.70
C LEU A 1373 1.59 32.05 10.73
N HIS A 1374 0.47 32.03 11.45
CA HIS A 1374 0.22 31.07 12.52
C HIS A 1374 -0.59 29.86 12.07
N ARG A 1375 -1.62 30.07 11.24
CA ARG A 1375 -2.52 29.00 10.79
C ARG A 1375 -2.61 29.05 9.28
N LEU A 1376 -1.68 28.39 8.60
CA LEU A 1376 -1.73 28.23 7.16
C LEU A 1376 -1.49 26.76 6.83
N THR A 1377 -2.30 26.21 5.94
CA THR A 1377 -2.24 24.80 5.59
C THR A 1377 -1.49 24.67 4.26
N VAL A 1378 -0.22 24.31 4.34
CA VAL A 1378 0.61 24.05 3.18
C VAL A 1378 1.22 22.67 3.36
N SER A 1379 1.59 22.03 2.24
CA SER A 1379 2.23 20.73 2.30
C SER A 1379 3.63 20.78 2.91
N SER A 1380 4.15 21.98 3.21
CA SER A 1380 5.48 22.14 3.77
C SER A 1380 5.46 22.46 5.25
N ARG A 1381 4.30 22.41 5.89
CA ARG A 1381 4.16 22.66 7.31
C ARG A 1381 3.60 21.43 7.99
N PRO A 1382 4.16 21.01 9.13
CA PRO A 1382 3.65 19.82 9.82
C PRO A 1382 2.21 20.00 10.24
N CYS A 1383 1.41 18.95 10.06
CA CYS A 1383 -0.02 18.99 10.40
C CYS A 1383 -0.29 18.53 11.83
N GLU A 1384 0.56 17.66 12.38
CA GLU A 1384 0.41 17.23 13.76
C GLU A 1384 1.80 17.02 14.36
N PHE A 1385 1.85 16.99 15.68
CA PHE A 1385 3.11 16.95 16.44
C PHE A 1385 3.04 15.87 17.50
N PRO A 1386 3.24 14.61 17.13
CA PRO A 1386 3.20 13.52 18.12
C PRO A 1386 4.51 13.42 18.90
N ALA A 1387 4.46 12.62 19.96
CA ALA A 1387 5.62 12.35 20.79
C ALA A 1387 6.40 11.15 20.23
N SER A 1388 7.55 10.89 20.84
CA SER A 1388 8.40 9.78 20.44
C SER A 1388 8.13 8.51 21.24
N ILE A 1389 6.92 8.36 21.77
CA ILE A 1389 6.52 7.18 22.51
C ILE A 1389 5.24 6.64 21.90
N PRO A 1390 4.93 5.37 22.14
CA PRO A 1390 3.66 4.82 21.63
C PRO A 1390 2.46 5.48 22.30
N ALA A 1391 1.33 5.43 21.59
CA ALA A 1391 0.13 6.14 22.04
C ALA A 1391 -0.40 5.61 23.36
N TYR A 1392 -0.48 4.29 23.52
CA TYR A 1392 -1.04 3.69 24.73
C TYR A 1392 -0.37 4.20 26.00
N ARG A 1393 0.88 4.67 25.92
CA ARG A 1393 1.58 5.15 27.10
C ARG A 1393 1.27 6.59 27.45
N THR A 1394 0.92 7.41 26.45
CA THR A 1394 0.53 8.79 26.70
C THR A 1394 -0.66 8.90 27.64
N THR A 1395 -1.42 7.83 27.81
CA THR A 1395 -2.56 7.79 28.70
C THR A 1395 -2.16 7.73 30.17
N ASN A 1396 -0.88 7.61 30.48
CA ASN A 1396 -0.45 7.49 31.87
C ASN A 1396 -0.14 8.83 32.53
N TYR A 1397 -0.15 9.93 31.78
CA TYR A 1397 0.29 11.23 32.29
C TYR A 1397 -0.76 12.29 32.00
N HIS A 1398 -0.75 13.34 32.82
CA HIS A 1398 -1.65 14.47 32.73
C HIS A 1398 -0.85 15.76 32.65
N PHE A 1399 -1.22 16.65 31.75
CA PHE A 1399 -0.47 17.87 31.55
C PHE A 1399 -1.36 19.10 31.76
N ASP A 1400 -0.75 20.18 32.23
CA ASP A 1400 -1.40 21.49 32.24
C ASP A 1400 -0.43 22.57 31.79
N THR A 1401 -0.88 23.35 30.81
CA THR A 1401 -0.10 24.42 30.18
C THR A 1401 -0.53 25.80 30.67
N SER A 1402 -1.28 25.87 31.76
CA SER A 1402 -1.84 27.13 32.22
C SER A 1402 -0.82 28.07 32.88
N PRO A 1403 0.13 27.58 33.69
CA PRO A 1403 1.07 28.53 34.33
C PRO A 1403 1.98 29.28 33.37
N ILE A 1404 1.96 28.94 32.08
CA ILE A 1404 2.84 29.61 31.14
C ILE A 1404 2.14 30.75 30.41
N ASN A 1405 0.81 30.68 30.24
CA ASN A 1405 0.07 31.77 29.63
C ASN A 1405 -0.02 32.98 30.56
N ARG A 1406 0.25 32.80 31.85
CA ARG A 1406 0.25 33.93 32.76
C ARG A 1406 1.50 34.80 32.58
N ILE A 1407 2.61 34.19 32.16
CA ILE A 1407 3.85 34.93 31.95
C ILE A 1407 4.02 35.36 30.49
N LEU A 1408 3.36 34.71 29.56
CA LEU A 1408 3.50 35.04 28.14
C LEU A 1408 2.54 36.15 27.71
N THR A 1409 1.63 36.58 28.56
CA THR A 1409 0.75 37.70 28.26
C THR A 1409 1.15 38.98 28.99
N GLU A 1410 2.08 38.90 29.94
CA GLU A 1410 2.63 40.11 30.53
C GLU A 1410 3.85 40.62 29.78
N LYS A 1411 4.49 39.77 28.99
CA LYS A 1411 5.67 40.17 28.23
C LYS A 1411 5.30 40.60 26.81
N TYR A 1412 4.33 39.93 26.19
CA TYR A 1412 3.85 40.32 24.87
C TYR A 1412 2.39 40.81 24.94
N GLY A 1413 1.47 39.96 25.37
CA GLY A 1413 0.10 40.36 25.58
C GLY A 1413 -0.76 40.18 24.35
N ASP A 1414 -1.68 39.21 24.39
CA ASP A 1414 -2.66 38.95 23.34
C ASP A 1414 -2.05 38.87 21.94
N GLU A 1415 -0.74 38.66 21.87
CA GLU A 1415 -0.02 38.59 20.61
C GLU A 1415 0.35 37.15 20.29
N ASP A 1416 0.48 36.87 18.99
CA ASP A 1416 0.94 35.56 18.55
C ASP A 1416 2.46 35.48 18.69
N ILE A 1417 2.93 34.31 19.13
CA ILE A 1417 4.35 34.07 19.32
C ILE A 1417 4.74 32.83 18.55
N ASP A 1418 6.02 32.76 18.19
CA ASP A 1418 6.55 31.62 17.44
C ASP A 1418 6.96 30.53 18.44
N ILE A 1419 6.05 29.61 18.70
CA ILE A 1419 6.35 28.44 19.53
C ILE A 1419 5.24 27.42 19.32
N VAL A 1420 5.58 26.14 19.35
CA VAL A 1420 4.62 25.06 19.20
C VAL A 1420 4.42 24.46 20.58
N PHE A 1421 3.22 24.61 21.14
CA PHE A 1421 2.92 24.05 22.45
C PHE A 1421 2.72 22.54 22.37
N GLN A 1422 2.27 22.05 21.21
CA GLN A 1422 2.17 20.60 20.99
C GLN A 1422 3.53 19.93 21.20
N ASN A 1423 4.59 20.53 20.64
CA ASN A 1423 5.92 19.97 20.81
C ASN A 1423 6.39 20.09 22.26
N CYS A 1424 5.88 21.08 23.00
CA CYS A 1424 6.20 21.16 24.42
C CYS A 1424 5.60 20.00 25.19
N ILE A 1425 4.33 19.69 24.92
CA ILE A 1425 3.69 18.55 25.59
C ILE A 1425 4.36 17.24 25.19
N SER A 1426 4.72 17.10 23.91
CA SER A 1426 5.40 15.90 23.46
C SER A 1426 6.76 15.74 24.12
N PHE A 1427 7.51 16.85 24.22
CA PHE A 1427 8.78 16.84 24.93
C PHE A 1427 8.60 16.38 26.36
N GLY A 1428 7.56 16.88 27.04
CA GLY A 1428 7.33 16.45 28.42
C GLY A 1428 7.03 14.97 28.55
N LEU A 1429 6.19 14.44 27.66
CA LEU A 1429 5.84 13.02 27.72
C LEU A 1429 7.06 12.13 27.44
N SER A 1430 7.77 12.39 26.34
CA SER A 1430 8.96 11.62 26.04
C SER A 1430 10.02 11.78 27.13
N LEU A 1431 10.03 12.93 27.80
CA LEU A 1431 10.96 13.15 28.90
C LEU A 1431 10.65 12.23 30.06
N MET A 1432 9.36 12.12 30.42
CA MET A 1432 8.95 11.13 31.42
C MET A 1432 9.44 9.73 31.05
N SER A 1433 9.19 9.34 29.80
CA SER A 1433 9.59 8.00 29.35
C SER A 1433 11.10 7.78 29.48
N VAL A 1434 11.90 8.74 29.02
CA VAL A 1434 13.35 8.57 29.01
C VAL A 1434 13.92 8.59 30.42
N VAL A 1435 13.35 9.43 31.30
CA VAL A 1435 13.84 9.44 32.68
C VAL A 1435 13.53 8.11 33.35
N GLU A 1436 12.37 7.51 33.05
CA GLU A 1436 12.11 6.17 33.58
C GLU A 1436 13.08 5.15 33.02
N GLN A 1437 13.42 5.26 31.72
CA GLN A 1437 14.37 4.33 31.13
C GLN A 1437 15.73 4.41 31.83
N PHE A 1438 16.22 5.61 32.09
CA PHE A 1438 17.58 5.76 32.60
C PHE A 1438 17.69 5.67 34.11
N THR A 1439 16.60 5.86 34.85
CA THR A 1439 16.68 5.82 36.31
C THR A 1439 15.94 4.65 36.95
N ASN A 1440 15.16 3.88 36.20
CA ASN A 1440 14.37 2.76 36.69
C ASN A 1440 13.26 3.20 37.64
N VAL A 1441 12.85 4.46 37.57
CA VAL A 1441 11.73 4.95 38.36
C VAL A 1441 11.16 6.18 37.66
N CYS A 1442 9.84 6.22 37.52
CA CYS A 1442 9.19 7.34 36.84
C CYS A 1442 8.96 8.48 37.82
N PRO A 1443 9.30 9.71 37.45
CA PRO A 1443 9.08 10.83 38.38
C PRO A 1443 7.60 11.20 38.47
N ASN A 1444 7.26 11.83 39.59
CA ASN A 1444 5.87 12.22 39.82
C ASN A 1444 5.50 13.45 39.00
N ARG A 1445 6.33 14.49 39.05
CA ARG A 1445 6.09 15.72 38.32
C ARG A 1445 7.34 16.15 37.57
N ILE A 1446 7.15 16.78 36.42
CA ILE A 1446 8.18 17.56 35.76
C ILE A 1446 7.61 18.93 35.41
N ILE A 1447 8.46 19.94 35.43
CA ILE A 1447 8.10 21.32 35.13
C ILE A 1447 9.04 21.84 34.06
N LEU A 1448 8.45 22.43 33.01
CA LEU A 1448 9.21 22.98 31.88
C LEU A 1448 9.10 24.50 31.94
N ILE A 1449 10.24 25.17 32.08
CA ILE A 1449 10.30 26.63 32.16
C ILE A 1449 10.94 27.16 30.87
N PRO A 1450 10.32 28.12 30.19
CA PRO A 1450 10.87 28.58 28.92
C PRO A 1450 11.96 29.62 29.10
N LYS A 1451 12.89 29.65 28.15
CA LYS A 1451 13.85 30.74 28.01
C LYS A 1451 13.20 31.79 27.11
N LEU A 1452 12.90 32.96 27.69
CA LEU A 1452 12.23 34.01 26.93
C LEU A 1452 13.15 34.68 25.93
N ASN A 1453 14.46 34.42 26.00
CA ASN A 1453 15.38 34.92 24.99
C ASN A 1453 15.10 34.36 23.60
N GLU A 1454 14.41 33.22 23.52
CA GLU A 1454 14.22 32.52 22.26
C GLU A 1454 12.83 32.71 21.67
N ILE A 1455 11.92 33.38 22.36
CA ILE A 1455 10.54 33.54 21.91
C ILE A 1455 10.36 34.93 21.33
N HIS A 1456 9.73 35.01 20.17
CA HIS A 1456 9.54 36.27 19.45
C HIS A 1456 8.10 36.41 19.02
N LEU A 1457 7.75 37.61 18.58
CA LEU A 1457 6.40 37.89 18.11
C LEU A 1457 6.20 37.33 16.69
N MET A 1458 4.94 37.01 16.39
CA MET A 1458 4.56 36.48 15.08
C MET A 1458 3.36 37.30 14.58
N LYS A 1459 3.64 38.40 13.90
CA LYS A 1459 2.58 39.24 13.38
C LYS A 1459 2.56 39.21 11.85
N PRO A 1460 1.38 39.17 11.24
CA PRO A 1460 1.32 39.11 9.78
C PRO A 1460 1.84 40.39 9.16
N PRO A 1461 2.77 40.29 8.20
CA PRO A 1461 3.36 41.50 7.62
C PRO A 1461 2.47 42.14 6.58
N ILE A 1462 2.75 43.41 6.30
CA ILE A 1462 2.11 44.15 5.23
C ILE A 1462 3.03 44.11 4.02
N PHE A 1463 2.58 43.46 2.96
CA PHE A 1463 3.42 43.27 1.78
C PHE A 1463 3.42 44.52 0.92
N THR A 1464 4.57 44.78 0.28
CA THR A 1464 4.74 45.91 -0.60
C THR A 1464 5.47 45.45 -1.87
N GLY A 1465 4.98 45.91 -3.02
CA GLY A 1465 5.59 45.61 -4.29
C GLY A 1465 4.55 45.25 -5.31
N ASP A 1466 5.01 44.96 -6.52
CA ASP A 1466 4.13 44.58 -7.63
C ASP A 1466 4.50 43.20 -8.14
N VAL A 1467 3.50 42.39 -8.40
CA VAL A 1467 3.71 41.09 -9.05
C VAL A 1467 3.86 41.32 -10.55
N ASP A 1468 4.79 40.60 -11.16
CA ASP A 1468 5.05 40.72 -12.59
C ASP A 1468 4.03 39.85 -13.33
N ILE A 1469 3.07 40.51 -13.99
CA ILE A 1469 1.99 39.78 -14.65
C ILE A 1469 2.48 39.17 -15.96
N HIS A 1470 3.44 39.82 -16.62
CA HIS A 1470 3.95 39.30 -17.88
C HIS A 1470 4.64 37.96 -17.68
N LYS A 1471 5.47 37.86 -16.63
CA LYS A 1471 6.16 36.59 -16.36
C LYS A 1471 5.16 35.52 -15.91
N LEU A 1472 4.12 35.91 -15.18
CA LEU A 1472 3.07 34.96 -14.81
C LEU A 1472 2.40 34.39 -16.05
N LYS A 1473 2.06 35.26 -17.01
CA LYS A 1473 1.46 34.79 -18.25
C LYS A 1473 2.42 33.90 -19.02
N GLN A 1474 3.72 34.22 -19.00
CA GLN A 1474 4.70 33.38 -19.68
C GLN A 1474 4.74 31.99 -19.06
N VAL A 1475 4.73 31.92 -17.72
CA VAL A 1475 4.77 30.62 -17.04
C VAL A 1475 3.51 29.83 -17.36
N ILE A 1476 2.35 30.49 -17.37
CA ILE A 1476 1.10 29.79 -17.64
C ILE A 1476 1.04 29.32 -19.08
N GLN A 1477 1.68 30.06 -20.00
CA GLN A 1477 1.57 29.72 -21.41
C GLN A 1477 2.59 28.66 -21.83
N LYS A 1478 3.78 28.68 -21.22
CA LYS A 1478 4.82 27.74 -21.64
C LYS A 1478 4.53 26.32 -21.19
N GLN A 1479 3.86 26.15 -20.04
CA GLN A 1479 3.50 24.83 -19.53
C GLN A 1479 1.99 24.61 -19.58
N HIS A 1480 1.34 25.05 -20.66
CA HIS A 1480 -0.11 24.95 -20.75
C HIS A 1480 -0.59 23.51 -20.84
N MET A 1481 0.29 22.59 -21.20
CA MET A 1481 -0.12 21.19 -21.38
C MET A 1481 -0.30 20.45 -20.07
N PHE A 1482 -0.10 21.11 -18.92
CA PHE A 1482 -0.32 20.50 -17.61
C PHE A 1482 -1.41 21.21 -16.82
N LEU A 1483 -2.21 22.03 -17.48
CA LEU A 1483 -3.28 22.73 -16.80
C LEU A 1483 -4.47 21.81 -16.57
N PRO A 1484 -5.26 22.06 -15.51
CA PRO A 1484 -6.47 21.26 -15.29
C PRO A 1484 -7.59 21.66 -16.22
N ASP A 1485 -8.76 21.06 -16.05
CA ASP A 1485 -9.90 21.37 -16.90
C ASP A 1485 -10.51 22.71 -16.52
N LYS A 1486 -10.83 23.51 -17.53
CA LYS A 1486 -11.51 24.77 -17.31
C LYS A 1486 -12.95 24.53 -16.88
N ILE A 1487 -13.47 25.45 -16.07
CA ILE A 1487 -14.86 25.38 -15.64
C ILE A 1487 -15.73 25.98 -16.74
N SER A 1488 -16.59 25.15 -17.33
CA SER A 1488 -17.35 25.52 -18.51
C SER A 1488 -18.52 26.44 -18.15
N LEU A 1489 -19.24 26.89 -19.17
CA LEU A 1489 -20.50 27.58 -18.95
C LEU A 1489 -21.58 26.61 -18.52
N THR A 1490 -21.63 25.43 -19.16
CA THR A 1490 -22.56 24.39 -18.75
C THR A 1490 -22.35 24.00 -17.29
N GLN A 1491 -21.11 24.05 -16.82
CA GLN A 1491 -20.82 23.64 -15.44
C GLN A 1491 -21.11 24.76 -14.46
N TYR A 1492 -20.71 26.00 -14.80
CA TYR A 1492 -20.99 27.13 -13.93
C TYR A 1492 -22.48 27.42 -13.84
N VAL A 1493 -23.26 27.00 -14.82
CA VAL A 1493 -24.71 27.16 -14.72
C VAL A 1493 -25.28 26.22 -13.68
N GLU A 1494 -24.82 24.96 -13.66
CA GLU A 1494 -25.32 24.00 -12.68
C GLU A 1494 -24.72 24.19 -11.30
N LEU A 1495 -23.62 24.94 -11.17
CA LEU A 1495 -23.06 25.20 -9.85
C LEU A 1495 -24.08 25.88 -8.93
N PHE A 1496 -25.01 26.63 -9.50
CA PHE A 1496 -26.08 27.24 -8.71
C PHE A 1496 -27.45 26.86 -9.27
N ILE B 131 -67.04 -5.61 -4.97
CA ILE B 131 -65.85 -5.50 -5.82
C ILE B 131 -64.70 -6.30 -5.23
N THR B 132 -64.87 -6.74 -3.98
CA THR B 132 -63.83 -7.51 -3.31
C THR B 132 -63.62 -8.86 -3.98
N ALA B 133 -64.64 -9.37 -4.69
CA ALA B 133 -64.48 -10.62 -5.41
C ALA B 133 -63.48 -10.51 -6.54
N ARG B 134 -63.14 -9.30 -6.97
CA ARG B 134 -62.10 -9.04 -7.95
C ARG B 134 -60.77 -8.70 -7.30
N LEU B 135 -60.78 -7.98 -6.18
CA LEU B 135 -59.56 -7.78 -5.42
C LEU B 135 -58.98 -9.10 -4.94
N ASP B 136 -59.82 -10.09 -4.69
CA ASP B 136 -59.32 -11.41 -4.29
C ASP B 136 -58.60 -12.09 -5.45
N ARG B 137 -59.15 -11.99 -6.66
CA ARG B 137 -58.50 -12.58 -7.83
C ARG B 137 -57.27 -11.79 -8.25
N ILE B 138 -57.16 -10.53 -7.87
CA ILE B 138 -55.92 -9.79 -8.05
C ILE B 138 -54.88 -10.24 -7.04
N ASP B 139 -55.29 -10.42 -5.79
CA ASP B 139 -54.36 -10.84 -4.74
C ASP B 139 -53.81 -12.23 -4.99
N GLU B 140 -54.64 -13.15 -5.47
CA GLU B 140 -54.15 -14.50 -5.74
C GLU B 140 -53.11 -14.49 -6.86
N LYS B 141 -53.32 -13.63 -7.86
CA LYS B 141 -52.36 -13.55 -8.96
C LYS B 141 -51.05 -12.93 -8.50
N LEU B 142 -51.13 -11.87 -7.69
CA LEU B 142 -49.93 -11.28 -7.13
C LEU B 142 -49.17 -12.28 -6.27
N SER B 143 -49.89 -13.06 -5.46
CA SER B 143 -49.25 -14.06 -4.63
C SER B 143 -48.59 -15.15 -5.47
N GLU B 144 -49.23 -15.55 -6.57
CA GLU B 144 -48.64 -16.55 -7.45
C GLU B 144 -47.35 -16.03 -8.08
N ILE B 145 -47.37 -14.78 -8.56
CA ILE B 145 -46.17 -14.21 -9.17
C ILE B 145 -45.04 -14.09 -8.14
N LEU B 146 -45.37 -13.60 -6.94
CA LEU B 146 -44.33 -13.43 -5.92
C LEU B 146 -43.85 -14.76 -5.38
N GLY B 147 -44.64 -15.82 -5.52
CA GLY B 147 -44.20 -17.13 -5.10
C GLY B 147 -43.36 -17.83 -6.16
N MET B 148 -43.60 -17.53 -7.43
CA MET B 148 -42.80 -18.10 -8.49
C MET B 148 -41.54 -17.28 -8.75
N LEU B 149 -41.46 -16.06 -8.23
CA LEU B 149 -40.23 -15.28 -8.33
C LEU B 149 -39.28 -15.50 -7.15
N HIS B 150 -39.75 -16.10 -6.07
CA HIS B 150 -38.90 -16.39 -4.91
C HIS B 150 -38.35 -17.81 -4.93
N THR B 151 -38.61 -18.58 -5.99
CA THR B 151 -37.99 -19.88 -6.18
C THR B 151 -37.11 -19.92 -7.41
N LEU B 152 -36.84 -18.78 -8.05
CA LEU B 152 -35.97 -18.73 -9.21
C LEU B 152 -34.52 -18.85 -8.80
N VAL B 153 -33.73 -19.56 -9.60
CA VAL B 153 -32.31 -19.77 -9.38
C VAL B 153 -31.58 -19.35 -10.64
N VAL B 154 -30.47 -18.64 -10.46
CA VAL B 154 -29.64 -18.13 -11.55
C VAL B 154 -28.31 -18.87 -11.53
N ALA B 155 -27.90 -19.37 -12.69
CA ALA B 155 -26.60 -19.99 -12.89
C ALA B 155 -25.72 -19.03 -13.68
N SER B 156 -24.54 -18.74 -13.14
CA SER B 156 -23.65 -17.76 -13.75
C SER B 156 -23.16 -18.23 -15.12
N ALA B 157 -22.75 -17.27 -15.94
CA ALA B 157 -22.22 -17.57 -17.26
C ALA B 157 -20.81 -18.14 -17.15
N GLY B 158 -20.52 -19.13 -18.00
CA GLY B 158 -19.24 -19.79 -17.98
C GLY B 158 -18.93 -20.50 -19.28
N PRO B 159 -17.83 -21.24 -19.32
CA PRO B 159 -17.46 -21.94 -20.55
C PRO B 159 -18.42 -23.07 -20.86
N THR B 160 -18.60 -23.33 -22.16
CA THR B 160 -19.49 -24.37 -22.61
C THR B 160 -18.89 -25.75 -22.35
N SER B 161 -19.65 -26.78 -22.70
CA SER B 161 -19.11 -28.13 -22.74
C SER B 161 -18.07 -28.23 -23.84
N ALA B 162 -17.03 -29.02 -23.59
CA ALA B 162 -15.87 -29.20 -24.46
C ALA B 162 -15.00 -27.96 -24.56
N ARG B 163 -15.27 -26.94 -23.74
CA ARG B 163 -14.41 -25.77 -23.58
C ARG B 163 -14.18 -25.04 -24.90
N ASP B 164 -15.26 -24.48 -25.45
CA ASP B 164 -15.16 -23.62 -26.62
C ASP B 164 -16.34 -22.65 -26.57
N GLY B 165 -16.09 -21.43 -26.13
CA GLY B 165 -17.11 -20.41 -26.05
C GLY B 165 -17.66 -20.25 -24.64
N ILE B 166 -18.43 -19.18 -24.47
CA ILE B 166 -19.10 -18.87 -23.21
C ILE B 166 -20.59 -19.15 -23.36
N ARG B 167 -21.56 -19.52 -22.89
CA ARG B 167 -22.79 -20.18 -22.50
C ARG B 167 -23.77 -19.13 -22.00
N ASP B 168 -24.53 -18.55 -21.81
CA ASP B 168 -25.29 -17.50 -21.15
C ASP B 168 -25.60 -17.86 -19.70
N ALA B 169 -25.96 -16.84 -18.92
CA ALA B 169 -26.50 -17.09 -17.60
C ALA B 169 -27.86 -17.75 -17.71
N MET B 170 -28.18 -18.68 -16.82
CA MET B 170 -29.41 -19.45 -16.97
C MET B 170 -30.34 -19.22 -15.77
N VAL B 171 -31.63 -19.03 -16.02
CA VAL B 171 -32.63 -18.87 -14.93
C VAL B 171 -33.59 -20.07 -15.03
N GLY B 172 -34.08 -20.52 -13.89
CA GLY B 172 -35.02 -21.65 -13.87
C GLY B 172 -35.41 -21.94 -12.45
N LEU B 173 -36.54 -22.59 -12.27
CA LEU B 173 -37.09 -22.91 -10.96
C LEU B 173 -36.11 -23.79 -10.18
N ARG B 174 -36.29 -23.79 -8.85
CA ARG B 174 -35.31 -24.38 -7.95
C ARG B 174 -35.11 -25.87 -8.21
N GLU B 175 -36.21 -26.62 -8.30
CA GLU B 175 -36.10 -28.06 -8.43
C GLU B 175 -35.54 -28.47 -9.79
N GLU B 176 -35.95 -27.76 -10.84
CA GLU B 176 -35.40 -28.01 -12.17
C GLU B 176 -33.89 -27.81 -12.18
N MET B 177 -33.42 -26.73 -11.55
CA MET B 177 -31.98 -26.47 -11.50
C MET B 177 -31.26 -27.53 -10.66
N ILE B 178 -31.87 -27.95 -9.55
CA ILE B 178 -31.25 -28.98 -8.71
C ILE B 178 -31.08 -30.27 -9.49
N GLU B 179 -32.14 -30.72 -10.18
CA GLU B 179 -32.03 -31.98 -10.91
C GLU B 179 -31.21 -31.83 -12.18
N LYS B 180 -31.03 -30.60 -12.68
CA LYS B 180 -30.05 -30.38 -13.73
C LYS B 180 -28.63 -30.49 -13.20
N ILE B 181 -28.43 -30.11 -11.93
CA ILE B 181 -27.12 -30.30 -11.30
C ILE B 181 -26.86 -31.79 -11.07
N ARG B 182 -27.89 -32.54 -10.71
CA ARG B 182 -27.71 -33.97 -10.42
C ARG B 182 -27.32 -34.73 -11.69
N THR B 183 -28.03 -34.50 -12.79
CA THR B 183 -27.68 -35.10 -14.07
C THR B 183 -26.40 -34.53 -14.66
N GLU B 184 -25.72 -33.63 -13.93
CA GLU B 184 -24.49 -32.97 -14.34
C GLU B 184 -24.57 -32.44 -15.78
N ALA B 185 -25.74 -31.89 -16.13
CA ALA B 185 -25.82 -31.10 -17.36
C ALA B 185 -25.13 -29.76 -17.19
N LEU B 186 -25.05 -29.26 -15.96
CA LEU B 186 -24.23 -28.12 -15.61
C LEU B 186 -22.98 -28.63 -14.91
N MET B 187 -21.83 -28.45 -15.55
CA MET B 187 -20.59 -29.00 -15.02
C MET B 187 -20.09 -28.17 -13.85
N THR B 188 -19.89 -28.82 -12.70
CA THR B 188 -19.36 -28.15 -11.52
C THR B 188 -18.89 -29.21 -10.54
N ASN B 189 -17.93 -28.81 -9.71
CA ASN B 189 -17.50 -29.61 -8.57
C ASN B 189 -18.27 -29.16 -7.33
N ASP B 190 -18.18 -29.97 -6.28
CA ASP B 190 -18.89 -29.72 -5.03
C ASP B 190 -20.39 -29.68 -5.24
N ARG B 191 -20.93 -30.61 -6.05
CA ARG B 191 -22.35 -30.60 -6.34
C ARG B 191 -23.19 -30.92 -5.11
N LEU B 192 -22.62 -31.62 -4.12
CA LEU B 192 -23.39 -32.00 -2.94
C LEU B 192 -23.79 -30.77 -2.12
N GLU B 193 -22.84 -29.85 -1.90
CA GLU B 193 -23.18 -28.63 -1.19
C GLU B 193 -24.10 -27.74 -2.02
N ALA B 194 -24.00 -27.82 -3.35
CA ALA B 194 -24.94 -27.09 -4.20
C ALA B 194 -26.36 -27.57 -3.98
N MET B 195 -26.56 -28.90 -3.97
CA MET B 195 -27.87 -29.45 -3.68
C MET B 195 -28.34 -29.05 -2.28
N ALA B 196 -27.46 -29.19 -1.30
CA ALA B 196 -27.85 -28.92 0.09
C ALA B 196 -28.01 -27.44 0.38
N ARG B 197 -27.56 -26.55 -0.50
CA ARG B 197 -27.75 -25.12 -0.32
C ARG B 197 -28.90 -24.56 -1.13
N LEU B 198 -29.16 -25.10 -2.34
CA LEU B 198 -30.36 -24.70 -3.06
C LEU B 198 -31.61 -25.12 -2.31
N ARG B 199 -31.62 -26.35 -1.79
CA ARG B 199 -32.57 -26.70 -0.76
C ARG B 199 -32.15 -26.03 0.54
N ASN B 200 -33.11 -25.47 1.27
CA ASN B 200 -32.79 -24.77 2.52
C ASN B 200 -32.48 -25.83 3.58
N GLU B 201 -31.27 -26.38 3.49
CA GLU B 201 -30.84 -27.47 4.36
C GLU B 201 -29.36 -27.24 4.69
N GLU B 202 -28.85 -28.01 5.66
CA GLU B 202 -27.49 -27.86 6.14
C GLU B 202 -26.74 -29.18 5.95
N SER B 203 -25.74 -29.18 5.08
CA SER B 203 -24.87 -30.33 4.93
C SER B 203 -24.03 -30.52 6.20
N GLU B 204 -23.41 -31.69 6.30
CA GLU B 204 -22.66 -32.01 7.51
C GLU B 204 -21.27 -31.38 7.50
N LYS B 205 -20.68 -31.20 6.31
CA LYS B 205 -19.44 -30.44 6.21
C LYS B 205 -19.60 -29.05 6.80
N MET B 206 -20.57 -28.29 6.30
CA MET B 206 -20.81 -26.96 6.83
C MET B 206 -21.36 -27.02 8.25
N ALA B 207 -21.94 -28.16 8.64
CA ALA B 207 -22.44 -28.31 9.99
C ALA B 207 -21.32 -28.46 11.00
N LYS B 208 -20.18 -29.02 10.58
CA LYS B 208 -19.02 -29.11 11.46
C LYS B 208 -18.08 -27.92 11.28
N ASP B 209 -18.18 -27.21 10.15
CA ASP B 209 -17.42 -25.97 9.99
C ASP B 209 -17.79 -24.96 11.06
N THR B 210 -19.06 -24.91 11.44
CA THR B 210 -19.56 -23.96 12.43
C THR B 210 -20.05 -24.66 13.68
N SER B 211 -19.42 -25.77 14.04
CA SER B 211 -19.83 -26.59 15.17
C SER B 211 -19.25 -26.06 16.47
N ASP B 212 -19.82 -26.53 17.58
CA ASP B 212 -19.37 -26.10 18.91
C ASP B 212 -17.93 -26.53 19.15
N GLU B 213 -17.64 -27.82 19.00
CA GLU B 213 -16.31 -28.34 19.26
C GLU B 213 -15.66 -28.82 17.96
N VAL B 214 -14.34 -28.71 17.92
CA VAL B 214 -13.54 -29.15 16.78
C VAL B 214 -12.97 -30.52 17.10
N SER B 215 -13.07 -31.44 16.15
CA SER B 215 -12.56 -32.79 16.33
C SER B 215 -11.24 -32.94 15.58
N LEU B 216 -10.27 -33.55 16.25
CA LEU B 216 -8.94 -33.70 15.68
C LEU B 216 -8.93 -34.78 14.59
N ASN B 217 -7.75 -34.98 14.01
CA ASN B 217 -7.47 -36.01 13.03
C ASN B 217 -6.52 -37.04 13.65
N PRO B 218 -6.36 -38.20 13.01
CA PRO B 218 -5.38 -39.17 13.53
C PRO B 218 -3.98 -38.58 13.71
N THR B 219 -3.48 -37.90 12.67
CA THR B 219 -2.18 -37.23 12.81
C THR B 219 -2.24 -36.11 13.83
N SER B 220 -3.38 -35.43 13.94
CA SER B 220 -3.51 -34.36 14.93
C SER B 220 -3.47 -34.90 16.35
N GLU B 221 -4.11 -36.04 16.60
CA GLU B 221 -4.03 -36.63 17.93
C GLU B 221 -2.65 -37.22 18.21
N LYS B 222 -1.98 -37.76 17.19
CA LYS B 222 -0.60 -38.18 17.36
C LYS B 222 0.29 -37.02 17.77
N LEU B 223 0.18 -35.89 17.06
CA LEU B 223 0.99 -34.72 17.38
C LEU B 223 0.61 -34.14 18.74
N ASN B 224 -0.68 -34.20 19.10
CA ASN B 224 -1.10 -33.66 20.39
C ASN B 224 -0.60 -34.53 21.53
N ASN B 225 -0.53 -35.85 21.32
CA ASN B 225 0.07 -36.72 22.33
C ASN B 225 1.57 -36.46 22.44
N LEU B 226 2.24 -36.21 21.31
CA LEU B 226 3.66 -35.89 21.35
C LEU B 226 3.90 -34.56 22.06
N LEU B 227 2.97 -33.62 21.93
CA LEU B 227 3.14 -32.30 22.54
C LEU B 227 2.82 -32.31 24.03
N GLU B 228 2.03 -33.27 24.50
CA GLU B 228 1.68 -33.37 25.91
C GLU B 228 2.38 -34.54 26.58
N ASN C 130 -61.60 1.11 3.25
CA ASN C 130 -61.10 -0.25 3.14
C ASN C 130 -60.52 -0.51 1.75
N ILE C 131 -61.07 0.18 0.75
CA ILE C 131 -60.56 0.03 -0.61
C ILE C 131 -59.15 0.59 -0.72
N THR C 132 -58.87 1.71 -0.04
CA THR C 132 -57.54 2.29 -0.08
C THR C 132 -56.53 1.42 0.66
N ALA C 133 -56.93 0.85 1.79
CA ALA C 133 -56.03 -0.03 2.53
C ALA C 133 -55.78 -1.34 1.80
N ARG C 134 -56.66 -1.73 0.88
CA ARG C 134 -56.43 -2.90 0.05
C ARG C 134 -55.70 -2.57 -1.24
N LEU C 135 -55.73 -1.30 -1.67
CA LEU C 135 -54.93 -0.87 -2.80
C LEU C 135 -53.51 -0.50 -2.41
N ASP C 136 -53.27 -0.21 -1.15
CA ASP C 136 -51.92 0.10 -0.67
C ASP C 136 -51.08 -1.15 -0.38
N ARG C 137 -51.56 -2.32 -0.77
CA ARG C 137 -50.79 -3.55 -0.72
C ARG C 137 -50.46 -4.10 -2.10
N ILE C 138 -51.36 -3.92 -3.07
CA ILE C 138 -51.04 -4.24 -4.46
C ILE C 138 -49.82 -3.43 -4.90
N ASP C 139 -49.71 -2.18 -4.46
CA ASP C 139 -48.58 -1.36 -4.82
C ASP C 139 -47.28 -1.90 -4.23
N GLU C 140 -47.31 -2.33 -2.96
CA GLU C 140 -46.11 -2.85 -2.33
C GLU C 140 -45.73 -4.23 -2.86
N LYS C 141 -46.69 -4.97 -3.43
CA LYS C 141 -46.32 -6.22 -4.11
C LYS C 141 -45.74 -5.95 -5.50
N LEU C 142 -46.32 -4.98 -6.21
CA LEU C 142 -45.80 -4.62 -7.53
C LEU C 142 -44.39 -4.05 -7.42
N SER C 143 -44.10 -3.31 -6.35
CA SER C 143 -42.76 -2.75 -6.18
C SER C 143 -41.73 -3.86 -5.96
N GLU C 144 -42.10 -4.90 -5.22
CA GLU C 144 -41.18 -6.02 -5.01
C GLU C 144 -40.96 -6.79 -6.32
N ILE C 145 -42.04 -7.01 -7.06
CA ILE C 145 -41.91 -7.63 -8.38
C ILE C 145 -40.98 -6.82 -9.26
N LEU C 146 -41.11 -5.49 -9.20
CA LEU C 146 -40.27 -4.61 -10.01
C LEU C 146 -38.80 -4.70 -9.61
N GLY C 147 -38.53 -4.71 -8.30
CA GLY C 147 -37.15 -4.84 -7.86
C GLY C 147 -36.52 -6.15 -8.32
N MET C 148 -37.24 -7.26 -8.16
CA MET C 148 -36.71 -8.55 -8.57
C MET C 148 -36.47 -8.61 -10.08
N LEU C 149 -37.44 -8.12 -10.86
CA LEU C 149 -37.29 -8.17 -12.32
C LEU C 149 -36.18 -7.26 -12.81
N HIS C 150 -35.96 -6.12 -12.16
CA HIS C 150 -34.86 -5.25 -12.57
C HIS C 150 -33.52 -5.87 -12.22
N THR C 151 -33.40 -6.48 -11.04
CA THR C 151 -32.16 -7.18 -10.72
C THR C 151 -31.89 -8.29 -11.74
N LEU C 152 -32.94 -9.00 -12.17
CA LEU C 152 -32.76 -10.03 -13.19
C LEU C 152 -32.29 -9.43 -14.51
N VAL C 153 -32.93 -8.33 -14.94
CA VAL C 153 -32.53 -7.68 -16.19
C VAL C 153 -31.07 -7.27 -16.14
N VAL C 154 -30.63 -6.73 -14.99
CA VAL C 154 -29.26 -6.25 -14.89
C VAL C 154 -28.28 -7.41 -14.86
N ALA C 155 -28.65 -8.52 -14.19
CA ALA C 155 -27.74 -9.66 -14.11
C ALA C 155 -27.70 -10.47 -15.40
N SER C 156 -28.67 -10.30 -16.30
CA SER C 156 -28.67 -11.08 -17.53
C SER C 156 -27.85 -10.45 -18.65
N ALA C 157 -27.37 -9.21 -18.48
CA ALA C 157 -26.62 -8.51 -19.51
C ALA C 157 -25.12 -8.65 -19.23
N GLY C 158 -24.61 -9.87 -19.43
CA GLY C 158 -23.26 -10.20 -19.04
C GLY C 158 -22.27 -10.18 -20.18
N PRO C 159 -21.18 -10.94 -20.03
CA PRO C 159 -20.11 -10.91 -21.04
C PRO C 159 -20.56 -11.35 -22.42
N THR C 160 -21.55 -12.24 -22.53
CA THR C 160 -22.03 -12.64 -23.85
C THR C 160 -22.83 -11.53 -24.51
N SER C 161 -23.50 -10.68 -23.72
CA SER C 161 -24.22 -9.56 -24.28
C SER C 161 -23.26 -8.49 -24.80
N ALA C 162 -22.17 -8.23 -24.08
CA ALA C 162 -21.15 -7.34 -24.59
C ALA C 162 -20.48 -7.93 -25.83
N ARG C 163 -20.25 -9.25 -25.83
CA ARG C 163 -19.64 -9.89 -27.00
C ARG C 163 -20.54 -9.77 -28.23
N ASP C 164 -21.86 -9.92 -28.04
CA ASP C 164 -22.79 -9.82 -29.15
C ASP C 164 -23.19 -8.37 -29.45
N GLY C 165 -22.96 -7.45 -28.53
CA GLY C 165 -23.23 -6.05 -28.79
C GLY C 165 -24.67 -5.63 -28.56
N ILE C 166 -25.36 -6.23 -27.59
CA ILE C 166 -26.75 -5.92 -27.30
C ILE C 166 -26.92 -5.44 -25.86
N ARG C 167 -25.82 -5.10 -25.19
CA ARG C 167 -25.89 -4.74 -23.78
C ARG C 167 -26.45 -3.33 -23.57
N ASP C 168 -26.28 -2.44 -24.55
CA ASP C 168 -26.79 -1.09 -24.39
C ASP C 168 -28.30 -1.04 -24.65
N ALA C 169 -28.84 -2.05 -25.32
CA ALA C 169 -30.28 -2.17 -25.48
C ALA C 169 -30.96 -2.75 -24.24
N MET C 170 -30.18 -3.11 -23.21
CA MET C 170 -30.76 -3.75 -22.01
C MET C 170 -30.44 -2.96 -20.75
N VAL C 171 -29.63 -1.91 -20.84
CA VAL C 171 -29.17 -1.18 -19.62
C VAL C 171 -29.51 0.29 -19.82
N GLY C 172 -29.62 0.73 -21.07
CA GLY C 172 -30.02 2.11 -21.36
C GLY C 172 -28.90 2.95 -21.90
N LEU C 173 -29.22 4.03 -22.60
CA LEU C 173 -28.22 5.01 -23.10
C LEU C 173 -28.11 6.11 -22.05
N ARG C 174 -26.91 6.48 -21.63
CA ARG C 174 -26.66 7.40 -20.53
C ARG C 174 -26.19 8.74 -21.10
N GLU C 175 -25.76 9.63 -20.20
CA GLU C 175 -25.53 11.02 -20.56
C GLU C 175 -24.43 11.18 -21.60
N GLU C 176 -23.35 10.38 -21.50
CA GLU C 176 -22.19 10.63 -22.35
C GLU C 176 -22.47 10.33 -23.81
N MET C 177 -23.15 9.22 -24.09
CA MET C 177 -23.49 8.91 -25.48
C MET C 177 -24.44 9.93 -26.08
N ILE C 178 -25.42 10.40 -25.30
CA ILE C 178 -26.35 11.40 -25.81
C ILE C 178 -25.64 12.71 -26.05
N GLU C 179 -24.66 13.05 -25.20
CA GLU C 179 -23.88 14.26 -25.43
C GLU C 179 -23.02 14.14 -26.68
N LYS C 180 -22.45 12.95 -26.94
CA LYS C 180 -21.71 12.75 -28.18
C LYS C 180 -22.62 12.88 -29.39
N ILE C 181 -23.83 12.31 -29.31
CA ILE C 181 -24.79 12.43 -30.41
C ILE C 181 -25.16 13.89 -30.64
N ARG C 182 -25.34 14.65 -29.55
CA ARG C 182 -25.67 16.06 -29.68
C ARG C 182 -24.51 16.85 -30.31
N THR C 183 -23.28 16.52 -29.93
CA THR C 183 -22.13 17.22 -30.50
C THR C 183 -21.94 16.89 -31.97
N GLU C 184 -22.26 15.67 -32.38
CA GLU C 184 -22.16 15.31 -33.79
C GLU C 184 -23.40 15.70 -34.58
N ALA C 185 -24.47 16.15 -33.91
CA ALA C 185 -25.68 16.59 -34.59
C ALA C 185 -25.61 18.07 -34.97
N LEU C 186 -25.40 18.94 -33.99
CA LEU C 186 -25.36 20.36 -34.24
C LEU C 186 -23.96 20.80 -34.66
N ASN D 130 -57.55 9.92 -2.71
CA ASN D 130 -58.45 9.51 -3.78
C ASN D 130 -58.07 8.11 -4.29
N ILE D 131 -58.91 7.54 -5.14
CA ILE D 131 -58.70 6.19 -5.65
C ILE D 131 -58.13 6.22 -7.06
N THR D 132 -58.51 7.22 -7.86
CA THR D 132 -58.04 7.29 -9.23
C THR D 132 -56.52 7.41 -9.31
N ALA D 133 -55.92 8.14 -8.38
CA ALA D 133 -54.47 8.23 -8.36
C ALA D 133 -53.82 6.89 -7.98
N ARG D 134 -54.40 6.20 -7.00
CA ARG D 134 -53.88 4.90 -6.60
C ARG D 134 -54.06 3.86 -7.68
N LEU D 135 -54.98 4.06 -8.62
CA LEU D 135 -55.09 3.18 -9.78
C LEU D 135 -54.15 3.59 -10.90
N ASP D 136 -53.90 4.90 -11.04
CA ASP D 136 -52.90 5.36 -12.01
C ASP D 136 -51.52 4.81 -11.67
N ARG D 137 -51.16 4.83 -10.38
CA ARG D 137 -49.87 4.27 -9.97
C ARG D 137 -49.76 2.80 -10.35
N ILE D 138 -50.83 2.03 -10.12
CA ILE D 138 -50.81 0.61 -10.45
C ILE D 138 -50.66 0.42 -11.96
N ASP D 139 -51.34 1.26 -12.75
CA ASP D 139 -51.21 1.16 -14.21
C ASP D 139 -49.77 1.41 -14.65
N GLU D 140 -49.15 2.45 -14.11
CA GLU D 140 -47.74 2.75 -14.45
C GLU D 140 -46.84 1.57 -14.08
N LYS D 141 -47.03 1.02 -12.88
CA LYS D 141 -46.17 -0.08 -12.44
C LYS D 141 -46.37 -1.32 -13.31
N LEU D 142 -47.61 -1.60 -13.71
CA LEU D 142 -47.87 -2.74 -14.57
C LEU D 142 -47.20 -2.56 -15.93
N SER D 143 -47.28 -1.34 -16.49
CA SER D 143 -46.62 -1.10 -17.76
C SER D 143 -45.11 -1.29 -17.64
N GLU D 144 -44.52 -0.84 -16.53
CA GLU D 144 -43.09 -1.03 -16.31
C GLU D 144 -42.73 -2.51 -16.22
N ILE D 145 -43.57 -3.30 -15.55
CA ILE D 145 -43.31 -4.73 -15.41
C ILE D 145 -43.36 -5.42 -16.76
N LEU D 146 -44.39 -5.12 -17.57
CA LEU D 146 -44.44 -5.71 -18.90
C LEU D 146 -43.26 -5.28 -19.77
N GLY D 147 -42.78 -4.04 -19.62
CA GLY D 147 -41.60 -3.63 -20.35
C GLY D 147 -40.37 -4.44 -19.98
N MET D 148 -40.14 -4.61 -18.68
CA MET D 148 -39.02 -5.43 -18.22
C MET D 148 -39.13 -6.86 -18.74
N LEU D 149 -40.34 -7.42 -18.72
CA LEU D 149 -40.53 -8.78 -19.19
C LEU D 149 -40.27 -8.89 -20.70
N HIS D 150 -40.72 -7.91 -21.47
CA HIS D 150 -40.42 -7.90 -22.91
C HIS D 150 -38.91 -7.89 -23.13
N THR D 151 -38.20 -7.03 -22.41
CA THR D 151 -36.74 -7.00 -22.52
C THR D 151 -36.14 -8.38 -22.23
N LEU D 152 -36.53 -8.98 -21.11
CA LEU D 152 -35.94 -10.26 -20.69
C LEU D 152 -36.22 -11.36 -21.70
N VAL D 153 -37.44 -11.41 -22.25
CA VAL D 153 -37.79 -12.50 -23.14
C VAL D 153 -37.19 -12.30 -24.53
N VAL D 154 -37.06 -11.05 -24.98
CA VAL D 154 -36.45 -10.80 -26.29
C VAL D 154 -34.95 -11.09 -26.24
N ALA D 155 -34.28 -10.65 -25.17
CA ALA D 155 -32.83 -10.83 -25.09
C ALA D 155 -32.43 -12.30 -24.94
N SER D 156 -33.34 -13.17 -24.53
CA SER D 156 -33.03 -14.58 -24.28
C SER D 156 -33.17 -15.46 -25.52
N ALA D 157 -33.14 -14.90 -26.72
CA ALA D 157 -33.28 -15.67 -27.94
C ALA D 157 -31.92 -16.20 -28.38
N GLY D 158 -31.81 -17.54 -28.48
CA GLY D 158 -30.58 -18.20 -28.83
C GLY D 158 -30.02 -17.91 -30.20
N PRO D 159 -30.82 -18.06 -31.27
CA PRO D 159 -30.29 -17.82 -32.62
C PRO D 159 -29.67 -16.44 -32.78
N THR D 160 -28.63 -16.38 -33.63
CA THR D 160 -27.90 -15.13 -33.84
C THR D 160 -28.76 -14.09 -34.56
N SER D 161 -29.82 -14.53 -35.25
CA SER D 161 -30.65 -13.60 -36.00
C SER D 161 -31.25 -12.53 -35.09
N ALA D 162 -31.74 -12.94 -33.91
CA ALA D 162 -32.38 -11.98 -33.01
C ALA D 162 -31.38 -10.95 -32.50
N ARG D 163 -30.20 -11.39 -32.07
CA ARG D 163 -29.21 -10.46 -31.54
C ARG D 163 -28.56 -9.62 -32.62
N ASP D 164 -28.60 -10.06 -33.88
CA ASP D 164 -28.17 -9.20 -34.98
C ASP D 164 -29.22 -8.15 -35.28
N GLY D 165 -30.50 -8.54 -35.23
CA GLY D 165 -31.57 -7.58 -35.44
C GLY D 165 -31.56 -6.48 -34.39
N ILE D 166 -31.22 -6.83 -33.14
CA ILE D 166 -31.21 -5.84 -32.07
C ILE D 166 -30.14 -4.78 -32.33
N ARG D 167 -28.92 -5.21 -32.69
CA ARG D 167 -27.87 -4.24 -32.92
C ARG D 167 -28.10 -3.44 -34.21
N ASP D 168 -28.71 -4.05 -35.22
CA ASP D 168 -29.08 -3.27 -36.41
C ASP D 168 -30.14 -2.23 -36.07
N ALA D 169 -31.12 -2.60 -35.24
CA ALA D 169 -32.14 -1.65 -34.84
C ALA D 169 -31.57 -0.53 -33.98
N MET D 170 -30.51 -0.82 -33.25
CA MET D 170 -29.90 0.20 -32.36
C MET D 170 -29.03 1.16 -33.18
N VAL D 171 -28.27 0.63 -34.12
CA VAL D 171 -27.63 1.39 -35.24
C VAL D 171 -28.66 2.36 -35.85
N GLY D 172 -29.77 1.84 -36.34
CA GLY D 172 -30.83 2.72 -36.87
C GLY D 172 -31.22 3.76 -35.85
N LEU D 173 -31.71 3.32 -34.68
CA LEU D 173 -32.19 4.26 -33.64
C LEU D 173 -31.21 5.42 -33.43
N ARG D 174 -29.90 5.16 -33.37
CA ARG D 174 -29.00 6.26 -33.06
C ARG D 174 -29.04 7.34 -34.13
N GLU D 175 -28.93 6.94 -35.39
CA GLU D 175 -28.93 7.89 -36.49
C GLU D 175 -30.33 8.29 -36.93
N GLU D 176 -31.37 7.80 -36.26
CA GLU D 176 -32.68 8.40 -36.35
C GLU D 176 -32.97 9.32 -35.18
N MET D 177 -32.27 9.16 -34.06
CA MET D 177 -32.32 10.13 -32.97
C MET D 177 -31.57 11.39 -33.34
N ILE D 178 -30.45 11.25 -34.03
CA ILE D 178 -29.72 12.42 -34.51
C ILE D 178 -30.59 13.25 -35.43
N GLU D 179 -31.51 12.61 -36.15
CA GLU D 179 -32.42 13.36 -37.02
C GLU D 179 -33.32 14.29 -36.23
N LYS D 180 -34.02 13.74 -35.23
CA LYS D 180 -34.91 14.56 -34.42
C LYS D 180 -34.14 15.61 -33.62
N ILE D 181 -32.89 15.31 -33.25
CA ILE D 181 -32.10 16.31 -32.54
C ILE D 181 -31.71 17.45 -33.46
N ARG D 182 -31.25 17.13 -34.67
CA ARG D 182 -30.83 18.15 -35.63
C ARG D 182 -32.01 18.96 -36.17
N THR D 183 -33.22 18.39 -36.17
CA THR D 183 -34.38 19.12 -36.67
C THR D 183 -34.64 20.37 -35.84
N GLU D 184 -34.85 20.20 -34.54
CA GLU D 184 -35.11 21.32 -33.65
C GLU D 184 -33.84 22.14 -33.41
N ILE E 131 -63.90 1.60 -11.54
CA ILE E 131 -63.82 0.77 -10.35
C ILE E 131 -64.09 -0.69 -10.72
N THR E 132 -64.84 -0.88 -11.81
CA THR E 132 -65.20 -2.20 -12.29
C THR E 132 -64.42 -2.58 -13.54
N ALA E 133 -64.20 -1.64 -14.45
CA ALA E 133 -63.41 -1.92 -15.63
C ALA E 133 -61.91 -1.88 -15.32
N ARG E 134 -61.49 -0.93 -14.48
CA ARG E 134 -60.07 -0.74 -14.21
C ARG E 134 -59.47 -1.98 -13.56
N LEU E 135 -60.18 -2.57 -12.60
CA LEU E 135 -59.69 -3.78 -11.95
C LEU E 135 -59.59 -4.93 -12.95
N ASP E 136 -60.47 -4.96 -13.94
CA ASP E 136 -60.39 -6.01 -14.96
C ASP E 136 -59.21 -5.79 -15.89
N ARG E 137 -58.92 -4.53 -16.24
CA ARG E 137 -57.68 -4.25 -16.96
C ARG E 137 -56.47 -4.73 -16.18
N ILE E 138 -56.45 -4.44 -14.88
CA ILE E 138 -55.37 -4.93 -14.02
C ILE E 138 -55.27 -6.45 -14.08
N ASP E 139 -56.41 -7.13 -14.05
CA ASP E 139 -56.42 -8.59 -14.06
C ASP E 139 -55.90 -9.15 -15.39
N GLU E 140 -56.29 -8.54 -16.50
CA GLU E 140 -55.80 -8.98 -17.80
C GLU E 140 -54.30 -8.76 -17.92
N LYS E 141 -53.80 -7.62 -17.43
CA LYS E 141 -52.37 -7.38 -17.49
C LYS E 141 -51.61 -8.35 -16.60
N LEU E 142 -52.17 -8.71 -15.45
CA LEU E 142 -51.53 -9.71 -14.60
C LEU E 142 -51.51 -11.08 -15.27
N SER E 143 -52.58 -11.42 -16.00
CA SER E 143 -52.61 -12.67 -16.74
C SER E 143 -51.52 -12.71 -17.80
N GLU E 144 -51.38 -11.61 -18.56
CA GLU E 144 -50.34 -11.54 -19.58
C GLU E 144 -48.95 -11.59 -18.95
N ILE E 145 -48.80 -10.98 -17.77
CA ILE E 145 -47.53 -11.02 -17.06
C ILE E 145 -47.18 -12.45 -16.69
N LEU E 146 -48.14 -13.20 -16.15
CA LEU E 146 -47.90 -14.60 -15.81
C LEU E 146 -47.55 -15.42 -17.05
N GLY E 147 -48.24 -15.15 -18.16
CA GLY E 147 -47.91 -15.86 -19.39
C GLY E 147 -46.48 -15.63 -19.83
N MET E 148 -46.06 -14.37 -19.90
CA MET E 148 -44.70 -14.07 -20.32
C MET E 148 -43.66 -14.58 -19.32
N LEU E 149 -44.01 -14.60 -18.03
CA LEU E 149 -43.06 -15.06 -17.04
C LEU E 149 -42.86 -16.58 -17.13
N HIS E 150 -43.93 -17.32 -17.39
CA HIS E 150 -43.79 -18.75 -17.69
C HIS E 150 -42.93 -18.95 -18.93
N THR E 151 -43.25 -18.23 -20.00
CA THR E 151 -42.49 -18.34 -21.25
C THR E 151 -41.01 -18.09 -21.00
N LEU E 152 -40.68 -17.14 -20.14
CA LEU E 152 -39.29 -16.85 -19.82
C LEU E 152 -38.66 -18.00 -19.03
N VAL E 153 -39.27 -18.37 -17.90
CA VAL E 153 -38.61 -19.28 -16.97
C VAL E 153 -38.67 -20.74 -17.39
N VAL E 154 -39.35 -21.07 -18.50
CA VAL E 154 -39.28 -22.42 -19.04
C VAL E 154 -38.44 -22.51 -20.31
N ALA E 155 -37.93 -21.38 -20.83
CA ALA E 155 -37.19 -21.35 -22.07
C ALA E 155 -35.68 -21.27 -21.85
N SER E 156 -35.16 -21.95 -20.83
CA SER E 156 -33.73 -21.96 -20.51
C SER E 156 -32.85 -22.14 -21.74
N ALA E 157 -33.27 -22.97 -22.67
CA ALA E 157 -32.52 -23.20 -23.91
C ALA E 157 -33.19 -22.50 -25.09
N ARG E 174 -39.27 -7.18 -30.58
CA ARG E 174 -38.14 -6.31 -30.31
C ARG E 174 -38.57 -4.84 -30.32
N GLU E 175 -39.75 -4.57 -30.87
CA GLU E 175 -40.15 -3.20 -31.12
C GLU E 175 -40.59 -2.48 -29.84
N GLU E 176 -41.21 -3.20 -28.89
CA GLU E 176 -41.58 -2.58 -27.63
C GLU E 176 -40.35 -2.12 -26.86
N MET E 177 -39.32 -2.97 -26.84
CA MET E 177 -38.07 -2.65 -26.16
C MET E 177 -37.40 -1.43 -26.78
N ILE E 178 -37.37 -1.36 -28.11
CA ILE E 178 -36.77 -0.21 -28.79
C ILE E 178 -37.60 1.04 -28.55
N GLU E 179 -38.93 0.91 -28.48
CA GLU E 179 -39.77 2.06 -28.16
C GLU E 179 -39.42 2.62 -26.80
N LYS E 180 -39.30 1.75 -25.79
CA LYS E 180 -38.97 2.22 -24.44
C LYS E 180 -37.58 2.86 -24.40
N ILE E 181 -36.60 2.21 -25.06
CA ILE E 181 -35.25 2.76 -25.11
C ILE E 181 -35.28 4.16 -25.71
N ARG E 182 -35.96 4.31 -26.86
CA ARG E 182 -36.02 5.61 -27.52
C ARG E 182 -36.71 6.65 -26.66
N THR E 183 -37.81 6.28 -26.01
CA THR E 183 -38.55 7.23 -25.20
C THR E 183 -37.68 7.76 -24.06
N GLU E 184 -37.01 6.86 -23.34
CA GLU E 184 -36.22 7.32 -22.20
C GLU E 184 -34.94 8.02 -22.65
N ALA E 185 -34.36 7.63 -23.79
CA ALA E 185 -33.22 8.38 -24.31
C ALA E 185 -33.62 9.79 -24.71
N LEU E 186 -34.81 9.95 -25.28
CA LEU E 186 -35.31 11.29 -25.61
C LEU E 186 -35.56 12.09 -24.34
N MET E 187 -36.08 11.44 -23.29
CA MET E 187 -36.35 12.19 -22.06
C MET E 187 -35.05 12.56 -21.34
N THR E 188 -33.97 11.81 -21.55
CA THR E 188 -32.67 12.22 -21.03
C THR E 188 -32.06 13.35 -21.87
N ASN E 189 -32.19 13.26 -23.18
CA ASN E 189 -31.76 14.35 -24.05
C ASN E 189 -32.51 15.64 -23.72
N ASP E 190 -33.76 15.52 -23.28
CA ASP E 190 -34.51 16.72 -22.87
C ASP E 190 -33.88 17.36 -21.63
N ARG E 191 -33.48 16.55 -20.65
CA ARG E 191 -32.80 17.09 -19.48
C ARG E 191 -31.48 17.74 -19.88
N LEU E 192 -30.78 17.15 -20.84
CA LEU E 192 -29.54 17.78 -21.32
C LEU E 192 -29.82 19.10 -22.02
N GLU E 193 -30.88 19.15 -22.84
CA GLU E 193 -31.21 20.36 -23.58
C GLU E 193 -31.67 21.48 -22.66
N ALA E 194 -32.35 21.16 -21.56
CA ALA E 194 -32.72 22.21 -20.61
C ALA E 194 -31.50 22.95 -20.10
N MET E 195 -30.46 22.21 -19.72
CA MET E 195 -29.23 22.86 -19.26
C MET E 195 -28.50 23.56 -20.40
N ALA E 196 -28.47 22.94 -21.57
CA ALA E 196 -27.80 23.56 -22.72
C ALA E 196 -28.45 24.88 -23.10
N ARG E 197 -29.76 24.99 -22.95
CA ARG E 197 -30.46 26.24 -23.26
C ARG E 197 -30.41 27.22 -22.10
N LEU E 198 -30.22 26.73 -20.88
CA LEU E 198 -30.16 27.62 -19.72
C LEU E 198 -28.93 28.51 -19.76
N ARG E 199 -27.94 28.17 -20.58
CA ARG E 199 -26.77 29.01 -20.79
C ARG E 199 -27.13 30.28 -21.55
#